data_8GTB
#
_entry.id   8GTB
#
_cell.length_a   1.00
_cell.length_b   1.00
_cell.length_c   1.00
_cell.angle_alpha   90.00
_cell.angle_beta   90.00
_cell.angle_gamma   90.00
#
_symmetry.space_group_name_H-M   'P 1'
#
_entity_poly.entity_id   1
_entity_poly.type   'polypeptide(L)'
_entity_poly.pdbx_seq_one_letter_code
;MLKGKDGVVKNASTGDSIGHLQSWALDTQRDEVSGWGMGDDAERAFTTVGRASGNFEVYLDPADPSDDLEPGDLVDLELY
PGGESTGSGYRSVAGALILSTAESASKDGIPMLTVNWRTSGALPQKATVS
;
_entity_poly.pdbx_strand_id   B,A,C,D,E,F,I,G,K,M,O,Q,J,H,L,N,P,R
#
# COMPACT_ATOMS: atom_id res chain seq x y z
N MET A 1 20.79 22.87 14.32
CA MET A 1 21.23 21.92 13.32
C MET A 1 22.35 21.04 13.87
N LEU A 2 21.96 19.95 14.52
CA LEU A 2 22.96 19.03 15.06
C LEU A 2 23.57 18.21 13.94
N LYS A 3 24.79 17.72 14.19
CA LYS A 3 25.56 17.06 13.14
C LYS A 3 24.84 15.83 12.60
N GLY A 4 24.30 15.01 13.48
CA GLY A 4 23.61 13.81 13.06
C GLY A 4 24.48 12.58 12.94
N LYS A 5 25.75 12.74 12.59
CA LYS A 5 26.69 11.63 12.53
C LYS A 5 27.42 11.41 13.85
N ASP A 6 27.09 12.18 14.88
CA ASP A 6 27.71 12.05 16.18
C ASP A 6 26.78 11.38 17.19
N GLY A 7 25.58 11.01 16.78
CA GLY A 7 24.61 10.43 17.68
C GLY A 7 25.15 9.23 18.42
N VAL A 8 24.94 9.20 19.73
CA VAL A 8 25.44 8.15 20.59
C VAL A 8 24.27 7.61 21.39
N VAL A 9 24.16 6.29 21.47
CA VAL A 9 23.17 5.62 22.30
C VAL A 9 23.94 4.83 23.36
N LYS A 10 23.38 4.75 24.56
CA LYS A 10 24.04 4.05 25.65
C LYS A 10 23.04 3.17 26.37
N ASN A 11 23.53 2.05 26.89
CA ASN A 11 22.82 1.29 27.89
C ASN A 11 23.17 1.89 29.25
N ALA A 12 22.25 2.64 29.83
CA ALA A 12 22.58 3.42 31.02
C ALA A 12 22.89 2.50 32.20
N SER A 13 22.26 1.33 32.26
CA SER A 13 22.47 0.45 33.40
C SER A 13 23.91 -0.01 33.49
N THR A 14 24.50 -0.44 32.38
CA THR A 14 25.85 -0.97 32.36
C THR A 14 26.88 0.03 31.86
N GLY A 15 26.45 1.10 31.19
CA GLY A 15 27.40 2.10 30.72
C GLY A 15 28.29 1.62 29.59
N ASP A 16 27.72 1.44 28.40
CA ASP A 16 28.45 0.95 27.25
C ASP A 16 27.73 1.35 25.97
N SER A 17 28.43 2.08 25.10
CA SER A 17 27.85 2.47 23.83
C SER A 17 27.38 1.25 23.05
N ILE A 18 26.50 1.47 22.07
CA ILE A 18 25.90 0.34 21.36
C ILE A 18 26.90 -0.29 20.40
N GLY A 19 27.35 0.46 19.42
CA GLY A 19 28.26 -0.07 18.43
C GLY A 19 28.05 0.61 17.10
N HIS A 20 28.20 -0.17 16.04
CA HIS A 20 28.09 0.38 14.69
C HIS A 20 26.64 0.75 14.46
N LEU A 21 26.32 2.01 14.66
CA LEU A 21 24.94 2.46 14.57
C LEU A 21 24.66 2.93 13.15
N GLN A 22 23.39 2.88 12.75
CA GLN A 22 23.03 3.34 11.41
C GLN A 22 21.97 4.43 11.46
N SER A 23 21.02 4.30 12.38
CA SER A 23 19.96 5.28 12.52
C SER A 23 19.19 4.98 13.78
N TRP A 24 18.65 6.03 14.40
CA TRP A 24 17.78 5.87 15.53
C TRP A 24 16.47 6.60 15.26
N ALA A 25 15.53 6.45 16.17
CA ALA A 25 14.24 7.09 16.03
C ALA A 25 13.53 7.07 17.37
N LEU A 26 12.60 7.99 17.55
CA LEU A 26 11.88 8.10 18.79
C LEU A 26 10.51 8.66 18.47
N ASP A 27 9.59 8.56 19.43
CA ASP A 27 8.24 9.02 19.21
C ASP A 27 7.54 9.24 20.54
N THR A 28 6.50 10.06 20.52
CA THR A 28 5.65 10.28 21.68
C THR A 28 4.24 10.51 21.18
N GLN A 29 3.26 9.97 21.88
CA GLN A 29 1.87 10.13 21.46
C GLN A 29 1.01 10.38 22.69
N ARG A 30 -0.19 10.88 22.45
CA ARG A 30 -1.26 10.89 23.43
C ARG A 30 -2.55 10.64 22.69
N ASP A 31 -3.41 9.81 23.26
CA ASP A 31 -4.68 9.51 22.61
C ASP A 31 -5.59 10.73 22.66
N GLU A 32 -6.50 10.81 21.70
CA GLU A 32 -7.45 11.92 21.63
C GLU A 32 -8.85 11.41 21.87
N VAL A 33 -9.75 12.31 22.24
CA VAL A 33 -11.15 12.01 22.49
C VAL A 33 -11.96 13.19 22.02
N SER A 34 -12.92 12.95 21.13
CA SER A 34 -13.70 14.02 20.52
C SER A 34 -15.18 13.83 20.79
N GLY A 35 -15.88 14.95 20.99
CA GLY A 35 -17.30 14.90 21.22
C GLY A 35 -18.01 16.17 20.76
N TRP A 36 -19.30 16.06 20.48
CA TRP A 36 -20.09 17.20 20.06
C TRP A 36 -21.56 16.88 20.22
N GLY A 37 -22.39 17.92 20.28
CA GLY A 37 -23.81 17.76 20.50
C GLY A 37 -24.61 18.18 19.28
N MET A 38 -25.91 17.90 19.35
CA MET A 38 -26.81 18.31 18.29
C MET A 38 -26.95 19.83 18.28
N GLY A 39 -26.33 20.48 17.31
CA GLY A 39 -26.38 21.92 17.20
C GLY A 39 -25.08 22.64 17.46
N ASP A 40 -23.94 21.97 17.29
CA ASP A 40 -22.63 22.58 17.51
C ASP A 40 -21.93 22.78 16.17
N ASP A 41 -21.02 23.74 16.12
CA ASP A 41 -20.32 24.02 14.87
C ASP A 41 -19.03 23.22 14.77
N ALA A 42 -18.20 23.26 15.82
CA ALA A 42 -16.95 22.53 15.84
C ALA A 42 -16.99 21.48 16.94
N GLU A 43 -16.08 20.54 16.88
CA GLU A 43 -16.03 19.43 17.82
C GLU A 43 -14.84 19.62 18.75
N ARG A 44 -15.02 19.26 20.02
CA ARG A 44 -14.00 19.45 21.02
C ARG A 44 -13.14 18.20 21.18
N ALA A 45 -12.00 18.35 21.84
CA ALA A 45 -11.07 17.25 22.02
C ALA A 45 -10.25 17.44 23.27
N PHE A 46 -9.53 16.38 23.65
CA PHE A 46 -8.53 16.43 24.70
C PHE A 46 -7.69 15.15 24.65
N THR A 47 -6.60 15.16 25.39
CA THR A 47 -5.62 14.08 25.37
C THR A 47 -5.65 13.33 26.69
N THR A 48 -5.70 11.99 26.62
CA THR A 48 -5.88 11.16 27.79
C THR A 48 -4.56 10.64 28.38
N VAL A 49 -3.83 9.80 27.65
CA VAL A 49 -2.68 9.10 28.18
C VAL A 49 -1.61 9.01 27.11
N GLY A 50 -0.36 8.88 27.54
CA GLY A 50 0.78 9.01 26.67
C GLY A 50 1.60 7.75 26.57
N ARG A 51 2.44 7.69 25.53
CA ARG A 51 3.31 6.55 25.29
C ARG A 51 4.65 7.04 24.76
N ALA A 52 5.49 6.09 24.39
CA ALA A 52 6.74 6.39 23.70
C ALA A 52 7.21 5.11 23.02
N SER A 53 7.93 5.28 21.92
CA SER A 53 8.41 4.13 21.16
C SER A 53 9.51 4.59 20.24
N GLY A 54 10.28 3.62 19.75
CA GLY A 54 11.38 3.94 18.85
C GLY A 54 12.14 2.69 18.50
N ASN A 55 13.23 2.88 17.78
CA ASN A 55 14.05 1.76 17.36
C ASN A 55 15.43 2.26 17.01
N PHE A 56 16.27 1.35 16.52
CA PHE A 56 17.57 1.70 15.97
C PHE A 56 18.12 0.49 15.23
N GLU A 57 19.01 0.75 14.27
CA GLU A 57 19.53 -0.27 13.38
C GLU A 57 21.04 -0.25 13.44
N VAL A 58 21.64 -1.42 13.68
CA VAL A 58 23.09 -1.53 13.84
C VAL A 58 23.61 -2.60 12.90
N TYR A 59 24.93 -2.58 12.68
CA TYR A 59 25.56 -3.71 12.01
C TYR A 59 25.68 -4.87 12.98
N LEU A 60 25.39 -6.06 12.47
CA LEU A 60 25.35 -7.26 13.31
C LEU A 60 26.77 -7.67 13.64
N ASP A 61 27.11 -7.66 14.92
CA ASP A 61 28.40 -8.16 15.38
C ASP A 61 28.17 -8.88 16.70
N PRO A 62 28.57 -10.14 16.82
CA PRO A 62 28.30 -10.88 18.06
C PRO A 62 29.07 -10.34 19.26
N ALA A 63 30.23 -9.72 19.04
CA ALA A 63 31.04 -9.22 20.13
C ALA A 63 30.76 -7.73 20.36
N ASP A 64 29.57 -7.46 20.88
CA ASP A 64 29.13 -6.10 21.11
C ASP A 64 28.12 -6.11 22.24
N PRO A 65 27.89 -4.95 22.87
CA PRO A 65 26.74 -4.86 23.79
C PRO A 65 25.42 -4.86 23.07
N SER A 66 25.42 -4.69 21.75
CA SER A 66 24.19 -4.79 20.98
C SER A 66 23.68 -6.22 20.96
N ASP A 67 24.56 -7.19 21.20
CA ASP A 67 24.19 -8.58 21.09
C ASP A 67 23.37 -9.04 22.28
N ASP A 68 23.56 -8.40 23.43
CA ASP A 68 22.92 -8.87 24.66
C ASP A 68 21.46 -8.48 24.72
N LEU A 69 21.03 -7.59 23.82
CA LEU A 69 19.63 -7.19 23.80
C LEU A 69 18.76 -8.35 23.34
N GLU A 70 17.79 -8.72 24.19
CA GLU A 70 16.85 -9.79 23.88
C GLU A 70 15.44 -9.30 24.11
N PRO A 71 14.48 -9.76 23.30
CA PRO A 71 13.10 -9.34 23.50
C PRO A 71 12.61 -9.69 24.89
N GLY A 72 12.01 -8.70 25.54
CA GLY A 72 11.53 -8.86 26.89
C GLY A 72 12.41 -8.25 27.96
N ASP A 73 13.63 -7.86 27.63
CA ASP A 73 14.51 -7.27 28.61
C ASP A 73 14.06 -5.85 28.95
N LEU A 74 14.35 -5.44 30.18
CA LEU A 74 14.15 -4.06 30.61
C LEU A 74 15.50 -3.37 30.71
N VAL A 75 15.65 -2.26 30.01
CA VAL A 75 16.93 -1.58 29.91
C VAL A 75 16.71 -0.08 30.04
N ASP A 76 17.68 0.60 30.63
CA ASP A 76 17.66 2.05 30.78
C ASP A 76 18.50 2.65 29.68
N LEU A 77 17.87 3.45 28.83
CA LEU A 77 18.50 3.99 27.63
C LEU A 77 18.82 5.45 27.82
N GLU A 78 19.77 5.95 27.02
CA GLU A 78 20.06 7.36 26.90
C GLU A 78 20.43 7.65 25.46
N LEU A 79 19.75 8.61 24.85
CA LEU A 79 19.99 8.95 23.46
C LEU A 79 20.65 10.32 23.39
N TYR A 80 21.82 10.38 22.78
CA TYR A 80 22.51 11.64 22.59
C TYR A 80 22.38 12.04 21.13
N PRO A 81 21.42 12.88 20.76
CA PRO A 81 21.27 13.21 19.34
C PRO A 81 22.47 13.93 18.76
N GLY A 82 23.14 14.76 19.56
CA GLY A 82 24.26 15.54 19.09
C GLY A 82 25.59 15.22 19.71
N GLY A 83 25.77 14.03 20.29
CA GLY A 83 27.02 13.66 20.91
C GLY A 83 26.97 13.85 22.41
N GLU A 84 28.13 13.62 23.02
CA GLU A 84 28.26 13.68 24.47
C GLU A 84 28.96 14.95 24.93
N SER A 85 29.23 15.88 24.03
CA SER A 85 29.86 17.14 24.43
C SER A 85 28.95 17.89 25.38
N THR A 86 29.56 18.61 26.33
CA THR A 86 28.81 19.27 27.37
C THR A 86 27.81 20.26 26.79
N GLY A 87 26.64 20.34 27.42
CA GLY A 87 25.58 21.21 26.95
C GLY A 87 24.73 20.62 25.85
N SER A 88 24.91 19.35 25.52
CA SER A 88 24.12 18.70 24.48
C SER A 88 22.97 17.93 25.12
N GLY A 89 21.75 18.28 24.73
CA GLY A 89 20.60 17.62 25.31
C GLY A 89 20.58 16.14 24.98
N TYR A 90 20.05 15.35 25.90
CA TYR A 90 19.93 13.92 25.73
C TYR A 90 18.63 13.44 26.35
N ARG A 91 17.88 12.64 25.60
CA ARG A 91 16.64 12.07 26.09
C ARG A 91 16.94 10.75 26.77
N SER A 92 16.67 10.67 28.07
CA SER A 92 16.92 9.46 28.85
C SER A 92 15.58 8.80 29.14
N VAL A 93 15.48 7.52 28.80
CA VAL A 93 14.26 6.74 29.01
C VAL A 93 14.53 5.69 30.06
N ALA A 94 13.68 5.66 31.09
CA ALA A 94 13.81 4.69 32.16
C ALA A 94 12.81 3.56 31.94
N GLY A 95 13.26 2.33 32.19
CA GLY A 95 12.38 1.19 32.02
C GLY A 95 11.98 0.92 30.59
N ALA A 96 12.89 1.12 29.65
CA ALA A 96 12.59 0.83 28.25
C ALA A 96 12.41 -0.68 28.07
N LEU A 97 11.38 -1.06 27.34
CA LEU A 97 11.01 -2.44 27.13
C LEU A 97 11.32 -2.82 25.70
N ILE A 98 12.24 -3.75 25.51
CA ILE A 98 12.67 -4.17 24.18
C ILE A 98 11.64 -5.19 23.69
N LEU A 99 11.12 -4.96 22.48
CA LEU A 99 9.92 -5.67 22.07
C LEU A 99 10.22 -6.71 21.00
N SER A 100 11.14 -6.42 20.09
CA SER A 100 11.41 -7.33 18.99
C SER A 100 12.74 -6.98 18.33
N THR A 101 13.38 -7.98 17.74
CA THR A 101 14.60 -7.80 16.99
C THR A 101 14.44 -8.49 15.65
N ALA A 102 15.20 -8.05 14.65
CA ALA A 102 15.06 -8.59 13.30
C ALA A 102 16.39 -8.52 12.57
N GLU A 103 17.08 -9.66 12.49
CA GLU A 103 18.37 -9.74 11.82
C GLU A 103 18.16 -10.18 10.38
N SER A 104 19.01 -9.70 9.48
CA SER A 104 18.87 -10.04 8.08
C SER A 104 20.19 -9.77 7.36
N ALA A 105 20.26 -10.21 6.11
CA ALA A 105 21.47 -10.08 5.32
C ALA A 105 21.13 -10.27 3.86
N SER A 106 22.10 -10.00 3.01
CA SER A 106 21.96 -10.19 1.57
C SER A 106 23.26 -10.74 1.03
N LYS A 107 23.26 -11.07 -0.26
CA LYS A 107 24.47 -11.66 -0.84
C LYS A 107 25.51 -10.60 -1.15
N ASP A 108 25.11 -9.34 -1.12
CA ASP A 108 26.04 -8.24 -1.33
C ASP A 108 25.86 -7.12 -0.31
N GLY A 109 25.69 -7.46 0.96
CA GLY A 109 25.49 -6.45 1.98
C GLY A 109 26.14 -6.89 3.28
N ILE A 110 25.83 -6.13 4.33
CA ILE A 110 26.36 -6.41 5.66
C ILE A 110 25.20 -6.86 6.55
N PRO A 111 25.37 -7.90 7.35
CA PRO A 111 24.28 -8.35 8.21
C PRO A 111 23.86 -7.25 9.16
N MET A 112 22.58 -6.89 9.12
CA MET A 112 22.07 -5.79 9.91
C MET A 112 21.11 -6.30 10.96
N LEU A 113 20.95 -5.51 12.02
CA LEU A 113 20.11 -5.85 13.15
C LEU A 113 19.25 -4.65 13.50
N THR A 114 17.96 -4.88 13.66
CA THR A 114 17.03 -3.81 13.99
C THR A 114 16.37 -4.13 15.32
N VAL A 115 16.69 -3.35 16.34
CA VAL A 115 16.07 -3.48 17.66
C VAL A 115 14.89 -2.52 17.69
N ASN A 116 13.81 -2.94 18.32
CA ASN A 116 12.58 -2.18 18.37
C ASN A 116 12.02 -2.24 19.78
N TRP A 117 11.86 -1.10 20.41
CA TRP A 117 11.56 -1.05 21.83
C TRP A 117 10.29 -0.26 22.09
N ARG A 118 10.04 0.02 23.36
CA ARG A 118 8.83 0.65 23.84
C ARG A 118 9.10 1.18 25.24
N THR A 119 8.16 1.94 25.78
CA THR A 119 8.28 2.42 27.15
C THR A 119 7.21 1.78 28.01
N SER A 120 7.51 1.60 29.29
CA SER A 120 6.65 0.89 30.22
C SER A 120 6.61 1.62 31.56
N GLY A 121 5.61 2.47 31.74
CA GLY A 121 5.40 3.14 33.00
C GLY A 121 5.98 4.53 33.11
N ALA A 122 7.00 4.86 32.32
CA ALA A 122 7.64 6.16 32.41
C ALA A 122 7.74 6.77 31.03
N LEU A 123 8.05 8.07 30.99
CA LEU A 123 8.14 8.77 29.73
C LEU A 123 9.52 9.38 29.55
N PRO A 124 9.95 9.63 28.32
CA PRO A 124 11.30 10.16 28.10
C PRO A 124 11.51 11.48 28.82
N GLN A 125 12.56 11.53 29.62
CA GLN A 125 12.89 12.71 30.42
C GLN A 125 14.02 13.46 29.75
N LYS A 126 13.72 14.62 29.15
CA LYS A 126 14.75 15.44 28.55
C LYS A 126 15.67 15.98 29.63
N ALA A 127 16.89 16.35 29.23
CA ALA A 127 17.87 16.88 30.16
C ALA A 127 18.98 17.54 29.36
N THR A 128 19.95 18.07 30.07
CA THR A 128 21.12 18.71 29.47
C THR A 128 22.39 18.20 30.14
N VAL A 129 23.26 17.57 29.35
CA VAL A 129 24.49 17.03 29.91
C VAL A 129 25.33 18.16 30.48
N SER A 130 26.10 17.84 31.51
CA SER A 130 26.96 18.82 32.16
C SER A 130 28.23 19.03 31.35
N MET B 1 31.15 -5.64 11.96
CA MET B 1 30.85 -5.61 10.54
C MET B 1 31.23 -6.93 9.88
N LEU B 2 30.30 -7.87 9.89
CA LEU B 2 30.55 -9.16 9.26
C LEU B 2 30.46 -9.02 7.75
N LYS B 3 31.13 -9.94 7.05
CA LYS B 3 31.26 -9.82 5.61
C LYS B 3 29.91 -9.86 4.92
N GLY B 4 29.04 -10.77 5.32
CA GLY B 4 27.74 -10.88 4.70
C GLY B 4 27.66 -11.80 3.51
N LYS B 5 28.74 -11.93 2.75
CA LYS B 5 28.78 -12.86 1.63
C LYS B 5 29.32 -14.22 2.04
N ASP B 6 29.60 -14.42 3.32
CA ASP B 6 30.09 -15.70 3.83
C ASP B 6 29.02 -16.46 4.57
N GLY B 7 27.82 -15.92 4.70
CA GLY B 7 26.76 -16.55 5.44
C GLY B 7 26.50 -17.97 5.02
N VAL B 8 26.41 -18.87 5.98
CA VAL B 8 26.21 -20.29 5.73
C VAL B 8 25.01 -20.75 6.55
N VAL B 9 24.12 -21.51 5.92
CA VAL B 9 23.00 -22.12 6.59
C VAL B 9 23.18 -23.63 6.50
N LYS B 10 22.77 -24.35 7.53
CA LYS B 10 22.93 -25.79 7.55
C LYS B 10 21.66 -26.45 8.05
N ASN B 11 21.40 -27.64 7.53
CA ASN B 11 20.44 -28.54 8.13
C ASN B 11 21.17 -29.35 9.20
N ALA B 12 20.95 -28.99 10.47
CA ALA B 12 21.76 -29.56 11.53
C ALA B 12 21.53 -31.06 11.67
N SER B 13 20.33 -31.53 11.36
CA SER B 13 20.02 -32.94 11.54
C SER B 13 20.88 -33.82 10.64
N THR B 14 21.01 -33.44 9.36
CA THR B 14 21.75 -34.25 8.40
C THR B 14 23.13 -33.69 8.11
N GLY B 15 23.40 -32.44 8.46
CA GLY B 15 24.74 -31.89 8.23
C GLY B 15 25.06 -31.65 6.78
N ASP B 16 24.42 -30.67 6.16
CA ASP B 16 24.62 -30.37 4.75
C ASP B 16 24.21 -28.94 4.47
N SER B 17 25.15 -28.15 3.94
CA SER B 17 24.84 -26.76 3.59
C SER B 17 23.68 -26.70 2.61
N ILE B 18 23.05 -25.54 2.51
CA ILE B 18 21.85 -25.43 1.70
C ILE B 18 22.17 -25.44 0.21
N GLY B 19 22.92 -24.46 -0.25
CA GLY B 19 23.24 -24.38 -1.66
C GLY B 19 23.41 -22.94 -2.07
N HIS B 20 22.98 -22.65 -3.29
CA HIS B 20 23.14 -21.31 -3.85
C HIS B 20 22.21 -20.38 -3.08
N LEU B 21 22.74 -19.70 -2.08
CA LEU B 21 21.92 -18.86 -1.23
C LEU B 21 21.89 -17.44 -1.79
N GLN B 22 20.85 -16.70 -1.46
CA GLN B 22 20.75 -15.33 -1.94
C GLN B 22 20.60 -14.36 -0.77
N SER B 23 19.82 -14.75 0.24
CA SER B 23 19.60 -13.90 1.40
C SER B 23 18.90 -14.71 2.46
N TRP B 24 19.15 -14.37 3.72
CA TRP B 24 18.44 -14.98 4.83
C TRP B 24 17.84 -13.87 5.67
N ALA B 25 17.07 -14.28 6.67
CA ALA B 25 16.44 -13.32 7.56
C ALA B 25 15.96 -14.06 8.79
N LEU B 26 15.80 -13.32 9.88
CA LEU B 26 15.39 -13.91 11.15
C LEU B 26 14.63 -12.84 11.91
N ASP B 27 13.91 -13.26 12.94
CA ASP B 27 13.10 -12.33 13.71
C ASP B 27 12.79 -12.93 15.07
N THR B 28 12.47 -12.06 16.02
CA THR B 28 12.01 -12.48 17.33
C THR B 28 11.02 -11.44 17.82
N GLN B 29 9.96 -11.89 18.48
CA GLN B 29 8.93 -10.98 18.97
C GLN B 29 8.50 -11.41 20.35
N ARG B 30 7.85 -10.50 21.05
CA ARG B 30 7.08 -10.83 22.24
C ARG B 30 5.85 -9.93 22.24
N ASP B 31 4.70 -10.50 22.58
CA ASP B 31 3.48 -9.71 22.59
C ASP B 31 3.51 -8.72 23.75
N GLU B 32 2.79 -7.62 23.59
CA GLU B 32 2.71 -6.60 24.63
C GLU B 32 1.30 -6.54 25.19
N VAL B 33 1.19 -5.96 26.39
CA VAL B 33 -0.09 -5.79 27.08
C VAL B 33 -0.04 -4.47 27.81
N SER B 34 -1.01 -3.60 27.55
CA SER B 34 -0.99 -2.25 28.11
C SER B 34 -2.26 -2.00 28.92
N GLY B 35 -2.11 -1.26 30.01
CA GLY B 35 -3.25 -0.92 30.84
C GLY B 35 -3.06 0.39 31.57
N TRP B 36 -4.16 1.03 31.95
CA TRP B 36 -4.11 2.28 32.69
C TRP B 36 -5.46 2.53 33.34
N GLY B 37 -5.46 3.38 34.37
CA GLY B 37 -6.66 3.66 35.12
C GLY B 37 -7.12 5.10 34.93
N MET B 38 -8.30 5.38 35.46
CA MET B 38 -8.84 6.73 35.40
C MET B 38 -8.02 7.63 36.31
N GLY B 39 -7.19 8.48 35.71
CA GLY B 39 -6.36 9.39 36.46
C GLY B 39 -4.87 9.12 36.39
N ASP B 40 -4.41 8.44 35.36
CA ASP B 40 -2.99 8.13 35.20
C ASP B 40 -2.41 8.96 34.06
N ASP B 41 -1.10 9.21 34.13
CA ASP B 41 -0.47 10.02 33.09
C ASP B 41 0.05 9.16 31.95
N ALA B 42 0.80 8.10 32.27
CA ALA B 42 1.34 7.20 31.27
C ALA B 42 0.74 5.82 31.45
N GLU B 43 0.88 4.98 30.43
CA GLU B 43 0.30 3.65 30.43
C GLU B 43 1.41 2.63 30.58
N ARG B 44 1.14 1.56 31.32
CA ARG B 44 2.13 0.54 31.60
C ARG B 44 2.05 -0.59 30.60
N ALA B 45 3.09 -1.43 30.57
CA ALA B 45 3.14 -2.52 29.61
C ALA B 45 4.00 -3.65 30.17
N PHE B 46 3.93 -4.80 29.48
CA PHE B 46 4.84 -5.91 29.73
C PHE B 46 4.70 -6.91 28.58
N THR B 47 5.62 -7.87 28.54
CA THR B 47 5.72 -8.82 27.45
C THR B 47 5.33 -10.21 27.93
N THR B 48 4.47 -10.88 27.17
CA THR B 48 3.90 -12.16 27.58
C THR B 48 4.64 -13.37 27.06
N VAL B 49 4.67 -13.57 25.73
CA VAL B 49 5.18 -14.80 25.14
C VAL B 49 5.90 -14.46 23.85
N GLY B 50 6.82 -15.33 23.46
CA GLY B 50 7.75 -15.03 22.37
C GLY B 50 7.62 -15.97 21.21
N ARG B 51 8.16 -15.56 20.07
CA ARG B 51 8.13 -16.34 18.84
C ARG B 51 9.45 -16.19 18.12
N ALA B 52 9.51 -16.77 16.91
CA ALA B 52 10.62 -16.56 16.01
C ALA B 52 10.17 -16.95 14.62
N SER B 53 10.76 -16.33 13.61
CA SER B 53 10.38 -16.58 12.23
C SER B 53 11.48 -16.06 11.32
N GLY B 54 11.45 -16.53 10.08
CA GLY B 54 12.44 -16.10 9.12
C GLY B 54 12.25 -16.84 7.81
N ASN B 55 13.19 -16.61 6.90
CA ASN B 55 13.11 -17.23 5.59
C ASN B 55 14.48 -17.21 4.96
N PHE B 56 14.55 -17.67 3.71
CA PHE B 56 15.75 -17.55 2.90
C PHE B 56 15.40 -17.91 1.46
N GLU B 57 16.18 -17.38 0.54
CA GLU B 57 15.91 -17.50 -0.89
C GLU B 57 17.12 -18.10 -1.59
N VAL B 58 16.89 -19.16 -2.37
CA VAL B 58 17.97 -19.88 -3.01
C VAL B 58 17.66 -19.99 -4.50
N TYR B 59 18.69 -20.31 -5.28
CA TYR B 59 18.47 -20.68 -6.67
C TYR B 59 17.90 -22.08 -6.73
N LEU B 60 16.92 -22.29 -7.59
CA LEU B 60 16.21 -23.56 -7.66
C LEU B 60 17.09 -24.56 -8.37
N ASP B 61 17.46 -25.63 -7.67
CA ASP B 61 18.19 -26.74 -8.26
C ASP B 61 17.66 -28.03 -7.66
N PRO B 62 17.20 -28.98 -8.48
CA PRO B 62 16.63 -30.20 -7.91
C PRO B 62 17.64 -31.07 -7.19
N ALA B 63 18.91 -30.99 -7.55
CA ALA B 63 19.95 -31.82 -6.95
C ALA B 63 20.66 -31.05 -5.83
N ASP B 64 19.92 -30.84 -4.75
CA ASP B 64 20.42 -30.07 -3.62
C ASP B 64 19.70 -30.53 -2.37
N PRO B 65 20.26 -30.26 -1.19
CA PRO B 65 19.48 -30.45 0.04
C PRO B 65 18.38 -29.42 0.20
N SER B 66 18.41 -28.36 -0.60
CA SER B 66 17.32 -27.38 -0.57
C SER B 66 16.05 -27.99 -1.12
N ASP B 67 16.17 -29.03 -1.93
CA ASP B 67 15.00 -29.60 -2.60
C ASP B 67 14.16 -30.43 -1.64
N ASP B 68 14.78 -31.00 -0.60
CA ASP B 68 14.07 -31.92 0.26
C ASP B 68 13.17 -31.19 1.24
N LEU B 69 13.30 -29.87 1.34
CA LEU B 69 12.45 -29.11 2.23
C LEU B 69 11.02 -29.10 1.72
N GLU B 70 10.09 -29.56 2.55
CA GLU B 70 8.69 -29.58 2.21
C GLU B 70 7.88 -28.95 3.32
N PRO B 71 6.80 -28.26 2.99
CA PRO B 71 5.97 -27.64 4.03
C PRO B 71 5.47 -28.68 5.02
N GLY B 72 5.65 -28.38 6.31
CA GLY B 72 5.26 -29.29 7.36
C GLY B 72 6.39 -30.06 7.98
N ASP B 73 7.57 -30.04 7.37
CA ASP B 73 8.71 -30.76 7.93
C ASP B 73 9.24 -30.06 9.17
N LEU B 74 9.81 -30.84 10.08
CA LEU B 74 10.52 -30.30 11.24
C LEU B 74 12.01 -30.51 11.02
N VAL B 75 12.78 -29.41 11.10
CA VAL B 75 14.19 -29.43 10.78
C VAL B 75 14.93 -28.61 11.82
N ASP B 76 16.16 -29.02 12.10
CA ASP B 76 17.04 -28.31 13.03
C ASP B 76 18.00 -27.47 12.20
N LEU B 77 17.94 -26.16 12.38
CA LEU B 77 18.68 -25.22 11.56
C LEU B 77 19.84 -24.64 12.34
N GLU B 78 20.83 -24.14 11.62
CA GLU B 78 21.92 -23.36 12.19
C GLU B 78 22.29 -22.28 11.19
N LEU B 79 22.30 -21.03 11.64
CA LEU B 79 22.61 -19.91 10.78
C LEU B 79 23.96 -19.33 11.16
N TYR B 80 24.88 -19.28 10.21
CA TYR B 80 26.18 -18.69 10.45
C TYR B 80 26.22 -17.35 9.75
N PRO B 81 25.96 -16.25 10.43
CA PRO B 81 25.95 -14.95 9.74
C PRO B 81 27.29 -14.58 9.16
N GLY B 82 28.39 -14.94 9.84
CA GLY B 82 29.71 -14.58 9.41
C GLY B 82 30.61 -15.72 8.99
N GLY B 83 30.06 -16.87 8.63
CA GLY B 83 30.86 -18.00 8.23
C GLY B 83 31.04 -19.00 9.36
N GLU B 84 31.84 -20.01 9.08
CA GLU B 84 32.09 -21.09 10.03
C GLU B 84 33.45 -20.98 10.70
N SER B 85 34.17 -19.89 10.48
CA SER B 85 35.46 -19.71 11.14
C SER B 85 35.27 -19.64 12.65
N THR B 86 36.26 -20.17 13.37
CA THR B 86 36.14 -20.28 14.82
C THR B 86 35.92 -18.93 15.46
N GLY B 87 35.09 -18.91 16.50
CA GLY B 87 34.77 -17.68 17.18
C GLY B 87 33.66 -16.88 16.54
N SER B 88 33.00 -17.42 15.52
CA SER B 88 31.92 -16.72 14.84
C SER B 88 30.58 -17.19 15.41
N GLY B 89 29.80 -16.25 15.93
CA GLY B 89 28.53 -16.62 16.54
C GLY B 89 27.58 -17.20 15.50
N TYR B 90 26.75 -18.13 15.94
CA TYR B 90 25.76 -18.76 15.09
C TYR B 90 24.49 -19.00 15.88
N ARG B 91 23.35 -18.62 15.30
CA ARG B 91 22.06 -18.84 15.92
C ARG B 91 21.53 -20.19 15.50
N SER B 92 21.36 -21.09 16.46
CA SER B 92 20.87 -22.43 16.20
C SER B 92 19.43 -22.52 16.68
N VAL B 93 18.55 -22.95 15.79
CA VAL B 93 17.12 -23.08 16.09
C VAL B 93 16.76 -24.55 16.09
N ALA B 94 16.14 -25.01 17.17
CA ALA B 94 15.72 -26.39 17.29
C ALA B 94 14.23 -26.50 17.02
N GLY B 95 13.84 -27.53 16.28
CA GLY B 95 12.44 -27.73 15.96
C GLY B 95 11.87 -26.67 15.05
N ALA B 96 12.63 -26.20 14.07
CA ALA B 96 12.12 -25.23 13.13
C ALA B 96 11.06 -25.88 12.26
N LEU B 97 9.96 -25.16 12.07
CA LEU B 97 8.80 -25.65 11.34
C LEU B 97 8.72 -24.92 10.00
N ILE B 98 8.86 -25.67 8.91
CA ILE B 98 8.85 -25.07 7.57
C ILE B 98 7.38 -24.91 7.18
N LEU B 99 7.04 -23.69 6.76
CA LEU B 99 5.62 -23.33 6.67
C LEU B 99 5.14 -23.25 5.23
N SER B 100 6.00 -22.75 4.32
CA SER B 100 5.57 -22.56 2.95
C SER B 100 6.78 -22.37 2.05
N THR B 101 6.64 -22.74 0.78
CA THR B 101 7.67 -22.54 -0.22
C THR B 101 7.02 -21.89 -1.43
N ALA B 102 7.81 -21.19 -2.23
CA ALA B 102 7.29 -20.45 -3.38
C ALA B 102 8.32 -20.37 -4.48
N GLU B 103 8.16 -21.20 -5.50
CA GLU B 103 9.08 -21.25 -6.62
C GLU B 103 8.55 -20.34 -7.73
N SER B 104 9.46 -19.74 -8.49
CA SER B 104 9.05 -18.84 -9.56
C SER B 104 10.19 -18.66 -10.53
N ALA B 105 9.89 -18.01 -11.66
CA ALA B 105 10.88 -17.81 -12.71
C ALA B 105 10.39 -16.71 -13.62
N SER B 106 11.27 -16.30 -14.53
CA SER B 106 10.96 -15.29 -15.52
C SER B 106 11.60 -15.69 -16.84
N LYS B 107 11.30 -14.93 -17.89
CA LYS B 107 11.84 -15.28 -19.19
C LYS B 107 13.29 -14.85 -19.32
N ASP B 108 13.76 -14.02 -18.41
CA ASP B 108 15.15 -13.59 -18.39
C ASP B 108 15.77 -13.64 -17.00
N GLY B 109 15.52 -14.70 -16.24
CA GLY B 109 16.05 -14.82 -14.91
C GLY B 109 16.37 -16.26 -14.59
N ILE B 110 16.66 -16.49 -13.32
CA ILE B 110 17.00 -17.83 -12.83
C ILE B 110 15.87 -18.30 -11.93
N PRO B 111 15.43 -19.55 -12.04
CA PRO B 111 14.35 -20.02 -11.17
C PRO B 111 14.76 -19.95 -9.72
N MET B 112 13.97 -19.23 -8.92
CA MET B 112 14.30 -19.00 -7.53
C MET B 112 13.29 -19.71 -6.64
N LEU B 113 13.72 -19.97 -5.41
CA LEU B 113 12.93 -20.69 -4.42
C LEU B 113 13.02 -19.95 -3.10
N THR B 114 11.87 -19.70 -2.48
CA THR B 114 11.81 -19.00 -1.21
C THR B 114 11.19 -19.92 -0.17
N VAL B 115 11.99 -20.34 0.79
CA VAL B 115 11.52 -21.15 1.90
C VAL B 115 11.17 -20.20 3.03
N ASN B 116 10.11 -20.50 3.75
CA ASN B 116 9.61 -19.63 4.81
C ASN B 116 9.22 -20.51 6.00
N TRP B 117 9.84 -20.27 7.15
CA TRP B 117 9.73 -21.18 8.27
C TRP B 117 9.23 -20.44 9.50
N ARG B 118 9.30 -21.14 10.63
CA ARG B 118 8.76 -20.68 11.90
C ARG B 118 9.41 -21.50 13.00
N THR B 119 9.16 -21.13 14.25
CA THR B 119 9.63 -21.91 15.38
C THR B 119 8.45 -22.51 16.12
N SER B 120 8.69 -23.66 16.75
CA SER B 120 7.62 -24.42 17.40
C SER B 120 8.13 -24.97 18.71
N GLY B 121 7.88 -24.26 19.80
CA GLY B 121 8.21 -24.73 21.12
C GLY B 121 9.52 -24.25 21.68
N ALA B 122 10.48 -23.86 20.84
CA ALA B 122 11.78 -23.44 21.31
C ALA B 122 12.14 -22.11 20.66
N LEU B 123 13.18 -21.47 21.21
CA LEU B 123 13.59 -20.17 20.69
C LEU B 123 15.04 -20.23 20.25
N PRO B 124 15.45 -19.34 19.34
CA PRO B 124 16.83 -19.38 18.83
C PRO B 124 17.85 -19.24 19.94
N GLN B 125 18.76 -20.21 20.00
CA GLN B 125 19.80 -20.26 21.03
C GLN B 125 21.11 -19.76 20.43
N LYS B 126 21.53 -18.56 20.83
CA LYS B 126 22.81 -18.05 20.37
C LYS B 126 23.95 -18.89 20.94
N ALA B 127 25.10 -18.82 20.29
CA ALA B 127 26.26 -19.58 20.73
C ALA B 127 27.48 -19.04 20.00
N THR B 128 28.63 -19.64 20.30
CA THR B 128 29.89 -19.26 19.67
C THR B 128 30.61 -20.52 19.22
N VAL B 129 30.87 -20.63 17.92
CA VAL B 129 31.54 -21.80 17.40
C VAL B 129 32.94 -21.90 18.00
N SER B 130 33.41 -23.13 18.13
CA SER B 130 34.74 -23.37 18.69
C SER B 130 35.82 -23.14 17.63
N MET C 1 21.57 -24.07 -10.77
CA MET C 1 21.27 -22.87 -11.55
C MET C 1 20.71 -23.24 -12.92
N LEU C 2 19.39 -23.40 -12.97
CA LEU C 2 18.75 -23.73 -14.23
C LEU C 2 18.68 -22.50 -15.12
N LYS C 3 18.58 -22.74 -16.43
CA LYS C 3 18.67 -21.64 -17.39
C LYS C 3 17.56 -20.62 -17.19
N GLY C 4 16.34 -21.08 -17.00
CA GLY C 4 15.22 -20.18 -16.82
C GLY C 4 14.52 -19.77 -18.08
N LYS C 5 15.23 -19.68 -19.20
CA LYS C 5 14.62 -19.37 -20.48
C LYS C 5 14.20 -20.63 -21.24
N ASP C 6 14.37 -21.80 -20.64
CA ASP C 6 13.98 -23.06 -21.27
C ASP C 6 12.71 -23.63 -20.67
N GLY C 7 12.13 -22.95 -19.68
CA GLY C 7 10.95 -23.45 -19.01
C GLY C 7 9.83 -23.81 -19.96
N VAL C 8 9.26 -24.98 -19.78
CA VAL C 8 8.19 -25.48 -20.64
C VAL C 8 7.03 -25.89 -19.75
N VAL C 9 5.83 -25.49 -20.16
CA VAL C 9 4.60 -25.89 -19.49
C VAL C 9 3.79 -26.71 -20.49
N LYS C 10 3.09 -27.72 -20.00
CA LYS C 10 2.30 -28.58 -20.87
C LYS C 10 0.93 -28.82 -20.28
N ASN C 11 -0.04 -28.98 -21.16
CA ASN C 11 -1.32 -29.55 -20.78
C ASN C 11 -1.19 -31.07 -20.89
N ALA C 12 -1.08 -31.74 -19.74
CA ALA C 12 -0.74 -33.15 -19.76
C ALA C 12 -1.85 -33.98 -20.39
N SER C 13 -3.09 -33.55 -20.25
CA SER C 13 -4.21 -34.32 -20.77
C SER C 13 -4.14 -34.46 -22.29
N THR C 14 -3.88 -33.36 -22.98
CA THR C 14 -3.86 -33.36 -24.44
C THR C 14 -2.46 -33.36 -25.02
N GLY C 15 -1.43 -33.06 -24.22
CA GLY C 15 -0.07 -33.10 -24.72
C GLY C 15 0.25 -32.02 -25.72
N ASP C 16 0.33 -30.77 -25.26
CA ASP C 16 0.60 -29.63 -26.13
C ASP C 16 1.17 -28.48 -25.31
N SER C 17 2.36 -28.02 -25.69
CA SER C 17 2.96 -26.89 -25.00
C SER C 17 2.04 -25.67 -25.04
N ILE C 18 2.27 -24.72 -24.14
CA ILE C 18 1.36 -23.60 -24.00
C ILE C 18 1.53 -22.63 -25.16
N GLY C 19 2.69 -22.03 -25.30
CA GLY C 19 2.92 -21.06 -26.34
C GLY C 19 3.92 -20.03 -25.90
N HIS C 20 3.70 -18.79 -26.33
CA HIS C 20 4.63 -17.72 -26.03
C HIS C 20 4.54 -17.43 -24.55
N LEU C 21 5.43 -18.00 -23.77
CA LEU C 21 5.37 -17.88 -22.32
C LEU C 21 6.19 -16.67 -21.90
N GLN C 22 5.87 -16.11 -20.74
CA GLN C 22 6.62 -14.98 -20.23
C GLN C 22 7.17 -15.25 -18.84
N SER C 23 6.38 -15.92 -18.01
CA SER C 23 6.82 -16.23 -16.65
C SER C 23 5.81 -17.21 -16.05
N TRP C 24 6.30 -18.05 -15.16
CA TRP C 24 5.43 -18.93 -14.40
C TRP C 24 5.70 -18.74 -12.92
N ALA C 25 4.90 -19.41 -12.11
CA ALA C 25 5.06 -19.31 -10.67
C ALA C 25 4.30 -20.45 -10.02
N LEU C 26 4.70 -20.80 -8.81
CA LEU C 26 4.08 -21.90 -8.09
C LEU C 26 4.21 -21.60 -6.61
N ASP C 27 3.44 -22.32 -5.80
CA ASP C 27 3.44 -22.08 -4.37
C ASP C 27 2.90 -23.30 -3.64
N THR C 28 3.24 -23.42 -2.37
CA THR C 28 2.71 -24.44 -1.51
C THR C 28 2.60 -23.87 -0.11
N GLN C 29 1.53 -24.19 0.60
CA GLN C 29 1.34 -23.66 1.95
C GLN C 29 0.81 -24.76 2.83
N ARG C 30 0.90 -24.54 4.14
CA ARG C 30 0.17 -25.31 5.13
C ARG C 30 -0.22 -24.35 6.23
N ASP C 31 -1.45 -24.47 6.71
CA ASP C 31 -1.91 -23.58 7.78
C ASP C 31 -1.20 -23.93 9.08
N GLU C 32 -1.08 -22.93 9.96
CA GLU C 32 -0.44 -23.12 11.25
C GLU C 32 -1.47 -22.97 12.35
N VAL C 33 -1.14 -23.50 13.53
CA VAL C 33 -1.98 -23.43 14.71
C VAL C 33 -1.07 -23.28 15.92
N SER C 34 -1.29 -22.24 16.71
CA SER C 34 -0.42 -21.92 17.82
C SER C 34 -1.19 -21.91 19.13
N GLY C 35 -0.55 -22.37 20.19
CA GLY C 35 -1.17 -22.38 21.50
C GLY C 35 -0.16 -22.28 22.62
N TRP C 36 -0.60 -21.80 23.78
CA TRP C 36 0.26 -21.69 24.95
C TRP C 36 -0.60 -21.51 26.18
N GLY C 37 0.00 -21.81 27.35
CA GLY C 37 -0.72 -21.77 28.60
C GLY C 37 -0.20 -20.66 29.51
N MET C 38 -0.90 -20.45 30.61
CA MET C 38 -0.48 -19.48 31.59
C MET C 38 0.78 -19.97 32.29
N GLY C 39 1.91 -19.38 31.95
CA GLY C 39 3.18 -19.76 32.54
C GLY C 39 4.15 -20.43 31.60
N ASP C 40 4.05 -20.21 30.30
CA ASP C 40 4.93 -20.81 29.32
C ASP C 40 5.84 -19.73 28.75
N ASP C 41 7.02 -20.14 28.27
CA ASP C 41 7.97 -19.18 27.73
C ASP C 41 7.76 -19.00 26.23
N ALA C 42 7.71 -20.09 25.48
CA ALA C 42 7.50 -20.04 24.04
C ALA C 42 6.18 -20.69 23.69
N GLU C 43 5.71 -20.44 22.48
CA GLU C 43 4.43 -20.94 22.02
C GLU C 43 4.66 -22.04 21.00
N ARG C 44 3.81 -23.07 21.02
CA ARG C 44 3.97 -24.21 20.15
C ARG C 44 3.13 -24.05 18.89
N ALA C 45 3.42 -24.88 17.89
CA ALA C 45 2.73 -24.79 16.62
C ALA C 45 2.71 -26.14 15.92
N PHE C 46 1.91 -26.23 14.87
CA PHE C 46 1.93 -27.36 13.95
C PHE C 46 1.12 -27.00 12.70
N THR C 47 1.24 -27.85 11.69
CA THR C 47 0.66 -27.59 10.38
C THR C 47 -0.49 -28.55 10.11
N THR C 48 -1.62 -28.02 9.66
CA THR C 48 -2.84 -28.80 9.51
C THR C 48 -3.05 -29.35 8.11
N VAL C 49 -3.22 -28.49 7.11
CA VAL C 49 -3.63 -28.91 5.77
C VAL C 49 -2.93 -28.04 4.75
N GLY C 50 -2.78 -28.56 3.55
CA GLY C 50 -1.92 -27.96 2.54
C GLY C 50 -2.69 -27.56 1.29
N ARG C 51 -2.08 -26.68 0.50
CA ARG C 51 -2.66 -26.19 -0.73
C ARG C 51 -1.57 -26.06 -1.79
N ALA C 52 -1.95 -25.51 -2.93
CA ALA C 52 -1.01 -25.14 -3.97
C ALA C 52 -1.69 -24.14 -4.89
N SER C 53 -0.89 -23.28 -5.51
CA SER C 53 -1.43 -22.24 -6.38
C SER C 53 -0.31 -21.70 -7.23
N GLY C 54 -0.67 -21.02 -8.31
CA GLY C 54 0.32 -20.45 -9.20
C GLY C 54 -0.38 -19.81 -10.37
N ASN C 55 0.44 -19.36 -11.32
CA ASN C 55 -0.09 -18.69 -12.49
C ASN C 55 0.97 -18.73 -13.59
N PHE C 56 0.65 -18.09 -14.71
CA PHE C 56 1.61 -17.87 -15.78
C PHE C 56 1.03 -16.86 -16.75
N GLU C 57 1.93 -16.18 -17.46
CA GLU C 57 1.56 -15.08 -18.35
C GLU C 57 2.09 -15.35 -19.75
N VAL C 58 1.21 -15.25 -20.74
CA VAL C 58 1.55 -15.58 -22.12
C VAL C 58 1.16 -14.42 -23.01
N TYR C 59 1.72 -14.40 -24.21
CA TYR C 59 1.23 -13.47 -25.22
C TYR C 59 -0.09 -13.98 -25.77
N LEU C 60 -1.04 -13.07 -25.96
CA LEU C 60 -2.39 -13.44 -26.37
C LEU C 60 -2.36 -13.80 -27.85
N ASP C 61 -2.70 -15.04 -28.16
CA ASP C 61 -2.86 -15.48 -29.53
C ASP C 61 -4.05 -16.42 -29.59
N PRO C 62 -5.05 -16.16 -30.44
CA PRO C 62 -6.23 -17.02 -30.45
C PRO C 62 -5.95 -18.43 -30.97
N ALA C 63 -4.92 -18.60 -31.81
CA ALA C 63 -4.61 -19.90 -32.38
C ALA C 63 -3.52 -20.58 -31.56
N ASP C 64 -3.89 -20.99 -30.34
CA ASP C 64 -2.96 -21.61 -29.42
C ASP C 64 -3.74 -22.52 -28.50
N PRO C 65 -3.06 -23.47 -27.84
CA PRO C 65 -3.71 -24.19 -26.74
C PRO C 65 -3.92 -23.32 -25.52
N SER C 66 -3.27 -22.16 -25.47
CA SER C 66 -3.51 -21.24 -24.36
C SER C 66 -4.91 -20.66 -24.41
N ASP C 67 -5.52 -20.68 -25.61
CA ASP C 67 -6.81 -20.03 -25.78
C ASP C 67 -7.94 -20.88 -25.19
N ASP C 68 -7.75 -22.20 -25.13
CA ASP C 68 -8.83 -23.08 -24.72
C ASP C 68 -9.02 -23.05 -23.21
N LEU C 69 -8.09 -22.47 -22.48
CA LEU C 69 -8.22 -22.40 -21.03
C LEU C 69 -9.36 -21.45 -20.66
N GLU C 70 -10.32 -21.97 -19.91
CA GLU C 70 -11.45 -21.19 -19.44
C GLU C 70 -11.61 -21.37 -17.95
N PRO C 71 -12.05 -20.33 -17.24
CA PRO C 71 -12.24 -20.46 -15.79
C PRO C 71 -13.22 -21.56 -15.47
N GLY C 72 -12.83 -22.43 -14.54
CA GLY C 72 -13.65 -23.56 -14.16
C GLY C 72 -13.20 -24.88 -14.74
N ASP C 73 -12.32 -24.87 -15.73
CA ASP C 73 -11.84 -26.11 -16.32
C ASP C 73 -10.93 -26.85 -15.36
N LEU C 74 -10.92 -28.18 -15.48
CA LEU C 74 -9.96 -29.03 -14.78
C LEU C 74 -8.94 -29.54 -15.77
N VAL C 75 -7.66 -29.30 -15.48
CA VAL C 75 -6.59 -29.61 -16.41
C VAL C 75 -5.43 -30.22 -15.64
N ASP C 76 -4.73 -31.14 -16.29
CA ASP C 76 -3.55 -31.77 -15.72
C ASP C 76 -2.32 -31.07 -16.26
N LEU C 77 -1.53 -30.46 -15.39
CA LEU C 77 -0.42 -29.62 -15.77
C LEU C 77 0.90 -30.34 -15.51
N GLU C 78 1.94 -29.92 -16.21
CA GLU C 78 3.31 -30.33 -15.93
C GLU C 78 4.21 -29.13 -16.18
N LEU C 79 5.02 -28.81 -15.19
CA LEU C 79 5.92 -27.66 -15.29
C LEU C 79 7.36 -28.16 -15.38
N TYR C 80 8.04 -27.77 -16.44
CA TYR C 80 9.44 -28.13 -16.60
C TYR C 80 10.28 -26.89 -16.34
N PRO C 81 10.80 -26.70 -15.14
CA PRO C 81 11.56 -25.47 -14.86
C PRO C 81 12.81 -25.36 -15.71
N GLY C 82 13.47 -26.47 -16.01
CA GLY C 82 14.71 -26.46 -16.76
C GLY C 82 14.66 -27.12 -18.11
N GLY C 83 13.50 -27.27 -18.72
CA GLY C 83 13.38 -27.89 -20.02
C GLY C 83 12.97 -29.35 -19.91
N GLU C 84 12.95 -30.00 -21.06
CA GLU C 84 12.52 -31.38 -21.17
C GLU C 84 13.68 -32.35 -21.32
N SER C 85 14.91 -31.87 -21.22
CA SER C 85 16.06 -32.76 -21.33
C SER C 85 16.04 -33.77 -20.20
N THR C 86 16.53 -34.98 -20.50
CA THR C 86 16.44 -36.08 -19.55
C THR C 86 17.15 -35.73 -18.24
N GLY C 87 16.58 -36.19 -17.14
CA GLY C 87 17.13 -35.89 -15.84
C GLY C 87 16.74 -34.56 -15.27
N SER C 88 15.83 -33.83 -15.92
CA SER C 88 15.38 -32.53 -15.44
C SER C 88 14.09 -32.70 -14.66
N GLY C 89 14.10 -32.28 -13.40
CA GLY C 89 12.91 -32.44 -12.58
C GLY C 89 11.75 -31.62 -13.11
N TYR C 90 10.55 -32.14 -12.92
CA TYR C 90 9.34 -31.47 -13.35
C TYR C 90 8.23 -31.69 -12.33
N ARG C 91 7.57 -30.62 -11.94
CA ARG C 91 6.46 -30.71 -11.00
C ARG C 91 5.18 -30.93 -11.78
N SER C 92 4.53 -32.07 -11.55
CA SER C 92 3.29 -32.41 -12.23
C SER C 92 2.14 -32.26 -11.25
N VAL C 93 1.13 -31.50 -11.64
CA VAL C 93 -0.03 -31.24 -10.81
C VAL C 93 -1.24 -31.91 -11.44
N ALA C 94 -1.94 -32.73 -10.67
CA ALA C 94 -3.13 -33.40 -11.15
C ALA C 94 -4.37 -32.68 -10.65
N GLY C 95 -5.36 -32.55 -11.53
CA GLY C 95 -6.59 -31.88 -11.16
C GLY C 95 -6.43 -30.41 -10.88
N ALA C 96 -5.59 -29.72 -11.66
CA ALA C 96 -5.43 -28.29 -11.48
C ALA C 96 -6.72 -27.57 -11.89
N LEU C 97 -7.13 -26.62 -11.08
CA LEU C 97 -8.38 -25.91 -11.25
C LEU C 97 -8.06 -24.49 -11.69
N ILE C 98 -8.48 -24.12 -12.90
CA ILE C 98 -8.19 -22.80 -13.45
C ILE C 98 -9.25 -21.85 -12.89
N LEU C 99 -8.79 -20.74 -12.31
CA LEU C 99 -9.66 -19.94 -11.48
C LEU C 99 -10.06 -18.63 -12.14
N SER C 100 -9.14 -18.02 -12.89
CA SER C 100 -9.43 -16.72 -13.48
C SER C 100 -8.43 -16.42 -14.57
N THR C 101 -8.85 -15.63 -15.55
CA THR C 101 -7.98 -15.15 -16.62
C THR C 101 -8.14 -13.64 -16.73
N ALA C 102 -7.12 -12.97 -17.27
CA ALA C 102 -7.14 -11.51 -17.34
C ALA C 102 -6.35 -11.05 -18.55
N GLU C 103 -7.04 -10.68 -19.62
CA GLU C 103 -6.42 -10.22 -20.85
C GLU C 103 -6.33 -8.70 -20.82
N SER C 104 -5.29 -8.15 -21.43
CA SER C 104 -5.11 -6.70 -21.43
C SER C 104 -4.15 -6.32 -22.55
N ALA C 105 -4.05 -5.01 -22.78
CA ALA C 105 -3.21 -4.50 -23.85
C ALA C 105 -2.95 -3.03 -23.60
N SER C 106 -2.06 -2.46 -24.42
CA SER C 106 -1.74 -1.05 -24.35
C SER C 106 -1.57 -0.53 -25.77
N LYS C 107 -1.37 0.78 -25.89
CA LYS C 107 -1.25 1.34 -27.23
C LYS C 107 0.15 1.13 -27.79
N ASP C 108 1.09 0.72 -26.95
CA ASP C 108 2.44 0.40 -27.39
C ASP C 108 2.96 -0.90 -26.81
N GLY C 109 2.14 -1.95 -26.78
CA GLY C 109 2.56 -3.21 -26.21
C GLY C 109 1.92 -4.36 -26.97
N ILE C 110 2.08 -5.54 -26.40
CA ILE C 110 1.54 -6.77 -26.99
C ILE C 110 0.41 -7.26 -26.10
N PRO C 111 -0.72 -7.68 -26.65
CA PRO C 111 -1.81 -8.18 -25.79
C PRO C 111 -1.37 -9.38 -24.99
N MET C 112 -1.48 -9.28 -23.68
CA MET C 112 -1.01 -10.32 -22.78
C MET C 112 -2.18 -10.98 -22.09
N LEU C 113 -1.95 -12.20 -21.63
CA LEU C 113 -2.95 -13.03 -20.99
C LEU C 113 -2.34 -13.65 -19.74
N THR C 114 -3.05 -13.53 -18.62
CA THR C 114 -2.59 -14.08 -17.35
C THR C 114 -3.59 -15.11 -16.87
N VAL C 115 -3.17 -16.37 -16.87
CA VAL C 115 -3.98 -17.46 -16.35
C VAL C 115 -3.59 -17.65 -14.89
N ASN C 116 -4.57 -17.95 -14.05
CA ASN C 116 -4.36 -18.07 -12.62
C ASN C 116 -5.14 -19.29 -12.13
N TRP C 117 -4.44 -20.24 -11.54
CA TRP C 117 -5.03 -21.54 -11.24
C TRP C 117 -4.89 -21.86 -9.77
N ARG C 118 -5.21 -23.11 -9.44
CA ARG C 118 -5.26 -23.60 -8.08
C ARG C 118 -5.22 -25.11 -8.12
N THR C 119 -5.11 -25.75 -6.97
CA THR C 119 -5.16 -27.20 -6.89
C THR C 119 -6.41 -27.63 -6.14
N SER C 120 -6.92 -28.80 -6.49
CA SER C 120 -8.18 -29.31 -5.95
C SER C 120 -8.06 -30.78 -5.64
N GLY C 121 -7.75 -31.10 -4.39
CA GLY C 121 -7.72 -32.48 -3.95
C GLY C 121 -6.36 -33.14 -3.97
N ALA C 122 -5.43 -32.67 -4.78
CA ALA C 122 -4.12 -33.29 -4.89
C ALA C 122 -3.04 -32.22 -4.75
N LEU C 123 -1.81 -32.67 -4.54
CA LEU C 123 -0.70 -31.75 -4.37
C LEU C 123 0.37 -31.99 -5.42
N PRO C 124 1.20 -30.99 -5.72
CA PRO C 124 2.20 -31.16 -6.78
C PRO C 124 3.16 -32.31 -6.46
N GLN C 125 3.26 -33.23 -7.41
CA GLN C 125 4.10 -34.41 -7.27
C GLN C 125 5.39 -34.21 -8.05
N LYS C 126 6.49 -34.01 -7.33
CA LYS C 126 7.78 -33.88 -7.98
C LYS C 126 8.17 -35.20 -8.63
N ALA C 127 9.07 -35.12 -9.60
CA ALA C 127 9.52 -36.31 -10.32
C ALA C 127 10.77 -35.94 -11.10
N THR C 128 11.30 -36.93 -11.81
CA THR C 128 12.48 -36.74 -12.64
C THR C 128 12.24 -37.37 -14.00
N VAL C 129 12.30 -36.56 -15.06
CA VAL C 129 12.06 -37.06 -16.40
C VAL C 129 13.12 -38.09 -16.75
N SER C 130 12.72 -39.05 -17.58
CA SER C 130 13.63 -40.11 -18.01
C SER C 130 14.56 -39.61 -19.11
N MET D 1 1.43 -13.54 -31.15
CA MET D 1 1.89 -12.19 -30.85
C MET D 1 1.14 -11.16 -31.67
N LEU D 2 0.01 -10.71 -31.16
CA LEU D 2 -0.77 -9.71 -31.88
C LEU D 2 -0.12 -8.34 -31.73
N LYS D 3 -0.42 -7.47 -32.69
CA LYS D 3 0.28 -6.19 -32.77
C LYS D 3 0.06 -5.35 -31.52
N GLY D 4 -1.18 -5.28 -31.05
CA GLY D 4 -1.48 -4.50 -29.88
C GLY D 4 -1.84 -3.06 -30.14
N LYS D 5 -1.30 -2.45 -31.19
CA LYS D 5 -1.66 -1.10 -31.57
C LYS D 5 -2.81 -1.07 -32.57
N ASP D 6 -3.37 -2.22 -32.92
CA ASP D 6 -4.49 -2.30 -33.84
C ASP D 6 -5.81 -2.57 -33.13
N GLY D 7 -5.78 -2.72 -31.81
CA GLY D 7 -6.97 -3.04 -31.06
C GLY D 7 -8.13 -2.11 -31.34
N VAL D 8 -9.30 -2.67 -31.59
CA VAL D 8 -10.48 -1.90 -31.92
C VAL D 8 -11.60 -2.34 -30.99
N VAL D 9 -12.31 -1.36 -30.44
CA VAL D 9 -13.50 -1.61 -29.62
C VAL D 9 -14.69 -1.01 -30.35
N LYS D 10 -15.83 -1.66 -30.25
CA LYS D 10 -17.02 -1.19 -30.92
C LYS D 10 -18.23 -1.24 -29.98
N ASN D 11 -19.13 -0.31 -30.18
CA ASN D 11 -20.47 -0.41 -29.62
C ASN D 11 -21.31 -1.22 -30.59
N ALA D 12 -21.57 -2.48 -30.27
CA ALA D 12 -22.18 -3.38 -31.23
C ALA D 12 -23.60 -2.94 -31.58
N SER D 13 -24.30 -2.34 -30.62
CA SER D 13 -25.68 -1.96 -30.86
C SER D 13 -25.79 -0.93 -31.98
N THR D 14 -24.95 0.10 -31.96
CA THR D 14 -25.02 1.18 -32.94
C THR D 14 -23.96 1.06 -34.02
N GLY D 15 -22.93 0.25 -33.82
CA GLY D 15 -21.92 0.09 -34.84
C GLY D 15 -21.05 1.31 -35.06
N ASP D 16 -20.18 1.62 -34.10
CA ASP D 16 -19.32 2.79 -34.17
C ASP D 16 -18.12 2.60 -33.26
N SER D 17 -16.93 2.67 -33.84
CA SER D 17 -15.71 2.56 -33.04
C SER D 17 -15.69 3.60 -31.94
N ILE D 18 -14.86 3.36 -30.92
CA ILE D 18 -14.87 4.24 -29.75
C ILE D 18 -14.20 5.57 -30.06
N GLY D 19 -12.93 5.55 -30.39
CA GLY D 19 -12.21 6.78 -30.67
C GLY D 19 -10.76 6.63 -30.29
N HIS D 20 -10.20 7.72 -29.77
CA HIS D 20 -8.78 7.74 -29.42
C HIS D 20 -8.59 6.83 -28.23
N LEU D 21 -8.20 5.59 -28.47
CA LEU D 21 -8.08 4.62 -27.40
C LEU D 21 -6.67 4.64 -26.85
N GLN D 22 -6.51 4.22 -25.60
CA GLN D 22 -5.19 4.18 -25.01
C GLN D 22 -4.85 2.79 -24.51
N SER D 23 -5.83 2.10 -23.93
CA SER D 23 -5.61 0.75 -23.42
C SER D 23 -6.96 0.15 -23.07
N TRP D 24 -7.06 -1.16 -23.18
CA TRP D 24 -8.24 -1.88 -22.74
C TRP D 24 -7.81 -2.97 -21.78
N ALA D 25 -8.80 -3.64 -21.22
CA ALA D 25 -8.53 -4.72 -20.28
C ALA D 25 -9.81 -5.53 -20.12
N LEU D 26 -9.64 -6.77 -19.69
CA LEU D 26 -10.75 -7.68 -19.53
C LEU D 26 -10.38 -8.67 -18.44
N ASP D 27 -11.39 -9.37 -17.92
CA ASP D 27 -11.16 -10.30 -16.84
C ASP D 27 -12.29 -11.30 -16.77
N THR D 28 -12.03 -12.44 -16.15
CA THR D 28 -13.04 -13.45 -15.88
C THR D 28 -12.66 -14.13 -14.58
N GLN D 29 -13.67 -14.43 -13.76
CA GLN D 29 -13.43 -15.06 -12.47
C GLN D 29 -14.46 -16.13 -12.23
N ARG D 30 -14.17 -17.01 -11.29
CA ARG D 30 -15.17 -17.89 -10.70
C ARG D 30 -14.82 -18.04 -9.23
N ASP D 31 -15.82 -17.99 -8.37
CA ASP D 31 -15.57 -18.12 -6.95
C ASP D 31 -15.15 -19.54 -6.61
N GLU D 32 -14.40 -19.69 -5.52
CA GLU D 32 -13.93 -21.00 -5.09
C GLU D 32 -14.57 -21.35 -3.76
N VAL D 33 -14.58 -22.64 -3.44
CA VAL D 33 -15.13 -23.15 -2.19
C VAL D 33 -14.25 -24.31 -1.76
N SER D 34 -13.74 -24.25 -0.54
CA SER D 34 -12.79 -25.24 -0.05
C SER D 34 -13.31 -25.90 1.21
N GLY D 35 -13.04 -27.19 1.35
CA GLY D 35 -13.45 -27.93 2.53
C GLY D 35 -12.54 -29.09 2.83
N TRP D 36 -12.51 -29.52 4.10
CA TRP D 36 -11.70 -30.66 4.50
C TRP D 36 -12.19 -31.15 5.84
N GLY D 37 -11.85 -32.40 6.17
CA GLY D 37 -12.31 -33.04 7.37
C GLY D 37 -11.16 -33.31 8.34
N MET D 38 -11.52 -33.73 9.54
CA MET D 38 -10.52 -34.09 10.54
C MET D 38 -9.81 -35.36 10.10
N GLY D 39 -8.57 -35.22 9.65
CA GLY D 39 -7.79 -36.35 9.21
C GLY D 39 -7.49 -36.40 7.73
N ASP D 40 -7.51 -35.26 7.05
CA ASP D 40 -7.24 -35.20 5.61
C ASP D 40 -5.89 -34.53 5.38
N ASP D 41 -5.26 -34.85 4.26
CA ASP D 41 -3.95 -34.27 3.97
C ASP D 41 -4.08 -32.98 3.17
N ALA D 42 -4.85 -33.00 2.09
CA ALA D 42 -5.06 -31.83 1.26
C ALA D 42 -6.52 -31.43 1.30
N GLU D 43 -6.80 -30.20 0.87
CA GLU D 43 -8.15 -29.65 0.92
C GLU D 43 -8.71 -29.59 -0.49
N ARG D 44 -10.00 -29.85 -0.64
CA ARG D 44 -10.64 -29.90 -1.94
C ARG D 44 -11.26 -28.55 -2.28
N ALA D 45 -11.61 -28.37 -3.55
CA ALA D 45 -12.17 -27.12 -4.01
C ALA D 45 -13.06 -27.35 -5.21
N PHE D 46 -13.81 -26.29 -5.58
CA PHE D 46 -14.55 -26.24 -6.83
C PHE D 46 -15.02 -24.82 -7.07
N THR D 47 -15.52 -24.56 -8.27
CA THR D 47 -15.89 -23.23 -8.71
C THR D 47 -17.40 -23.14 -8.86
N THR D 48 -17.98 -22.07 -8.31
CA THR D 48 -19.43 -21.93 -8.25
C THR D 48 -20.01 -21.11 -9.39
N VAL D 49 -19.68 -19.82 -9.49
CA VAL D 49 -20.34 -18.91 -10.41
C VAL D 49 -19.31 -17.93 -10.95
N GLY D 50 -19.58 -17.39 -12.12
CA GLY D 50 -18.60 -16.63 -12.88
C GLY D 50 -19.02 -15.19 -13.10
N ARG D 51 -18.05 -14.35 -13.45
CA ARG D 51 -18.26 -12.94 -13.71
C ARG D 51 -17.40 -12.51 -14.87
N ALA D 52 -17.42 -11.21 -15.13
CA ALA D 52 -16.52 -10.58 -16.09
C ALA D 52 -16.48 -9.10 -15.81
N SER D 53 -15.36 -8.47 -16.13
CA SER D 53 -15.19 -7.05 -15.87
C SER D 53 -14.02 -6.54 -16.68
N GLY D 54 -13.95 -5.23 -16.84
CA GLY D 54 -12.88 -4.63 -17.61
C GLY D 54 -13.08 -3.14 -17.68
N ASN D 55 -12.23 -2.50 -18.47
CA ASN D 55 -12.29 -1.05 -18.63
C ASN D 55 -11.56 -0.66 -19.90
N PHE D 56 -11.47 0.63 -20.13
CA PHE D 56 -10.65 1.19 -21.19
C PHE D 56 -10.52 2.68 -20.99
N GLU D 57 -9.45 3.25 -21.52
CA GLU D 57 -9.10 4.64 -21.31
C GLU D 57 -8.93 5.34 -22.65
N VAL D 58 -9.63 6.46 -22.83
CA VAL D 58 -9.63 7.18 -24.10
C VAL D 58 -9.27 8.63 -23.85
N TYR D 59 -8.90 9.33 -24.92
CA TYR D 59 -8.77 10.77 -24.84
C TYR D 59 -10.15 11.40 -24.84
N LEU D 60 -10.33 12.41 -24.00
CA LEU D 60 -11.64 13.02 -23.81
C LEU D 60 -11.92 13.90 -25.00
N ASP D 61 -12.99 13.58 -25.74
CA ASP D 61 -13.47 14.42 -26.82
C ASP D 61 -14.98 14.41 -26.80
N PRO D 62 -15.65 15.55 -26.73
CA PRO D 62 -17.11 15.54 -26.65
C PRO D 62 -17.78 15.04 -27.91
N ALA D 63 -17.14 15.18 -29.07
CA ALA D 63 -17.74 14.77 -30.33
C ALA D 63 -17.25 13.37 -30.70
N ASP D 64 -17.72 12.38 -29.94
CA ASP D 64 -17.33 11.01 -30.13
C ASP D 64 -18.44 10.11 -29.64
N PRO D 65 -18.47 8.85 -30.07
CA PRO D 65 -19.36 7.88 -29.41
C PRO D 65 -18.92 7.53 -28.01
N SER D 66 -17.69 7.88 -27.64
CA SER D 66 -17.24 7.65 -26.27
C SER D 66 -17.98 8.56 -25.30
N ASP D 67 -18.53 9.66 -25.80
CA ASP D 67 -19.16 10.63 -24.92
C ASP D 67 -20.53 10.17 -24.45
N ASP D 68 -21.19 9.32 -25.24
CA ASP D 68 -22.56 8.93 -24.93
C ASP D 68 -22.61 7.90 -23.82
N LEU D 69 -21.47 7.33 -23.45
CA LEU D 69 -21.45 6.34 -22.38
C LEU D 69 -21.73 7.02 -21.05
N GLU D 70 -22.75 6.54 -20.36
CA GLU D 70 -23.14 7.05 -19.06
C GLU D 70 -23.29 5.91 -18.08
N PRO D 71 -22.95 6.12 -16.81
CA PRO D 71 -23.09 5.06 -15.83
C PRO D 71 -24.53 4.57 -15.75
N GLY D 72 -24.70 3.26 -15.80
CA GLY D 72 -26.01 2.67 -15.78
C GLY D 72 -26.52 2.19 -17.13
N ASP D 73 -25.88 2.60 -18.21
CA ASP D 73 -26.31 2.17 -19.54
C ASP D 73 -25.99 0.71 -19.76
N LEU D 74 -26.81 0.05 -20.59
CA LEU D 74 -26.56 -1.29 -21.06
C LEU D 74 -26.13 -1.24 -22.51
N VAL D 75 -24.97 -1.80 -22.82
CA VAL D 75 -24.38 -1.68 -24.14
C VAL D 75 -23.80 -3.04 -24.53
N ASP D 76 -23.85 -3.33 -25.83
CA ASP D 76 -23.29 -4.55 -26.39
C ASP D 76 -21.92 -4.22 -26.97
N LEU D 77 -20.89 -4.85 -26.42
CA LEU D 77 -19.50 -4.52 -26.75
C LEU D 77 -18.91 -5.61 -27.63
N GLU D 78 -17.87 -5.25 -28.37
CA GLU D 78 -17.05 -6.20 -29.10
C GLU D 78 -15.61 -5.71 -29.04
N LEU D 79 -14.71 -6.57 -28.59
CA LEU D 79 -13.30 -6.21 -28.46
C LEU D 79 -12.50 -6.96 -29.50
N TYR D 80 -11.78 -6.22 -30.33
CA TYR D 80 -10.92 -6.83 -31.33
C TYR D 80 -9.49 -6.66 -30.87
N PRO D 81 -8.88 -7.66 -30.22
CA PRO D 81 -7.51 -7.47 -29.73
C PRO D 81 -6.51 -7.25 -30.84
N GLY D 82 -6.70 -7.89 -31.99
CA GLY D 82 -5.78 -7.81 -33.09
C GLY D 82 -6.29 -7.15 -34.34
N GLY D 83 -7.33 -6.33 -34.25
CA GLY D 83 -7.88 -5.67 -35.42
C GLY D 83 -9.10 -6.39 -35.95
N GLU D 84 -9.59 -5.89 -37.08
CA GLU D 84 -10.80 -6.40 -37.70
C GLU D 84 -10.49 -7.26 -38.93
N SER D 85 -9.22 -7.55 -39.20
CA SER D 85 -8.88 -8.39 -40.33
C SER D 85 -9.46 -9.78 -40.14
N THR D 86 -9.84 -10.40 -41.24
CA THR D 86 -10.53 -11.69 -41.19
C THR D 86 -9.69 -12.73 -40.48
N GLY D 87 -10.35 -13.58 -39.70
CA GLY D 87 -9.67 -14.60 -38.95
C GLY D 87 -9.11 -14.14 -37.63
N SER D 88 -9.40 -12.91 -37.20
CA SER D 88 -8.93 -12.39 -35.94
C SER D 88 -10.00 -12.57 -34.88
N GLY D 89 -9.66 -13.27 -33.81
CA GLY D 89 -10.64 -13.52 -32.76
C GLY D 89 -11.07 -12.22 -32.10
N TYR D 90 -12.33 -12.20 -31.66
CA TYR D 90 -12.88 -11.04 -30.97
C TYR D 90 -13.82 -11.51 -29.88
N ARG D 91 -13.65 -10.96 -28.69
CA ARG D 91 -14.52 -11.28 -27.56
C ARG D 91 -15.71 -10.34 -27.58
N SER D 92 -16.91 -10.88 -27.75
CA SER D 92 -18.13 -10.09 -27.79
C SER D 92 -18.88 -10.30 -26.49
N VAL D 93 -19.23 -9.22 -25.82
CA VAL D 93 -19.93 -9.25 -24.54
C VAL D 93 -21.33 -8.68 -24.75
N ALA D 94 -22.33 -9.44 -24.35
CA ALA D 94 -23.71 -9.00 -24.46
C ALA D 94 -24.21 -8.50 -23.12
N GLY D 95 -24.94 -7.40 -23.13
CA GLY D 95 -25.48 -6.84 -21.91
C GLY D 95 -24.42 -6.29 -20.98
N ALA D 96 -23.38 -5.66 -21.52
CA ALA D 96 -22.37 -5.06 -20.68
C ALA D 96 -22.95 -3.87 -19.92
N LEU D 97 -22.64 -3.80 -18.64
CA LEU D 97 -23.18 -2.80 -17.74
C LEU D 97 -22.08 -1.81 -17.40
N ILE D 98 -22.25 -0.55 -17.79
CA ILE D 98 -21.24 0.47 -17.56
C ILE D 98 -21.44 0.98 -16.14
N LEU D 99 -20.36 1.00 -15.37
CA LEU D 99 -20.50 1.14 -13.92
C LEU D 99 -20.04 2.51 -13.45
N SER D 100 -18.99 3.05 -14.05
CA SER D 100 -18.44 4.32 -13.57
C SER D 100 -17.53 4.90 -14.63
N THR D 101 -17.42 6.23 -14.63
CA THR D 101 -16.50 6.96 -15.51
C THR D 101 -15.71 7.93 -14.66
N ALA D 102 -14.53 8.31 -15.14
CA ALA D 102 -13.65 9.18 -14.37
C ALA D 102 -12.81 10.03 -15.31
N GLU D 103 -13.19 11.29 -15.47
CA GLU D 103 -12.48 12.22 -16.33
C GLU D 103 -11.47 13.00 -15.50
N SER D 104 -10.35 13.37 -16.12
CA SER D 104 -9.31 14.10 -15.41
C SER D 104 -8.39 14.77 -16.40
N ALA D 105 -7.52 15.62 -15.88
CA ALA D 105 -6.60 16.38 -16.72
C ALA D 105 -5.48 16.91 -15.86
N SER D 106 -4.48 17.49 -16.52
CA SER D 106 -3.34 18.09 -15.85
C SER D 106 -2.97 19.36 -16.58
N LYS D 107 -2.01 20.11 -16.04
CA LYS D 107 -1.64 21.36 -16.67
C LYS D 107 -0.71 21.13 -17.85
N ASP D 108 -0.19 19.91 -17.99
CA ASP D 108 0.65 19.56 -19.11
C ASP D 108 0.29 18.22 -19.71
N GLY D 109 -1.00 17.93 -19.87
CA GLY D 109 -1.42 16.66 -20.42
C GLY D 109 -2.68 16.82 -21.25
N ILE D 110 -3.26 15.69 -21.60
CA ILE D 110 -4.48 15.67 -22.42
C ILE D 110 -5.61 15.15 -21.54
N PRO D 111 -6.79 15.76 -21.59
CA PRO D 111 -7.90 15.27 -20.77
C PRO D 111 -8.25 13.83 -21.12
N MET D 112 -8.20 12.96 -20.13
CA MET D 112 -8.42 11.54 -20.34
C MET D 112 -9.71 11.11 -19.68
N LEU D 113 -10.26 10.01 -20.17
CA LEU D 113 -11.52 9.46 -19.71
C LEU D 113 -11.36 7.96 -19.52
N THR D 114 -11.77 7.47 -18.37
CA THR D 114 -11.68 6.04 -18.05
C THR D 114 -13.06 5.49 -17.82
N VAL D 115 -13.52 4.64 -18.72
CA VAL D 115 -14.80 3.96 -18.58
C VAL D 115 -14.53 2.63 -17.91
N ASN D 116 -15.43 2.22 -17.04
CA ASN D 116 -15.26 1.00 -16.26
C ASN D 116 -16.58 0.27 -16.22
N TRP D 117 -16.60 -0.97 -16.71
CA TRP D 117 -17.85 -1.67 -16.95
C TRP D 117 -17.85 -3.00 -16.22
N ARG D 118 -18.86 -3.81 -16.53
CA ARG D 118 -19.13 -5.07 -15.87
C ARG D 118 -20.04 -5.89 -16.77
N THR D 119 -20.27 -7.13 -16.41
CA THR D 119 -21.20 -7.98 -17.15
C THR D 119 -22.41 -8.29 -16.27
N SER D 120 -23.56 -8.49 -16.91
CA SER D 120 -24.82 -8.68 -16.21
C SER D 120 -25.62 -9.77 -16.90
N GLY D 121 -25.51 -10.99 -16.39
CA GLY D 121 -26.31 -12.09 -16.88
C GLY D 121 -25.65 -12.96 -17.93
N ALA D 122 -24.68 -12.45 -18.67
CA ALA D 122 -24.04 -13.21 -19.72
C ALA D 122 -22.53 -13.14 -19.57
N LEU D 123 -21.84 -14.01 -20.29
CA LEU D 123 -20.39 -14.05 -20.20
C LEU D 123 -19.76 -13.82 -21.57
N PRO D 124 -18.52 -13.35 -21.62
CA PRO D 124 -17.89 -13.05 -22.91
C PRO D 124 -17.84 -14.27 -23.81
N GLN D 125 -18.38 -14.11 -25.02
CA GLN D 125 -18.46 -15.18 -25.99
C GLN D 125 -17.36 -14.99 -27.04
N LYS D 126 -16.34 -15.83 -26.98
CA LYS D 126 -15.28 -15.78 -27.98
C LYS D 126 -15.83 -16.16 -29.35
N ALA D 127 -15.14 -15.73 -30.39
CA ALA D 127 -15.55 -16.03 -31.76
C ALA D 127 -14.40 -15.73 -32.69
N THR D 128 -14.63 -15.95 -33.97
CA THR D 128 -13.64 -15.67 -35.00
C THR D 128 -14.31 -14.91 -36.14
N VAL D 129 -13.81 -13.71 -36.42
CA VAL D 129 -14.39 -12.90 -37.47
C VAL D 129 -14.22 -13.61 -38.81
N SER D 130 -15.17 -13.36 -39.71
CA SER D 130 -15.14 -13.97 -41.03
C SER D 130 -14.17 -13.24 -41.94
N MET E 1 -8.99 15.08 -28.93
CA MET E 1 -7.78 15.44 -28.21
C MET E 1 -7.79 16.90 -27.82
N LEU E 2 -8.38 17.21 -26.67
CA LEU E 2 -8.43 18.58 -26.20
C LEU E 2 -7.06 18.99 -25.67
N LYS E 3 -6.81 20.30 -25.67
CA LYS E 3 -5.49 20.80 -25.34
C LYS E 3 -5.08 20.43 -23.93
N GLY E 4 -5.98 20.59 -22.97
CA GLY E 4 -5.68 20.28 -21.59
C GLY E 4 -5.10 21.41 -20.78
N LYS E 5 -4.36 22.31 -21.41
CA LYS E 5 -3.83 23.48 -20.73
C LYS E 5 -4.77 24.67 -20.83
N ASP E 6 -5.95 24.50 -21.44
CA ASP E 6 -6.93 25.56 -21.55
C ASP E 6 -8.09 25.38 -20.60
N GLY E 7 -8.09 24.33 -19.80
CA GLY E 7 -9.18 24.04 -18.90
C GLY E 7 -9.54 25.20 -18.01
N VAL E 8 -10.81 25.51 -17.92
CA VAL E 8 -11.31 26.64 -17.14
C VAL E 8 -12.39 26.11 -16.21
N VAL E 9 -12.33 26.53 -14.94
CA VAL E 9 -13.36 26.23 -13.97
C VAL E 9 -13.98 27.55 -13.54
N LYS E 10 -15.27 27.54 -13.27
CA LYS E 10 -15.97 28.75 -12.88
C LYS E 10 -16.88 28.48 -11.71
N ASN E 11 -17.04 29.49 -10.87
CA ASN E 11 -18.13 29.52 -9.91
C ASN E 11 -19.34 30.11 -10.60
N ALA E 12 -20.30 29.27 -10.97
CA ALA E 12 -21.39 29.71 -11.82
C ALA E 12 -22.26 30.74 -11.12
N SER E 13 -22.38 30.65 -9.80
CA SER E 13 -23.25 31.55 -9.06
C SER E 13 -22.78 32.99 -9.19
N THR E 14 -21.48 33.23 -9.00
CA THR E 14 -20.94 34.58 -9.02
C THR E 14 -20.23 34.91 -10.33
N GLY E 15 -19.90 33.93 -11.14
CA GLY E 15 -19.26 34.22 -12.42
C GLY E 15 -17.85 34.72 -12.31
N ASP E 16 -16.92 33.86 -11.91
CA ASP E 16 -15.52 34.24 -11.71
C ASP E 16 -14.65 33.01 -11.79
N SER E 17 -13.69 33.02 -12.72
CA SER E 17 -12.75 31.91 -12.85
C SER E 17 -12.03 31.67 -11.53
N ILE E 18 -11.46 30.47 -11.39
CA ILE E 18 -10.86 30.09 -10.10
C ILE E 18 -9.54 30.82 -9.89
N GLY E 19 -8.57 30.57 -10.74
CA GLY E 19 -7.27 31.18 -10.57
C GLY E 19 -6.19 30.27 -11.11
N HIS E 20 -5.05 30.28 -10.43
CA HIS E 20 -3.91 29.50 -10.88
C HIS E 20 -4.24 28.03 -10.68
N LEU E 21 -4.71 27.38 -11.72
CA LEU E 21 -5.15 26.00 -11.61
C LEU E 21 -3.98 25.07 -11.92
N GLN E 22 -4.05 23.85 -11.40
CA GLN E 22 -2.99 22.89 -11.67
C GLN E 22 -3.56 21.62 -12.28
N SER E 23 -4.72 21.18 -11.80
CA SER E 23 -5.34 19.97 -12.31
C SER E 23 -6.75 19.88 -11.76
N TRP E 24 -7.63 19.27 -12.54
CA TRP E 24 -8.98 19.00 -12.07
C TRP E 24 -9.26 17.52 -12.25
N ALA E 25 -10.43 17.10 -11.77
CA ALA E 25 -10.82 15.71 -11.87
C ALA E 25 -12.30 15.61 -11.60
N LEU E 26 -12.91 14.55 -12.10
CA LEU E 26 -14.34 14.35 -11.95
C LEU E 26 -14.59 12.84 -11.95
N ASP E 27 -15.78 12.46 -11.51
CA ASP E 27 -16.10 11.04 -11.42
C ASP E 27 -17.61 10.87 -11.39
N THR E 28 -18.06 9.67 -11.75
CA THR E 28 -19.45 9.29 -11.65
C THR E 28 -19.51 7.82 -11.32
N GLN E 29 -20.43 7.42 -10.46
CA GLN E 29 -20.55 6.02 -10.08
C GLN E 29 -22.01 5.65 -10.00
N ARG E 30 -22.27 4.35 -10.02
CA ARG E 30 -23.55 3.79 -9.63
C ARG E 30 -23.28 2.49 -8.89
N ASP E 31 -24.00 2.26 -7.81
CA ASP E 31 -23.79 1.05 -7.05
C ASP E 31 -24.32 -0.16 -7.82
N GLU E 32 -23.74 -1.32 -7.55
CA GLU E 32 -24.15 -2.55 -8.21
C GLU E 32 -24.80 -3.49 -7.21
N VAL E 33 -25.57 -4.45 -7.72
CA VAL E 33 -26.25 -5.45 -6.91
C VAL E 33 -26.24 -6.74 -7.69
N SER E 34 -25.73 -7.81 -7.09
CA SER E 34 -25.55 -9.08 -7.77
C SER E 34 -26.31 -10.18 -7.05
N GLY E 35 -26.88 -11.11 -7.82
CA GLY E 35 -27.58 -12.23 -7.24
C GLY E 35 -27.55 -13.45 -8.14
N TRP E 36 -27.72 -14.63 -7.55
CA TRP E 36 -27.76 -15.87 -8.30
C TRP E 36 -28.37 -16.96 -7.44
N GLY E 37 -28.84 -18.02 -8.09
CA GLY E 37 -29.52 -19.09 -7.42
C GLY E 37 -28.73 -20.39 -7.49
N MET E 38 -29.20 -21.38 -6.75
CA MET E 38 -28.58 -22.70 -6.77
C MET E 38 -28.82 -23.35 -8.11
N GLY E 39 -27.78 -23.40 -8.94
CA GLY E 39 -27.88 -24.00 -10.25
C GLY E 39 -27.76 -23.04 -11.41
N ASP E 40 -27.13 -21.89 -11.22
CA ASP E 40 -26.95 -20.90 -12.28
C ASP E 40 -25.49 -20.87 -12.70
N ASP E 41 -25.26 -20.45 -13.95
CA ASP E 41 -23.89 -20.41 -14.45
C ASP E 41 -23.25 -19.06 -14.20
N ALA E 42 -23.94 -17.97 -14.56
CA ALA E 42 -23.43 -16.63 -14.37
C ALA E 42 -24.33 -15.89 -13.40
N GLU E 43 -23.83 -14.78 -12.86
CA GLU E 43 -24.55 -14.00 -11.87
C GLU E 43 -25.03 -12.71 -12.50
N ARG E 44 -26.22 -12.26 -12.12
CA ARG E 44 -26.83 -11.08 -12.69
C ARG E 44 -26.51 -9.84 -11.87
N ALA E 45 -26.76 -8.67 -12.45
CA ALA E 45 -26.45 -7.43 -11.78
C ALA E 45 -27.36 -6.32 -12.29
N PHE E 46 -27.33 -5.19 -11.58
CA PHE E 46 -27.96 -3.95 -12.02
C PHE E 46 -27.46 -2.81 -11.15
N THR E 47 -27.78 -1.59 -11.58
CA THR E 47 -27.28 -0.38 -10.95
C THR E 47 -28.41 0.36 -10.26
N THR E 48 -28.20 0.76 -9.01
CA THR E 48 -29.24 1.35 -8.19
C THR E 48 -29.27 2.86 -8.20
N VAL E 49 -28.21 3.53 -7.71
CA VAL E 49 -28.23 4.96 -7.50
C VAL E 49 -26.86 5.52 -7.81
N GLY E 50 -26.81 6.79 -8.15
CA GLY E 50 -25.61 7.40 -8.71
C GLY E 50 -25.07 8.52 -7.85
N ARG E 51 -23.82 8.88 -8.08
CA ARG E 51 -23.13 9.94 -7.36
C ARG E 51 -22.25 10.72 -8.31
N ALA E 52 -21.49 11.65 -7.75
CA ALA E 52 -20.46 12.35 -8.48
C ALA E 52 -19.50 12.96 -7.48
N SER E 53 -18.24 13.13 -7.88
CA SER E 53 -17.23 13.65 -6.99
C SER E 53 -16.04 14.10 -7.83
N GLY E 54 -15.20 14.92 -7.22
CA GLY E 54 -14.03 15.41 -7.91
C GLY E 54 -13.28 16.39 -7.03
N ASN E 55 -12.26 16.99 -7.62
CA ASN E 55 -11.43 17.94 -6.88
C ASN E 55 -10.69 18.82 -7.86
N PHE E 56 -9.83 19.68 -7.33
CA PHE E 56 -8.91 20.46 -8.14
C PHE E 56 -7.88 21.10 -7.22
N GLU E 57 -6.73 21.41 -7.78
CA GLU E 57 -5.58 21.90 -7.02
C GLU E 57 -5.10 23.21 -7.61
N VAL E 58 -4.97 24.23 -6.76
CA VAL E 58 -4.62 25.56 -7.21
C VAL E 58 -3.42 26.06 -6.40
N TYR E 59 -2.77 27.09 -6.91
CA TYR E 59 -1.77 27.79 -6.11
C TYR E 59 -2.47 28.65 -5.08
N LEU E 60 -1.96 28.66 -3.87
CA LEU E 60 -2.60 29.35 -2.76
C LEU E 60 -2.36 30.84 -2.92
N ASP E 61 -3.43 31.60 -3.08
CA ASP E 61 -3.35 33.06 -3.10
C ASP E 61 -4.56 33.61 -2.36
N PRO E 62 -4.37 34.44 -1.34
CA PRO E 62 -5.53 34.92 -0.59
C PRO E 62 -6.44 35.84 -1.38
N ALA E 63 -5.92 36.52 -2.39
CA ALA E 63 -6.71 37.46 -3.19
C ALA E 63 -7.21 36.78 -4.46
N ASP E 64 -8.14 35.84 -4.27
CA ASP E 64 -8.69 35.06 -5.36
C ASP E 64 -10.09 34.62 -4.99
N PRO E 65 -10.91 34.24 -5.97
CA PRO E 65 -12.16 33.56 -5.65
C PRO E 65 -11.95 32.15 -5.13
N SER E 66 -10.74 31.62 -5.27
CA SER E 66 -10.44 30.31 -4.70
C SER E 66 -10.42 30.37 -3.18
N ASP E 67 -10.21 31.56 -2.63
CA ASP E 67 -10.05 31.70 -1.19
C ASP E 67 -11.39 31.60 -0.47
N ASP E 68 -12.48 31.96 -1.15
CA ASP E 68 -13.77 32.04 -0.49
C ASP E 68 -14.39 30.66 -0.31
N LEU E 69 -13.82 29.64 -0.95
CA LEU E 69 -14.34 28.30 -0.79
C LEU E 69 -14.08 27.79 0.62
N GLU E 70 -15.14 27.40 1.31
CA GLU E 70 -15.04 26.86 2.65
C GLU E 70 -15.81 25.56 2.75
N PRO E 71 -15.32 24.61 3.54
CA PRO E 71 -16.04 23.34 3.68
C PRO E 71 -17.46 23.56 4.16
N GLY E 72 -18.41 22.93 3.46
CA GLY E 72 -19.81 23.08 3.78
C GLY E 72 -20.57 24.01 2.87
N ASP E 73 -19.88 24.79 2.05
CA ASP E 73 -20.56 25.70 1.14
C ASP E 73 -21.23 24.93 0.00
N LEU E 74 -22.31 25.50 -0.51
CA LEU E 74 -22.97 24.99 -1.71
C LEU E 74 -22.68 25.95 -2.86
N VAL E 75 -22.12 25.41 -3.95
CA VAL E 75 -21.67 26.23 -5.06
C VAL E 75 -22.07 25.56 -6.36
N ASP E 76 -22.36 26.37 -7.36
CA ASP E 76 -22.70 25.89 -8.69
C ASP E 76 -21.45 25.99 -9.56
N LEU E 77 -20.98 24.85 -10.05
CA LEU E 77 -19.71 24.76 -10.75
C LEU E 77 -19.96 24.58 -12.24
N GLU E 78 -18.97 24.92 -13.04
CA GLU E 78 -18.94 24.62 -14.47
C GLU E 78 -17.51 24.31 -14.85
N LEU E 79 -17.29 23.16 -15.47
CA LEU E 79 -15.97 22.73 -15.86
C LEU E 79 -15.84 22.79 -17.38
N TYR E 80 -14.88 23.54 -17.87
CA TYR E 80 -14.63 23.61 -19.29
C TYR E 80 -13.37 22.82 -19.59
N PRO E 81 -13.47 21.56 -20.01
CA PRO E 81 -12.23 20.79 -20.24
C PRO E 81 -11.38 21.36 -21.34
N GLY E 82 -12.00 21.92 -22.39
CA GLY E 82 -11.27 22.43 -23.52
C GLY E 82 -11.34 23.92 -23.74
N GLY E 83 -11.66 24.70 -22.71
CA GLY E 83 -11.76 26.14 -22.86
C GLY E 83 -13.19 26.60 -23.03
N GLU E 84 -13.33 27.89 -23.26
CA GLU E 84 -14.64 28.52 -23.39
C GLU E 84 -15.00 28.83 -24.84
N SER E 85 -14.19 28.40 -25.79
CA SER E 85 -14.49 28.64 -27.19
C SER E 85 -15.80 27.94 -27.56
N THR E 86 -16.55 28.57 -28.47
CA THR E 86 -17.87 28.07 -28.81
C THR E 86 -17.80 26.65 -29.34
N GLY E 87 -18.80 25.84 -28.97
CA GLY E 87 -18.84 24.46 -29.38
C GLY E 87 -18.05 23.52 -28.50
N SER E 88 -17.51 24.01 -27.38
CA SER E 88 -16.73 23.18 -26.47
C SER E 88 -17.62 22.71 -25.34
N GLY E 89 -17.72 21.39 -25.18
CA GLY E 89 -18.59 20.84 -24.15
C GLY E 89 -18.10 21.24 -22.76
N TYR E 90 -19.04 21.41 -21.85
CA TYR E 90 -18.74 21.75 -20.47
C TYR E 90 -19.70 21.03 -19.55
N ARG E 91 -19.16 20.39 -18.51
CA ARG E 91 -19.97 19.71 -17.52
C ARG E 91 -20.33 20.70 -16.42
N SER E 92 -21.62 20.97 -16.26
CA SER E 92 -22.11 21.89 -15.25
C SER E 92 -22.75 21.09 -14.13
N VAL E 93 -22.31 21.34 -12.91
CA VAL E 93 -22.81 20.64 -11.73
C VAL E 93 -23.58 21.64 -10.87
N ALA E 94 -24.81 21.30 -10.54
CA ALA E 94 -25.64 22.15 -9.70
C ALA E 94 -25.65 21.62 -8.28
N GLY E 95 -25.56 22.53 -7.31
CA GLY E 95 -25.56 22.12 -5.92
C GLY E 95 -24.34 21.34 -5.50
N ALA E 96 -23.17 21.70 -6.01
CA ALA E 96 -21.95 21.04 -5.61
C ALA E 96 -21.64 21.36 -4.16
N LEU E 97 -21.28 20.33 -3.40
CA LEU E 97 -21.03 20.42 -1.97
C LEU E 97 -19.54 20.30 -1.72
N ILE E 98 -18.93 21.37 -1.20
CA ILE E 98 -17.49 21.38 -0.96
C ILE E 98 -17.26 20.69 0.38
N LEU E 99 -16.35 19.71 0.37
CA LEU E 99 -16.29 18.78 1.50
C LEU E 99 -15.06 19.01 2.36
N SER E 100 -13.93 19.36 1.75
CA SER E 100 -12.70 19.51 2.51
C SER E 100 -11.68 20.28 1.69
N THR E 101 -10.78 20.97 2.38
CA THR E 101 -9.67 21.68 1.76
C THR E 101 -8.39 21.29 2.48
N ALA E 102 -7.26 21.41 1.81
CA ALA E 102 -5.98 20.99 2.37
C ALA E 102 -4.85 21.85 1.82
N GLU E 103 -4.39 22.80 2.61
CA GLU E 103 -3.32 23.69 2.21
C GLU E 103 -2.00 23.13 2.71
N SER E 104 -0.92 23.37 1.95
CA SER E 104 0.38 22.85 2.34
C SER E 104 1.46 23.62 1.60
N ALA E 105 2.71 23.37 2.01
CA ALA E 105 3.84 24.08 1.43
C ALA E 105 5.10 23.31 1.76
N SER E 106 6.21 23.74 1.15
CA SER E 106 7.51 23.15 1.39
C SER E 106 8.54 24.27 1.42
N LYS E 107 9.78 23.91 1.75
CA LYS E 107 10.80 24.93 1.85
C LYS E 107 11.31 25.33 0.48
N ASP E 108 10.99 24.55 -0.55
CA ASP E 108 11.36 24.88 -1.91
C ASP E 108 10.22 24.71 -2.89
N GLY E 109 9.02 25.15 -2.53
CA GLY E 109 7.88 25.01 -3.41
C GLY E 109 6.94 26.19 -3.26
N ILE E 110 5.77 26.05 -3.85
CA ILE E 110 4.74 27.09 -3.82
C ILE E 110 3.59 26.58 -2.97
N PRO E 111 3.03 27.40 -2.08
CA PRO E 111 1.91 26.94 -1.27
C PRO E 111 0.73 26.54 -2.14
N MET E 112 0.29 25.30 -2.00
CA MET E 112 -0.76 24.76 -2.83
C MET E 112 -2.01 24.51 -2.00
N LEU E 113 -3.15 24.47 -2.69
CA LEU E 113 -4.45 24.30 -2.07
C LEU E 113 -5.23 23.26 -2.87
N THR E 114 -5.79 22.29 -2.17
CA THR E 114 -6.56 21.23 -2.81
C THR E 114 -7.99 21.28 -2.28
N VAL E 115 -8.93 21.64 -3.14
CA VAL E 115 -10.33 21.64 -2.81
C VAL E 115 -10.90 20.30 -3.24
N ASN E 116 -11.81 19.77 -2.45
CA ASN E 116 -12.37 18.45 -2.70
C ASN E 116 -13.87 18.52 -2.44
N TRP E 117 -14.67 18.20 -3.44
CA TRP E 117 -16.09 18.45 -3.39
C TRP E 117 -16.88 17.18 -3.65
N ARG E 118 -18.18 17.34 -3.83
CA ARG E 118 -19.13 16.25 -3.96
C ARG E 118 -20.39 16.81 -4.58
N THR E 119 -21.33 15.93 -4.93
CA THR E 119 -22.62 16.36 -5.44
C THR E 119 -23.71 15.99 -4.44
N SER E 120 -24.77 16.79 -4.43
CA SER E 120 -25.84 16.64 -3.45
C SER E 120 -27.18 16.84 -4.13
N GLY E 121 -27.81 15.75 -4.54
CA GLY E 121 -29.14 15.80 -5.10
C GLY E 121 -29.22 15.85 -6.60
N ALA E 122 -28.18 16.31 -7.29
CA ALA E 122 -28.21 16.43 -8.73
C ALA E 122 -26.96 15.78 -9.32
N LEU E 123 -26.99 15.57 -10.63
CA LEU E 123 -25.87 14.93 -11.30
C LEU E 123 -25.32 15.84 -12.38
N PRO E 124 -24.05 15.66 -12.77
CA PRO E 124 -23.45 16.55 -13.76
C PRO E 124 -24.20 16.52 -15.07
N GLN E 125 -24.60 17.70 -15.54
CA GLN E 125 -25.38 17.87 -16.75
C GLN E 125 -24.45 18.33 -17.87
N LYS E 126 -24.16 17.43 -18.81
CA LYS E 126 -23.35 17.81 -19.96
C LYS E 126 -24.10 18.81 -20.82
N ALA E 127 -23.35 19.56 -21.62
CA ALA E 127 -23.95 20.56 -22.50
C ALA E 127 -22.90 20.98 -23.52
N THR E 128 -23.29 21.90 -24.38
CA THR E 128 -22.40 22.45 -25.41
C THR E 128 -22.52 23.96 -25.42
N VAL E 129 -21.42 24.65 -25.16
CA VAL E 129 -21.44 26.10 -25.14
C VAL E 129 -21.82 26.63 -26.50
N SER E 130 -22.47 27.78 -26.51
CA SER E 130 -22.89 28.41 -27.76
C SER E 130 -21.73 29.13 -28.43
N MET F 1 0.48 33.48 -6.20
CA MET F 1 1.69 32.69 -6.13
C MET F 1 2.61 33.21 -5.05
N LEU F 2 2.41 32.73 -3.83
CA LEU F 2 3.27 33.15 -2.73
C LEU F 2 4.62 32.47 -2.82
N LYS F 3 5.62 33.10 -2.21
CA LYS F 3 7.00 32.63 -2.38
C LYS F 3 7.18 31.22 -1.86
N GLY F 4 6.63 30.92 -0.69
CA GLY F 4 6.76 29.60 -0.12
C GLY F 4 7.97 29.41 0.77
N LYS F 5 9.08 30.10 0.49
CA LYS F 5 10.26 30.03 1.33
C LYS F 5 10.25 31.10 2.41
N ASP F 6 9.19 31.90 2.50
CA ASP F 6 9.07 32.94 3.50
C ASP F 6 8.12 32.56 4.62
N GLY F 7 7.51 31.38 4.54
CA GLY F 7 6.54 30.95 5.52
C GLY F 7 7.04 31.06 6.94
N VAL F 8 6.24 31.64 7.82
CA VAL F 8 6.60 31.86 9.22
C VAL F 8 5.50 31.29 10.08
N VAL F 9 5.88 30.54 11.11
CA VAL F 9 4.95 30.03 12.10
C VAL F 9 5.32 30.66 13.43
N LYS F 10 4.32 30.94 14.25
CA LYS F 10 4.56 31.57 15.54
C LYS F 10 3.75 30.89 16.62
N ASN F 11 4.31 30.87 17.82
CA ASN F 11 3.54 30.57 19.02
C ASN F 11 2.92 31.88 19.49
N ALA F 12 1.63 32.03 19.26
CA ALA F 12 0.99 33.33 19.50
C ALA F 12 1.00 33.69 20.97
N SER F 13 0.92 32.68 21.85
CA SER F 13 0.85 32.97 23.27
C SER F 13 2.12 33.67 23.76
N THR F 14 3.29 33.18 23.37
CA THR F 14 4.54 33.74 23.84
C THR F 14 5.22 34.64 22.81
N GLY F 15 4.81 34.58 21.55
CA GLY F 15 5.41 35.45 20.56
C GLY F 15 6.84 35.11 20.21
N ASP F 16 7.06 34.00 19.53
CA ASP F 16 8.39 33.54 19.17
C ASP F 16 8.30 32.60 17.98
N SER F 17 9.01 32.94 16.90
CA SER F 17 9.03 32.08 15.73
C SER F 17 9.53 30.68 16.10
N ILE F 18 9.24 29.71 15.24
CA ILE F 18 9.56 28.33 15.57
C ILE F 18 11.06 28.06 15.45
N GLY F 19 11.60 28.21 14.27
CA GLY F 19 13.00 27.93 14.07
C GLY F 19 13.25 27.43 12.67
N HIS F 20 14.20 26.50 12.56
CA HIS F 20 14.57 25.99 11.25
C HIS F 20 13.42 25.15 10.73
N LEU F 21 12.58 25.75 9.90
CA LEU F 21 11.38 25.08 9.42
C LEU F 21 11.70 24.36 8.12
N GLN F 22 10.93 23.32 7.82
CA GLN F 22 11.14 22.61 6.56
C GLN F 22 9.86 22.57 5.73
N SER F 23 8.72 22.42 6.38
CA SER F 23 7.45 22.36 5.67
C SER F 23 6.33 22.43 6.70
N TRP F 24 5.20 23.00 6.29
CA TRP F 24 4.01 23.01 7.11
C TRP F 24 2.87 22.44 6.31
N ALA F 25 1.73 22.27 6.98
CA ALA F 25 0.55 21.73 6.32
C ALA F 25 -0.65 22.04 7.19
N LEU F 26 -1.82 22.05 6.56
CA LEU F 26 -3.04 22.36 7.27
C LEU F 26 -4.17 21.63 6.55
N ASP F 27 -5.32 21.54 7.21
CA ASP F 27 -6.44 20.82 6.64
C ASP F 27 -7.73 21.26 7.33
N THR F 28 -8.84 21.05 6.64
CA THR F 28 -10.16 21.27 7.19
C THR F 28 -11.10 20.24 6.61
N GLN F 29 -12.02 19.72 7.42
CA GLN F 29 -12.94 18.71 6.95
C GLN F 29 -14.32 19.00 7.51
N ARG F 30 -15.33 18.39 6.92
CA ARG F 30 -16.65 18.28 7.50
C ARG F 30 -17.20 16.92 7.12
N ASP F 31 -17.83 16.25 8.07
CA ASP F 31 -18.38 14.93 7.78
C ASP F 31 -19.58 15.05 6.86
N GLU F 32 -19.85 13.99 6.10
CA GLU F 32 -20.97 13.96 5.17
C GLU F 32 -21.99 12.94 5.65
N VAL F 33 -23.21 13.08 5.15
CA VAL F 33 -24.32 12.17 5.47
C VAL F 33 -25.17 12.05 4.22
N SER F 34 -25.38 10.82 3.76
CA SER F 34 -26.08 10.58 2.52
C SER F 34 -27.30 9.71 2.75
N GLY F 35 -28.37 9.99 2.02
CA GLY F 35 -29.59 9.21 2.11
C GLY F 35 -30.38 9.20 0.83
N TRP F 36 -31.20 8.17 0.63
CA TRP F 36 -32.05 8.07 -0.53
C TRP F 36 -33.15 7.05 -0.27
N GLY F 37 -34.22 7.14 -1.05
CA GLY F 37 -35.38 6.30 -0.88
C GLY F 37 -35.56 5.34 -2.05
N MET F 38 -36.50 4.42 -1.87
CA MET F 38 -36.83 3.48 -2.94
C MET F 38 -37.51 4.22 -4.07
N GLY F 39 -36.79 4.43 -5.17
CA GLY F 39 -37.32 5.12 -6.31
C GLY F 39 -36.71 6.46 -6.61
N ASP F 40 -35.49 6.71 -6.15
CA ASP F 40 -34.81 7.98 -6.38
C ASP F 40 -33.69 7.78 -7.38
N ASP F 41 -33.31 8.85 -8.08
CA ASP F 41 -32.26 8.74 -9.07
C ASP F 41 -30.90 9.06 -8.46
N ALA F 42 -30.79 10.18 -7.76
CA ALA F 42 -29.54 10.57 -7.12
C ALA F 42 -29.72 10.59 -5.61
N GLU F 43 -28.61 10.61 -4.90
CA GLU F 43 -28.62 10.57 -3.45
C GLU F 43 -28.23 11.93 -2.91
N ARG F 44 -28.86 12.32 -1.81
CA ARG F 44 -28.64 13.64 -1.22
C ARG F 44 -27.57 13.58 -0.14
N ALA F 45 -27.07 14.75 0.25
CA ALA F 45 -26.02 14.82 1.24
C ALA F 45 -26.08 16.14 1.99
N PHE F 46 -25.30 16.22 3.07
CA PHE F 46 -25.05 17.46 3.78
C PHE F 46 -23.91 17.26 4.75
N THR F 47 -23.42 18.37 5.31
CA THR F 47 -22.23 18.37 6.16
C THR F 47 -22.62 18.68 7.59
N THR F 48 -22.12 17.88 8.53
CA THR F 48 -22.52 17.97 9.93
C THR F 48 -21.60 18.83 10.78
N VAL F 49 -20.34 18.43 10.96
CA VAL F 49 -19.44 19.07 11.91
C VAL F 49 -18.04 19.09 11.32
N GLY F 50 -17.24 20.03 11.78
CA GLY F 50 -15.96 20.34 11.16
C GLY F 50 -14.79 20.11 12.09
N ARG F 51 -13.59 20.00 11.50
CA ARG F 51 -12.36 19.80 12.23
C ARG F 51 -11.25 20.61 11.60
N ALA F 52 -10.04 20.41 12.11
CA ALA F 52 -8.84 20.96 11.51
C ALA F 52 -7.65 20.18 12.03
N SER F 53 -6.59 20.11 11.23
CA SER F 53 -5.41 19.36 11.60
C SER F 53 -4.26 19.78 10.71
N GLY F 54 -3.05 19.46 11.14
CA GLY F 54 -1.88 19.81 10.37
C GLY F 54 -0.63 19.40 11.13
N ASN F 55 0.50 19.79 10.57
CA ASN F 55 1.78 19.45 11.17
C ASN F 55 2.84 20.39 10.65
N PHE F 56 4.08 20.15 11.05
CA PHE F 56 5.24 20.83 10.50
C PHE F 56 6.49 20.12 10.94
N GLU F 57 7.55 20.27 10.17
CA GLU F 57 8.80 19.55 10.37
C GLU F 57 9.95 20.54 10.48
N VAL F 58 10.74 20.41 11.54
CA VAL F 58 11.83 21.34 11.81
C VAL F 58 13.10 20.56 12.02
N TYR F 59 14.23 21.27 11.95
CA TYR F 59 15.49 20.68 12.37
C TYR F 59 15.56 20.65 13.89
N LEU F 60 16.04 19.54 14.42
CA LEU F 60 16.04 19.33 15.87
C LEU F 60 17.14 20.19 16.47
N ASP F 61 16.77 21.12 17.33
CA ASP F 61 17.72 21.90 18.09
C ASP F 61 17.17 22.10 19.50
N PRO F 62 17.90 21.73 20.54
CA PRO F 62 17.35 21.86 21.89
C PRO F 62 17.15 23.29 22.34
N ALA F 63 17.92 24.23 21.79
CA ALA F 63 17.83 25.64 22.19
C ALA F 63 16.93 26.40 21.21
N ASP F 64 15.64 26.08 21.28
CA ASP F 64 14.66 26.69 20.39
C ASP F 64 13.31 26.69 21.10
N PRO F 65 12.37 27.52 20.64
CA PRO F 65 10.99 27.37 21.11
C PRO F 65 10.32 26.14 20.56
N SER F 66 10.92 25.50 19.55
CA SER F 66 10.38 24.24 19.05
C SER F 66 10.53 23.13 20.06
N ASP F 67 11.47 23.29 21.00
CA ASP F 67 11.77 22.23 21.95
C ASP F 67 10.71 22.14 23.04
N ASP F 68 10.05 23.26 23.34
CA ASP F 68 9.12 23.28 24.47
C ASP F 68 7.80 22.61 24.12
N LEU F 69 7.57 22.32 22.84
CA LEU F 69 6.34 21.66 22.45
C LEU F 69 6.33 20.22 22.96
N GLU F 70 5.29 19.90 23.73
CA GLU F 70 5.13 18.56 24.28
C GLU F 70 3.72 18.07 23.98
N PRO F 71 3.56 16.77 23.74
CA PRO F 71 2.22 16.24 23.47
C PRO F 71 1.28 16.53 24.62
N GLY F 72 0.11 17.05 24.29
CA GLY F 72 -0.87 17.42 25.28
C GLY F 72 -0.95 18.90 25.58
N ASP F 73 0.02 19.69 25.13
CA ASP F 73 -0.01 21.12 25.39
C ASP F 73 -1.08 21.79 24.54
N LEU F 74 -1.61 22.89 25.06
CA LEU F 74 -2.52 23.76 24.32
C LEU F 74 -1.78 25.03 23.94
N VAL F 75 -1.74 25.35 22.65
CA VAL F 75 -0.95 26.45 22.15
C VAL F 75 -1.76 27.20 21.10
N ASP F 76 -1.56 28.52 21.05
CA ASP F 76 -2.20 29.38 20.07
C ASP F 76 -1.23 29.61 18.92
N LEU F 77 -1.60 29.18 17.73
CA LEU F 77 -0.71 29.19 16.58
C LEU F 77 -1.12 30.29 15.63
N GLU F 78 -0.17 30.71 14.79
CA GLU F 78 -0.44 31.61 13.67
C GLU F 78 0.47 31.18 12.53
N LEU F 79 -0.12 30.94 11.37
CA LEU F 79 0.63 30.50 10.20
C LEU F 79 0.65 31.62 9.17
N TYR F 80 1.85 32.03 8.78
CA TYR F 80 1.99 33.05 7.76
C TYR F 80 2.47 32.37 6.48
N PRO F 81 1.59 32.03 5.56
CA PRO F 81 2.05 31.32 4.36
C PRO F 81 2.99 32.14 3.51
N GLY F 82 2.79 33.45 3.45
CA GLY F 82 3.61 34.32 2.63
C GLY F 82 4.46 35.32 3.36
N GLY F 83 4.76 35.11 4.63
CA GLY F 83 5.58 36.04 5.39
C GLY F 83 4.72 36.94 6.25
N GLU F 84 5.40 37.88 6.90
CA GLU F 84 4.76 38.81 7.82
C GLU F 84 4.59 40.20 7.22
N SER F 85 4.89 40.37 5.94
CA SER F 85 4.70 41.67 5.30
C SER F 85 3.23 42.05 5.32
N THR F 86 2.96 43.35 5.44
CA THR F 86 1.60 43.83 5.60
C THR F 86 0.74 43.41 4.42
N GLY F 87 -0.51 43.09 4.71
CA GLY F 87 -1.43 42.63 3.69
C GLY F 87 -1.33 41.16 3.35
N SER F 88 -0.54 40.40 4.09
CA SER F 88 -0.39 38.97 3.84
C SER F 88 -1.30 38.20 4.76
N GLY F 89 -2.19 37.39 4.18
CA GLY F 89 -3.13 36.64 4.98
C GLY F 89 -2.42 35.64 5.87
N TYR F 90 -2.99 35.40 7.04
CA TYR F 90 -2.45 34.44 8.00
C TYR F 90 -3.58 33.71 8.68
N ARG F 91 -3.50 32.40 8.74
CA ARG F 91 -4.49 31.58 9.42
C ARG F 91 -4.08 31.43 10.87
N SER F 92 -4.91 31.94 11.78
CA SER F 92 -4.65 31.87 13.21
C SER F 92 -5.58 30.84 13.82
N VAL F 93 -5.00 29.89 14.55
CA VAL F 93 -5.75 28.82 15.19
C VAL F 93 -5.67 29.01 16.69
N ALA F 94 -6.82 29.03 17.35
CA ALA F 94 -6.89 29.18 18.79
C ALA F 94 -7.13 27.82 19.43
N GLY F 95 -6.44 27.57 20.53
CA GLY F 95 -6.59 26.31 21.22
C GLY F 95 -6.10 25.11 20.46
N ALA F 96 -4.98 25.26 19.73
CA ALA F 96 -4.42 24.13 19.01
C ALA F 96 -3.89 23.10 20.00
N LEU F 97 -4.19 21.83 19.73
CA LEU F 97 -3.85 20.73 20.61
C LEU F 97 -2.75 19.92 19.97
N ILE F 98 -1.57 19.88 20.59
CA ILE F 98 -0.43 19.17 20.04
C ILE F 98 -0.58 17.70 20.41
N LEU F 99 -0.48 16.84 19.42
CA LEU F 99 -0.94 15.46 19.60
C LEU F 99 0.22 14.49 19.68
N SER F 100 1.28 14.70 18.91
CA SER F 100 2.38 13.76 18.89
C SER F 100 3.60 14.41 18.26
N THR F 101 4.78 13.94 18.65
CA THR F 101 6.05 14.39 18.09
C THR F 101 6.85 13.15 17.71
N ALA F 102 7.77 13.30 16.76
CA ALA F 102 8.54 12.17 16.27
C ALA F 102 9.92 12.63 15.81
N GLU F 103 10.92 12.40 16.63
CA GLU F 103 12.29 12.78 16.34
C GLU F 103 13.01 11.61 15.69
N SER F 104 13.94 11.91 14.79
CA SER F 104 14.66 10.84 14.10
C SER F 104 15.94 11.42 13.50
N ALA F 105 16.79 10.51 13.01
CA ALA F 105 18.07 10.90 12.45
C ALA F 105 18.61 9.77 11.60
N SER F 106 19.69 10.05 10.89
CA SER F 106 20.36 9.06 10.07
C SER F 106 21.86 9.26 10.20
N LYS F 107 22.63 8.36 9.59
CA LYS F 107 24.07 8.47 9.72
C LYS F 107 24.63 9.52 8.78
N ASP F 108 23.82 9.98 7.83
CA ASP F 108 24.23 11.04 6.93
C ASP F 108 23.16 12.11 6.77
N GLY F 109 22.53 12.53 7.84
CA GLY F 109 21.48 13.53 7.76
C GLY F 109 21.50 14.42 8.99
N ILE F 110 20.45 15.23 9.10
CA ILE F 110 20.31 16.15 10.22
C ILE F 110 19.14 15.68 11.08
N PRO F 111 19.27 15.67 12.40
CA PRO F 111 18.16 15.23 13.24
C PRO F 111 16.94 16.10 13.03
N MET F 112 15.83 15.47 12.66
CA MET F 112 14.62 16.19 12.33
C MET F 112 13.54 15.89 13.36
N LEU F 113 12.58 16.81 13.46
CA LEU F 113 11.49 16.74 14.41
C LEU F 113 10.19 17.06 13.70
N THR F 114 9.20 16.21 13.89
CA THR F 114 7.90 16.40 13.27
C THR F 114 6.85 16.56 14.35
N VAL F 115 6.29 17.75 14.46
CA VAL F 115 5.21 18.03 15.39
C VAL F 115 3.90 17.84 14.64
N ASN F 116 2.91 17.29 15.31
CA ASN F 116 1.63 16.96 14.69
C ASN F 116 0.53 17.36 15.64
N TRP F 117 -0.36 18.24 15.20
CA TRP F 117 -1.32 18.87 16.09
C TRP F 117 -2.73 18.65 15.59
N ARG F 118 -3.66 19.36 16.22
CA ARG F 118 -5.08 19.22 16.00
C ARG F 118 -5.77 20.45 16.54
N THR F 119 -7.07 20.59 16.29
CA THR F 119 -7.84 21.68 16.83
C THR F 119 -8.86 21.15 17.83
N SER F 120 -9.19 21.97 18.82
CA SER F 120 -10.06 21.55 19.92
C SER F 120 -11.02 22.67 20.26
N GLY F 121 -12.22 22.61 19.69
CA GLY F 121 -13.27 23.55 20.01
C GLY F 121 -13.40 24.73 19.09
N ALA F 122 -12.34 25.11 18.37
CA ALA F 122 -12.38 26.27 17.50
C ALA F 122 -11.85 25.90 16.13
N LEU F 123 -12.09 26.77 15.16
CA LEU F 123 -11.65 26.50 13.81
C LEU F 123 -10.72 27.60 13.32
N PRO F 124 -9.87 27.32 12.33
CA PRO F 124 -8.92 28.33 11.87
C PRO F 124 -9.61 29.58 11.36
N GLN F 125 -9.21 30.72 11.92
CA GLN F 125 -9.80 32.00 11.59
C GLN F 125 -8.87 32.75 10.65
N LYS F 126 -9.26 32.85 9.38
CA LYS F 126 -8.47 33.62 8.43
C LYS F 126 -8.49 35.09 8.80
N ALA F 127 -7.49 35.83 8.32
CA ALA F 127 -7.39 37.25 8.60
C ALA F 127 -6.38 37.85 7.65
N THR F 128 -6.17 39.16 7.78
CA THR F 128 -5.21 39.87 6.97
C THR F 128 -4.37 40.77 7.87
N VAL F 129 -3.05 40.54 7.86
CA VAL F 129 -2.17 41.32 8.71
C VAL F 129 -2.22 42.79 8.29
N SER F 130 -2.01 43.67 9.26
CA SER F 130 -2.04 45.11 9.00
C SER F 130 -0.73 45.56 8.38
N MET G 1 40.81 44.76 -17.12
CA MET G 1 41.70 43.72 -17.60
C MET G 1 42.86 43.50 -16.63
N LEU G 2 42.63 42.64 -15.65
CA LEU G 2 43.67 42.34 -14.68
C LEU G 2 44.72 41.44 -15.30
N LYS G 3 45.93 41.49 -14.74
CA LYS G 3 47.06 40.80 -15.35
C LYS G 3 46.83 39.30 -15.43
N GLY G 4 46.33 38.70 -14.35
CA GLY G 4 46.09 37.28 -14.32
C GLY G 4 47.26 36.43 -13.86
N LYS G 5 48.48 36.87 -14.10
CA LYS G 5 49.66 36.18 -13.60
C LYS G 5 50.11 36.69 -12.25
N ASP G 6 49.37 37.62 -11.65
CA ASP G 6 49.69 38.16 -10.34
C ASP G 6 48.77 37.62 -9.26
N GLY G 7 47.83 36.77 -9.61
CA GLY G 7 46.87 36.24 -8.66
C GLY G 7 47.52 35.62 -7.45
N VAL G 8 47.03 35.99 -6.27
CA VAL G 8 47.58 35.52 -5.01
C VAL G 8 46.44 34.95 -4.19
N VAL G 9 46.67 33.78 -3.60
CA VAL G 9 45.72 33.16 -2.68
C VAL G 9 46.41 33.09 -1.32
N LYS G 10 45.63 33.26 -0.26
CA LYS G 10 46.18 33.22 1.08
C LYS G 10 45.31 32.39 1.99
N ASN G 11 45.95 31.74 2.95
CA ASN G 11 45.24 31.20 4.10
C ASN G 11 45.12 32.30 5.13
N ALA G 12 43.92 32.87 5.26
CA ALA G 12 43.77 34.07 6.07
C ALA G 12 44.03 33.78 7.54
N SER G 13 43.73 32.58 7.99
CA SER G 13 43.90 32.27 9.41
C SER G 13 45.35 32.36 9.83
N THR G 14 46.26 31.79 9.05
CA THR G 14 47.68 31.76 9.40
C THR G 14 48.50 32.79 8.64
N GLY G 15 47.96 33.36 7.56
CA GLY G 15 48.71 34.38 6.84
C GLY G 15 49.92 33.86 6.10
N ASP G 16 49.70 33.10 5.03
CA ASP G 16 50.77 32.50 4.26
C ASP G 16 50.28 32.18 2.86
N SER G 17 50.94 32.74 1.85
CA SER G 17 50.58 32.45 0.47
C SER G 17 50.64 30.95 0.20
N ILE G 18 49.97 30.52 -0.86
CA ILE G 18 49.87 29.09 -1.12
C ILE G 18 51.18 28.53 -1.64
N GLY G 19 51.62 28.98 -2.79
CA GLY G 19 52.84 28.47 -3.38
C GLY G 19 52.77 28.54 -4.89
N HIS G 20 53.35 27.53 -5.53
CA HIS G 20 53.41 27.50 -6.97
C HIS G 20 52.00 27.28 -7.50
N LEU G 21 51.33 28.35 -7.85
CA LEU G 21 49.94 28.26 -8.27
C LEU G 21 49.88 28.08 -9.77
N GLN G 22 48.79 27.49 -10.26
CA GLN G 22 48.64 27.31 -11.70
C GLN G 22 47.35 27.95 -12.19
N SER G 23 46.28 27.84 -11.41
CA SER G 23 45.00 28.41 -11.80
C SER G 23 44.07 28.33 -10.61
N TRP G 24 43.15 29.28 -10.53
CA TRP G 24 42.11 29.26 -9.52
C TRP G 24 40.77 29.37 -10.21
N ALA G 25 39.71 29.25 -9.41
CA ALA G 25 38.36 29.35 -9.94
C ALA G 25 37.41 29.57 -8.79
N LEU G 26 36.25 30.13 -9.10
CA LEU G 26 35.26 30.44 -8.09
C LEU G 26 33.90 30.37 -8.76
N ASP G 27 32.85 30.31 -7.94
CA ASP G 27 31.51 30.19 -8.47
C ASP G 27 30.50 30.63 -7.42
N THR G 28 29.32 31.01 -7.88
CA THR G 28 28.20 31.32 -7.01
C THR G 28 26.92 30.89 -7.71
N GLN G 29 25.98 30.34 -6.96
CA GLN G 29 24.74 29.89 -7.55
C GLN G 29 23.59 30.26 -6.64
N ARG G 30 22.39 30.22 -7.19
CA ARG G 30 21.16 30.23 -6.41
C ARG G 30 20.17 29.32 -7.12
N ASP G 31 19.45 28.51 -6.36
CA ASP G 31 18.49 27.61 -6.98
C ASP G 31 17.31 28.40 -7.51
N GLU G 32 16.64 27.84 -8.51
CA GLU G 32 15.48 28.47 -9.12
C GLU G 32 14.24 27.65 -8.85
N VAL G 33 13.08 28.29 -8.97
CA VAL G 33 11.79 27.65 -8.77
C VAL G 33 10.82 28.26 -9.77
N SER G 34 10.19 27.42 -10.58
CA SER G 34 9.33 27.89 -11.65
C SER G 34 7.91 27.35 -11.49
N GLY G 35 6.93 28.16 -11.82
CA GLY G 35 5.55 27.74 -11.76
C GLY G 35 4.66 28.46 -12.75
N TRP G 36 3.54 27.85 -13.11
CA TRP G 36 2.60 28.45 -14.04
C TRP G 36 1.27 27.74 -13.91
N GLY G 37 0.21 28.40 -14.37
CA GLY G 37 -1.14 27.88 -14.26
C GLY G 37 -1.74 27.56 -15.62
N MET G 38 -2.89 26.92 -15.59
CA MET G 38 -3.61 26.61 -16.83
C MET G 38 -4.13 27.90 -17.44
N GLY G 39 -3.49 28.34 -18.52
CA GLY G 39 -3.89 29.55 -19.20
C GLY G 39 -2.90 30.69 -19.12
N ASP G 40 -1.62 30.42 -18.89
CA ASP G 40 -0.61 31.45 -18.79
C ASP G 40 0.30 31.39 -20.01
N ASP G 41 0.92 32.51 -20.34
CA ASP G 41 1.79 32.55 -21.51
C ASP G 41 3.22 32.24 -21.14
N ALA G 42 3.75 32.90 -20.12
CA ALA G 42 5.12 32.68 -19.67
C ALA G 42 5.10 32.13 -18.25
N GLU G 43 6.22 31.58 -17.84
CA GLU G 43 6.34 30.95 -16.53
C GLU G 43 7.19 31.82 -15.63
N ARG G 44 6.83 31.88 -14.35
CA ARG G 44 7.53 32.75 -13.40
C ARG G 44 8.61 31.98 -12.67
N ALA G 45 9.49 32.73 -12.01
CA ALA G 45 10.61 32.11 -11.30
C ALA G 45 11.05 32.99 -10.14
N PHE G 46 11.91 32.42 -9.30
CA PHE G 46 12.61 33.16 -8.26
C PHE G 46 13.73 32.29 -7.70
N THR G 47 14.59 32.91 -6.91
CA THR G 47 15.79 32.27 -6.39
C THR G 47 15.66 32.06 -4.89
N THR G 48 15.98 30.86 -4.43
CA THR G 48 15.77 30.47 -3.05
C THR G 48 17.00 30.64 -2.15
N VAL G 49 18.07 29.90 -2.41
CA VAL G 49 19.22 29.84 -1.51
C VAL G 49 20.48 29.74 -2.34
N GLY G 50 21.59 30.18 -1.76
CA GLY G 50 22.83 30.37 -2.49
C GLY G 50 23.96 29.49 -1.98
N ARG G 51 24.98 29.34 -2.81
CA ARG G 51 26.16 28.54 -2.49
C ARG G 51 27.40 29.23 -3.02
N ALA G 52 28.52 28.54 -2.88
CA ALA G 52 29.77 28.96 -3.49
C ALA G 52 30.69 27.76 -3.55
N SER G 53 31.58 27.76 -4.53
CA SER G 53 32.49 26.64 -4.72
C SER G 53 33.63 27.08 -5.62
N GLY G 54 34.71 26.31 -5.60
CA GLY G 54 35.86 26.63 -6.42
C GLY G 54 36.97 25.65 -6.15
N ASN G 55 38.12 25.94 -6.76
CA ASN G 55 39.26 25.07 -6.62
C ASN G 55 40.52 25.84 -6.99
N PHE G 56 41.65 25.14 -6.98
CA PHE G 56 42.90 25.68 -7.48
C PHE G 56 43.90 24.54 -7.61
N GLU G 57 44.88 24.72 -8.48
CA GLU G 57 45.84 23.69 -8.83
C GLU G 57 47.24 24.21 -8.62
N VAL G 58 48.05 23.47 -7.87
CA VAL G 58 49.40 23.90 -7.52
C VAL G 58 50.38 22.81 -7.89
N TYR G 59 51.65 23.17 -7.95
CA TYR G 59 52.70 22.16 -8.05
C TYR G 59 52.90 21.51 -6.70
N LEU G 60 53.05 20.19 -6.70
CA LEU G 60 53.13 19.42 -5.46
C LEU G 60 54.49 19.64 -4.85
N ASP G 61 54.53 20.21 -3.65
CA ASP G 61 55.76 20.34 -2.89
C ASP G 61 55.44 20.09 -1.42
N PRO G 62 56.11 19.16 -0.76
CA PRO G 62 55.76 18.87 0.63
C PRO G 62 56.08 20.00 1.58
N ALA G 63 57.05 20.85 1.26
CA ALA G 63 57.45 21.94 2.14
C ALA G 63 56.74 23.23 1.72
N ASP G 64 55.44 23.26 1.96
CA ASP G 64 54.62 24.40 1.58
C ASP G 64 53.41 24.46 2.50
N PRO G 65 52.76 25.61 2.59
CA PRO G 65 51.46 25.64 3.26
C PRO G 65 50.38 24.95 2.45
N SER G 66 50.63 24.64 1.19
CA SER G 66 49.67 23.88 0.40
C SER G 66 49.56 22.46 0.90
N ASP G 67 50.59 21.98 1.59
CA ASP G 67 50.62 20.59 2.01
C ASP G 67 49.70 20.34 3.19
N ASP G 68 49.47 21.37 4.02
CA ASP G 68 48.71 21.17 5.25
C ASP G 68 47.22 21.06 4.98
N LEU G 69 46.79 21.38 3.77
CA LEU G 69 45.37 21.27 3.44
C LEU G 69 44.95 19.81 3.40
N GLU G 70 43.96 19.47 4.20
CA GLU G 70 43.42 18.12 4.25
C GLU G 70 41.91 18.15 4.11
N PRO G 71 41.32 17.16 3.46
CA PRO G 71 39.86 17.14 3.32
C PRO G 71 39.18 17.17 4.67
N GLY G 72 38.21 18.07 4.81
CA GLY G 72 37.50 18.24 6.06
C GLY G 72 37.93 19.44 6.86
N ASP G 73 39.05 20.06 6.54
CA ASP G 73 39.51 21.22 7.28
C ASP G 73 38.63 22.43 6.98
N LEU G 74 38.53 23.32 7.96
CA LEU G 74 37.89 24.61 7.78
C LEU G 74 38.95 25.69 7.74
N VAL G 75 38.96 26.48 6.68
CA VAL G 75 40.01 27.47 6.45
C VAL G 75 39.38 28.75 5.95
N ASP G 76 39.99 29.87 6.32
CA ASP G 76 39.56 31.19 5.88
C ASP G 76 40.44 31.61 4.71
N LEU G 77 39.83 31.81 3.54
CA LEU G 77 40.55 32.06 2.32
C LEU G 77 40.43 33.52 1.93
N GLU G 78 41.38 33.99 1.11
CA GLU G 78 41.30 35.28 0.47
C GLU G 78 41.91 35.15 -0.91
N LEU G 79 41.16 35.55 -1.93
CA LEU G 79 41.61 35.45 -3.31
C LEU G 79 41.89 36.85 -3.85
N TYR G 80 43.11 37.06 -4.30
CA TYR G 80 43.48 38.33 -4.91
C TYR G 80 43.59 38.13 -6.41
N PRO G 81 42.55 38.43 -7.19
CA PRO G 81 42.63 38.18 -8.63
C PRO G 81 43.71 39.01 -9.31
N GLY G 82 43.94 40.22 -8.85
CA GLY G 82 44.90 41.11 -9.48
C GLY G 82 46.10 41.48 -8.62
N GLY G 83 46.43 40.70 -7.61
CA GLY G 83 47.56 41.00 -6.77
C GLY G 83 47.14 41.67 -5.49
N GLU G 84 48.15 42.05 -4.71
CA GLU G 84 47.93 42.66 -3.40
C GLU G 84 48.14 44.17 -3.41
N SER G 85 48.36 44.76 -4.58
CA SER G 85 48.53 46.21 -4.65
C SER G 85 47.26 46.90 -4.18
N THR G 86 47.45 48.06 -3.55
CA THR G 86 46.33 48.77 -2.94
C THR G 86 45.26 49.10 -3.97
N GLY G 87 44.01 49.02 -3.56
CA GLY G 87 42.90 49.27 -4.45
C GLY G 87 42.50 48.09 -5.30
N SER G 88 43.08 46.91 -5.08
CA SER G 88 42.74 45.73 -5.85
C SER G 88 41.71 44.91 -5.09
N GLY G 89 40.56 44.66 -5.71
CA GLY G 89 39.52 43.92 -5.04
C GLY G 89 39.95 42.49 -4.74
N TYR G 90 39.46 41.95 -3.65
CA TYR G 90 39.75 40.59 -3.25
C TYR G 90 38.52 39.96 -2.63
N ARG G 91 38.19 38.75 -3.07
CA ARG G 91 37.06 38.02 -2.52
C ARG G 91 37.53 37.20 -1.34
N SER G 92 37.01 37.49 -0.16
CA SER G 92 37.37 36.79 1.05
C SER G 92 36.22 35.86 1.44
N VAL G 93 36.53 34.59 1.64
CA VAL G 93 35.55 33.58 2.00
C VAL G 93 35.83 33.12 3.42
N ALA G 94 34.82 33.17 4.27
CA ALA G 94 34.94 32.73 5.64
C ALA G 94 34.35 31.34 5.80
N GLY G 95 35.03 30.49 6.56
CA GLY G 95 34.54 29.14 6.77
C GLY G 95 34.56 28.28 5.53
N ALA G 96 35.58 28.42 4.69
CA ALA G 96 35.68 27.58 3.51
C ALA G 96 35.94 26.14 3.92
N LEU G 97 35.24 25.21 3.30
CA LEU G 97 35.29 23.80 3.63
C LEU G 97 36.01 23.07 2.51
N ILE G 98 37.16 22.49 2.82
CA ILE G 98 37.97 21.78 1.82
C ILE G 98 37.39 20.39 1.67
N LEU G 99 37.11 20.00 0.42
CA LEU G 99 36.25 18.84 0.21
C LEU G 99 37.04 17.66 -0.32
N SER G 100 38.04 17.89 -1.17
CA SER G 100 38.77 16.79 -1.78
C SER G 100 40.07 17.30 -2.37
N THR G 101 41.07 16.43 -2.43
CA THR G 101 42.35 16.73 -3.06
C THR G 101 42.67 15.59 -4.02
N ALA G 102 43.50 15.87 -5.02
CA ALA G 102 43.81 14.88 -6.05
C ALA G 102 45.21 15.13 -6.59
N GLU G 103 46.17 14.33 -6.14
CA GLU G 103 47.55 14.43 -6.57
C GLU G 103 47.79 13.48 -7.73
N SER G 104 48.68 13.87 -8.65
CA SER G 104 48.96 13.04 -9.80
C SER G 104 50.28 13.45 -10.42
N ALA G 105 50.74 12.65 -11.37
CA ALA G 105 52.02 12.89 -12.01
C ALA G 105 52.08 12.09 -13.31
N SER G 106 53.12 12.36 -14.08
CA SER G 106 53.36 11.65 -15.34
C SER G 106 54.85 11.39 -15.46
N LYS G 107 55.22 10.65 -16.51
CA LYS G 107 56.63 10.32 -16.66
C LYS G 107 57.40 11.49 -17.25
N ASP G 108 56.69 12.48 -17.78
CA ASP G 108 57.33 13.68 -18.31
C ASP G 108 56.64 14.96 -17.85
N GLY G 109 56.29 15.05 -16.58
CA GLY G 109 55.62 16.22 -16.07
C GLY G 109 56.03 16.50 -14.64
N ILE G 110 55.31 17.44 -14.03
CA ILE G 110 55.58 17.83 -12.65
C ILE G 110 54.42 17.36 -11.79
N PRO G 111 54.66 16.78 -10.62
CA PRO G 111 53.56 16.33 -9.77
C PRO G 111 52.66 17.51 -9.39
N MET G 112 51.38 17.38 -9.73
CA MET G 112 50.43 18.45 -9.50
C MET G 112 49.44 18.05 -8.44
N LEU G 113 48.83 19.06 -7.81
CA LEU G 113 47.88 18.89 -6.74
C LEU G 113 46.68 19.79 -6.99
N THR G 114 45.49 19.22 -6.90
CA THR G 114 44.25 19.97 -7.12
C THR G 114 43.43 19.94 -5.85
N VAL G 115 43.29 21.09 -5.21
CA VAL G 115 42.46 21.24 -4.03
C VAL G 115 41.09 21.70 -4.50
N ASN G 116 40.04 21.20 -3.88
CA ASN G 116 38.68 21.49 -4.27
C ASN G 116 37.86 21.74 -3.03
N TRP G 117 37.26 22.91 -2.93
CA TRP G 117 36.65 23.36 -1.69
C TRP G 117 35.20 23.72 -1.91
N ARG G 118 34.60 24.33 -0.88
CA ARG G 118 33.19 24.65 -0.83
C ARG G 118 33.00 25.70 0.25
N THR G 119 31.79 26.24 0.34
CA THR G 119 31.47 27.18 1.40
C THR G 119 30.43 26.56 2.33
N SER G 120 30.47 26.98 3.60
CA SER G 120 29.64 26.39 4.63
C SER G 120 29.11 27.48 5.54
N GLY G 121 27.91 27.96 5.27
CA GLY G 121 27.25 28.93 6.13
C GLY G 121 27.43 30.37 5.73
N ALA G 122 28.47 30.72 4.99
CA ALA G 122 28.71 32.10 4.62
C ALA G 122 28.96 32.19 3.12
N LEU G 123 28.92 33.41 2.61
CA LEU G 123 29.11 33.61 1.19
C LEU G 123 30.29 34.54 0.94
N PRO G 124 30.91 34.47 -0.24
CA PRO G 124 32.08 35.30 -0.51
C PRO G 124 31.77 36.78 -0.37
N GLN G 125 32.57 37.45 0.45
CA GLN G 125 32.39 38.87 0.75
C GLN G 125 33.42 39.67 -0.05
N LYS G 126 32.97 40.36 -1.08
CA LYS G 126 33.86 41.23 -1.85
C LYS G 126 34.34 42.37 -0.97
N ALA G 127 35.47 42.96 -1.36
CA ALA G 127 36.05 44.07 -0.62
C ALA G 127 37.10 44.72 -1.50
N THR G 128 37.72 45.77 -0.96
CA THR G 128 38.79 46.48 -1.64
C THR G 128 39.95 46.69 -0.69
N VAL G 129 41.11 46.15 -1.05
CA VAL G 129 42.28 46.27 -0.20
C VAL G 129 42.66 47.74 -0.04
N SER G 130 43.23 48.06 1.11
CA SER G 130 43.64 49.44 1.39
C SER G 130 44.96 49.75 0.72
N MET H 1 58.40 22.12 -6.82
CA MET H 1 58.42 21.56 -8.16
C MET H 1 59.25 20.28 -8.19
N LEU H 2 58.62 19.16 -7.90
CA LEU H 2 59.32 17.89 -7.92
C LEU H 2 59.53 17.44 -9.36
N LYS H 3 60.56 16.60 -9.57
CA LYS H 3 60.97 16.24 -10.92
C LYS H 3 59.85 15.54 -11.67
N GLY H 4 59.17 14.60 -11.03
CA GLY H 4 58.11 13.87 -11.68
C GLY H 4 58.53 12.62 -12.41
N LYS H 5 59.74 12.57 -12.94
CA LYS H 5 60.26 11.38 -13.57
C LYS H 5 61.03 10.49 -12.60
N ASP H 6 61.08 10.86 -11.32
CA ASP H 6 61.75 10.07 -10.31
C ASP H 6 60.78 9.31 -9.41
N GLY H 7 59.48 9.46 -9.65
CA GLY H 7 58.48 8.83 -8.83
C GLY H 7 58.69 7.34 -8.67
N VAL H 8 58.62 6.86 -7.43
CA VAL H 8 58.84 5.45 -7.12
C VAL H 8 57.66 4.96 -6.32
N VAL H 9 57.16 3.79 -6.67
CA VAL H 9 56.10 3.11 -5.93
C VAL H 9 56.69 1.82 -5.39
N LYS H 10 56.27 1.42 -4.21
CA LYS H 10 56.78 0.21 -3.59
C LYS H 10 55.63 -0.61 -3.00
N ASN H 11 55.81 -1.92 -3.03
CA ASN H 11 55.00 -2.81 -2.22
C ASN H 11 55.66 -2.90 -0.85
N ALA H 12 55.09 -2.23 0.14
CA ALA H 12 55.77 -2.08 1.42
C ALA H 12 55.91 -3.43 2.12
N SER H 13 54.95 -4.34 1.91
CA SER H 13 54.99 -5.61 2.61
C SER H 13 56.22 -6.42 2.22
N THR H 14 56.52 -6.51 0.93
CA THR H 14 57.64 -7.31 0.45
C THR H 14 58.86 -6.48 0.10
N GLY H 15 58.72 -5.17 -0.05
CA GLY H 15 59.88 -4.35 -0.34
C GLY H 15 60.45 -4.54 -1.73
N ASP H 16 59.73 -4.10 -2.75
CA ASP H 16 60.15 -4.27 -4.14
C ASP H 16 59.46 -3.23 -5.01
N SER H 17 60.25 -2.43 -5.71
CA SER H 17 59.69 -1.43 -6.62
C SER H 17 58.79 -2.10 -7.65
N ILE H 18 57.92 -1.30 -8.28
CA ILE H 18 56.94 -1.87 -9.18
C ILE H 18 57.57 -2.30 -10.49
N GLY H 19 58.13 -1.36 -11.23
CA GLY H 19 58.72 -1.68 -12.51
C GLY H 19 58.60 -0.51 -13.45
N HIS H 20 58.38 -0.82 -14.72
CA HIS H 20 58.31 0.21 -15.74
C HIS H 20 57.04 1.00 -15.52
N LEU H 21 57.14 2.12 -14.82
CA LEU H 21 55.97 2.90 -14.47
C LEU H 21 55.70 3.93 -15.55
N GLN H 22 54.45 4.36 -15.66
CA GLN H 22 54.12 5.38 -16.64
C GLN H 22 53.46 6.59 -15.99
N SER H 23 52.62 6.35 -14.99
CA SER H 23 51.94 7.43 -14.31
C SER H 23 51.25 6.87 -13.08
N TRP H 24 51.13 7.69 -12.05
CA TRP H 24 50.38 7.32 -10.87
C TRP H 24 49.34 8.41 -10.60
N ALA H 25 48.50 8.15 -9.61
CA ALA H 25 47.47 9.10 -9.25
C ALA H 25 46.94 8.73 -7.88
N LEU H 26 46.36 9.71 -7.20
CA LEU H 26 45.84 9.51 -5.86
C LEU H 26 44.69 10.48 -5.67
N ASP H 27 43.90 10.23 -4.64
CA ASP H 27 42.73 11.07 -4.39
C ASP H 27 42.30 10.91 -2.94
N THR H 28 41.56 11.91 -2.46
CA THR H 28 40.95 11.86 -1.14
C THR H 28 39.64 12.63 -1.22
N GLN H 29 38.61 12.12 -0.56
CA GLN H 29 37.31 12.76 -0.58
C GLN H 29 36.71 12.73 0.81
N ARG H 30 35.70 13.57 1.02
CA ARG H 30 34.81 13.45 2.15
C ARG H 30 33.42 13.85 1.67
N ASP H 31 32.42 13.10 2.09
CA ASP H 31 31.06 13.41 1.66
C ASP H 31 30.58 14.70 2.32
N GLU H 32 29.65 15.37 1.67
CA GLU H 32 29.09 16.62 2.19
C GLU H 32 27.62 16.41 2.53
N VAL H 33 27.10 17.30 3.38
CA VAL H 33 25.71 17.28 3.81
C VAL H 33 25.26 18.73 3.95
N SER H 34 24.19 19.09 3.26
CA SER H 34 23.72 20.47 3.23
C SER H 34 22.30 20.57 3.74
N GLY H 35 22.01 21.66 4.45
CA GLY H 35 20.68 21.88 4.95
C GLY H 35 20.36 23.35 5.11
N TRP H 36 19.07 23.70 5.10
CA TRP H 36 18.64 25.07 5.27
C TRP H 36 17.17 25.08 5.62
N GLY H 37 16.71 26.19 6.22
CA GLY H 37 15.35 26.32 6.67
C GLY H 37 14.59 27.37 5.87
N MET H 38 13.29 27.43 6.12
CA MET H 38 12.45 28.43 5.48
C MET H 38 12.80 29.80 6.02
N GLY H 39 13.48 30.60 5.22
CA GLY H 39 13.87 31.93 5.62
C GLY H 39 15.36 32.15 5.82
N ASP H 40 16.21 31.33 5.19
CA ASP H 40 17.65 31.46 5.32
C ASP H 40 18.22 31.98 4.02
N ASP H 41 19.39 32.63 4.10
CA ASP H 41 20.00 33.19 2.90
C ASP H 41 20.97 32.20 2.27
N ALA H 42 21.87 31.62 3.06
CA ALA H 42 22.83 30.65 2.56
C ALA H 42 22.57 29.30 3.22
N GLU H 43 23.14 28.26 2.63
CA GLU H 43 22.93 26.90 3.11
C GLU H 43 24.21 26.41 3.77
N ARG H 44 24.06 25.63 4.84
CA ARG H 44 25.19 25.16 5.61
C ARG H 44 25.63 23.78 5.15
N ALA H 45 26.83 23.37 5.56
CA ALA H 45 27.37 22.09 5.14
C ALA H 45 28.35 21.56 6.18
N PHE H 46 28.72 20.30 6.00
CA PHE H 46 29.81 19.69 6.77
C PHE H 46 30.18 18.37 6.12
N THR H 47 31.30 17.81 6.55
CA THR H 47 31.88 16.62 5.95
C THR H 47 31.76 15.43 6.91
N THR H 48 31.29 14.30 6.40
CA THR H 48 30.98 13.14 7.22
C THR H 48 32.12 12.13 7.31
N VAL H 49 32.48 11.49 6.19
CA VAL H 49 33.40 10.37 6.20
C VAL H 49 34.28 10.44 4.95
N GLY H 50 35.45 9.84 5.04
CA GLY H 50 36.48 10.02 4.04
C GLY H 50 36.86 8.73 3.34
N ARG H 51 37.51 8.87 2.18
CA ARG H 51 37.95 7.75 1.39
C ARG H 51 39.32 8.04 0.79
N ALA H 52 39.77 7.14 -0.06
CA ALA H 52 40.97 7.36 -0.86
C ALA H 52 40.94 6.38 -2.01
N SER H 53 41.56 6.77 -3.12
CA SER H 53 41.58 5.93 -4.31
C SER H 53 42.67 6.42 -5.24
N GLY H 54 43.04 5.57 -6.18
CA GLY H 54 44.08 5.93 -7.13
C GLY H 54 44.36 4.76 -8.05
N ASN H 55 45.39 4.93 -8.87
CA ASN H 55 45.76 3.90 -9.82
C ASN H 55 47.19 4.14 -10.26
N PHE H 56 47.65 3.32 -11.20
CA PHE H 56 48.92 3.52 -11.86
C PHE H 56 48.98 2.59 -13.07
N GLU H 57 49.80 2.97 -14.04
CA GLU H 57 49.89 2.28 -15.32
C GLU H 57 51.32 1.90 -15.59
N VAL H 58 51.55 0.62 -15.90
CA VAL H 58 52.90 0.10 -16.10
C VAL H 58 52.96 -0.61 -17.43
N TYR H 59 54.18 -0.84 -17.91
CA TYR H 59 54.36 -1.73 -19.04
C TYR H 59 54.21 -3.17 -18.59
N LEU H 60 53.51 -3.96 -19.40
CA LEU H 60 53.19 -5.33 -19.02
C LEU H 60 54.44 -6.17 -19.18
N ASP H 61 54.91 -6.75 -18.07
CA ASP H 61 56.00 -7.70 -18.09
C ASP H 61 55.71 -8.80 -17.09
N PRO H 62 55.70 -10.07 -17.50
CA PRO H 62 55.34 -11.13 -16.54
C PRO H 62 56.36 -11.32 -15.44
N ALA H 63 57.62 -10.96 -15.68
CA ALA H 63 58.68 -11.15 -14.67
C ALA H 63 58.89 -9.86 -13.90
N ASP H 64 57.91 -9.52 -13.09
CA ASP H 64 57.94 -8.29 -12.30
C ASP H 64 57.11 -8.48 -11.05
N PRO H 65 57.31 -7.66 -10.03
CA PRO H 65 56.36 -7.63 -8.92
C PRO H 65 55.03 -7.03 -9.30
N SER H 66 54.96 -6.37 -10.45
CA SER H 66 53.68 -5.84 -10.92
C SER H 66 52.74 -6.98 -11.32
N ASP H 67 53.30 -8.15 -11.62
CA ASP H 67 52.50 -9.25 -12.12
C ASP H 67 51.71 -9.91 -11.00
N ASP H 68 52.21 -9.85 -9.77
CA ASP H 68 51.59 -10.58 -8.67
C ASP H 68 50.33 -9.89 -8.17
N LEU H 69 50.11 -8.64 -8.60
CA LEU H 69 48.91 -7.94 -8.17
C LEU H 69 47.67 -8.56 -8.80
N GLU H 70 46.74 -8.97 -7.95
CA GLU H 70 45.49 -9.58 -8.39
C GLU H 70 44.33 -8.88 -7.72
N PRO H 71 43.20 -8.74 -8.41
CA PRO H 71 42.04 -8.10 -7.79
C PRO H 71 41.63 -8.81 -6.52
N GLY H 72 41.43 -8.05 -5.45
CA GLY H 72 41.07 -8.60 -4.18
C GLY H 72 42.20 -8.69 -3.19
N ASP H 73 43.44 -8.51 -3.62
CA ASP H 73 44.57 -8.59 -2.71
C ASP H 73 44.61 -7.36 -1.81
N LEU H 74 45.15 -7.54 -0.62
CA LEU H 74 45.44 -6.45 0.30
C LEU H 74 46.94 -6.21 0.34
N VAL H 75 47.35 -4.99 0.05
CA VAL H 75 48.77 -4.66 -0.09
C VAL H 75 49.03 -3.33 0.59
N ASP H 76 50.23 -3.20 1.15
CA ASP H 76 50.67 -1.97 1.79
C ASP H 76 51.54 -1.21 0.81
N LEU H 77 51.10 -0.02 0.44
CA LEU H 77 51.74 0.76 -0.61
C LEU H 77 52.52 1.91 -0.01
N GLU H 78 53.48 2.42 -0.77
CA GLU H 78 54.19 3.65 -0.45
C GLU H 78 54.48 4.37 -1.76
N LEU H 79 54.07 5.62 -1.85
CA LEU H 79 54.26 6.42 -3.05
C LEU H 79 55.30 7.49 -2.79
N TYR H 80 56.35 7.49 -3.58
CA TYR H 80 57.38 8.51 -3.47
C TYR H 80 57.24 9.46 -4.64
N PRO H 81 56.56 10.59 -4.49
CA PRO H 81 56.37 11.49 -5.64
C PRO H 81 57.67 12.03 -6.18
N GLY H 82 58.63 12.30 -5.30
CA GLY H 82 59.89 12.90 -5.71
C GLY H 82 61.11 12.03 -5.54
N GLY H 83 60.97 10.72 -5.46
CA GLY H 83 62.10 9.83 -5.29
C GLY H 83 62.27 9.42 -3.84
N GLU H 84 63.35 8.69 -3.60
CA GLU H 84 63.65 8.15 -2.29
C GLU H 84 64.75 8.92 -1.57
N SER H 85 65.21 10.03 -2.15
CA SER H 85 66.24 10.83 -1.49
C SER H 85 65.71 11.36 -0.16
N THR H 86 66.62 11.47 0.81
CA THR H 86 66.22 11.84 2.16
C THR H 86 65.52 13.19 2.19
N GLY H 87 64.51 13.30 3.04
CA GLY H 87 63.74 14.52 3.12
C GLY H 87 62.63 14.64 2.11
N SER H 88 62.37 13.61 1.33
CA SER H 88 61.31 13.63 0.33
C SER H 88 60.06 12.99 0.90
N GLY H 89 58.98 13.75 0.92
CA GLY H 89 57.74 13.23 1.48
C GLY H 89 57.23 12.05 0.67
N TYR H 90 56.57 11.12 1.37
CA TYR H 90 55.99 9.95 0.74
C TYR H 90 54.68 9.60 1.42
N ARG H 91 53.65 9.38 0.62
CA ARG H 91 52.35 8.99 1.14
C ARG H 91 52.29 7.48 1.25
N SER H 92 52.15 6.97 2.47
CA SER H 92 52.09 5.54 2.72
C SER H 92 50.65 5.17 3.04
N VAL H 93 50.11 4.19 2.32
CA VAL H 93 48.74 3.73 2.50
C VAL H 93 48.78 2.33 3.05
N ALA H 94 48.08 2.10 4.16
CA ALA H 94 48.00 0.79 4.78
C ALA H 94 46.69 0.12 4.41
N GLY H 95 46.76 -1.17 4.12
CA GLY H 95 45.55 -1.90 3.76
C GLY H 95 44.94 -1.47 2.45
N ALA H 96 45.76 -1.16 1.46
CA ALA H 96 45.23 -0.80 0.15
C ALA H 96 44.58 -2.02 -0.50
N LEU H 97 43.41 -1.80 -1.07
CA LEU H 97 42.60 -2.87 -1.66
C LEU H 97 42.64 -2.72 -3.16
N ILE H 98 43.20 -3.71 -3.85
CA ILE H 98 43.32 -3.67 -5.30
C ILE H 98 41.99 -4.12 -5.88
N LEU H 99 41.44 -3.32 -6.79
CA LEU H 99 40.04 -3.49 -7.15
C LEU H 99 39.89 -4.07 -8.55
N SER H 100 40.75 -3.68 -9.48
CA SER H 100 40.60 -4.13 -10.86
C SER H 100 41.89 -3.89 -11.63
N THR H 101 42.12 -4.71 -12.64
CA THR H 101 43.26 -4.56 -13.54
C THR H 101 42.75 -4.61 -14.97
N ALA H 102 43.50 -4.02 -15.90
CA ALA H 102 43.05 -3.95 -17.28
C ALA H 102 44.26 -3.94 -18.21
N GLU H 103 44.55 -5.08 -18.83
CA GLU H 103 45.66 -5.21 -19.74
C GLU H 103 45.18 -4.98 -21.16
N SER H 104 46.04 -4.42 -22.00
CA SER H 104 45.67 -4.15 -23.38
C SER H 104 46.90 -3.95 -24.22
N ALA H 105 46.70 -3.88 -25.53
CA ALA H 105 47.81 -3.75 -26.47
C ALA H 105 47.27 -3.26 -27.79
N SER H 106 48.19 -2.93 -28.70
CA SER H 106 47.85 -2.50 -30.04
C SER H 106 48.84 -3.12 -31.01
N LYS H 107 48.60 -2.90 -32.31
CA LYS H 107 49.49 -3.50 -33.29
C LYS H 107 50.77 -2.69 -33.43
N ASP H 108 50.80 -1.49 -32.89
CA ASP H 108 52.00 -0.67 -32.90
C ASP H 108 52.29 -0.03 -31.55
N GLY H 109 52.16 -0.78 -30.46
CA GLY H 109 52.39 -0.24 -29.14
C GLY H 109 53.00 -1.29 -28.24
N ILE H 110 53.05 -0.95 -26.96
CA ILE H 110 53.61 -1.85 -25.95
C ILE H 110 52.47 -2.31 -25.05
N PRO H 111 52.39 -3.59 -24.71
CA PRO H 111 51.30 -4.04 -23.83
C PRO H 111 51.35 -3.34 -22.50
N MET H 112 50.26 -2.69 -22.14
CA MET H 112 50.20 -1.89 -20.93
C MET H 112 49.24 -2.52 -19.94
N LEU H 113 49.44 -2.18 -18.68
CA LEU H 113 48.67 -2.71 -17.57
C LEU H 113 48.27 -1.58 -16.66
N THR H 114 46.99 -1.51 -16.31
CA THR H 114 46.47 -0.46 -15.43
C THR H 114 45.90 -1.10 -14.18
N VAL H 115 46.56 -0.88 -13.05
CA VAL H 115 46.07 -1.35 -11.76
C VAL H 115 45.26 -0.23 -11.15
N ASN H 116 44.17 -0.58 -10.48
CA ASN H 116 43.26 0.39 -9.91
C ASN H 116 42.86 -0.09 -8.53
N TRP H 117 43.12 0.73 -7.52
CA TRP H 117 43.01 0.30 -6.14
C TRP H 117 42.08 1.21 -5.36
N ARG H 118 42.07 1.02 -4.05
CA ARG H 118 41.17 1.69 -3.14
C ARG H 118 41.74 1.56 -1.74
N THR H 119 41.15 2.25 -0.78
CA THR H 119 41.55 2.12 0.61
C THR H 119 40.43 1.47 1.41
N SER H 120 40.80 0.75 2.46
CA SER H 120 39.86 -0.03 3.25
C SER H 120 40.19 0.11 4.72
N GLY H 121 39.53 1.04 5.39
CA GLY H 121 39.67 1.20 6.83
C GLY H 121 40.67 2.23 7.28
N ALA H 122 41.65 2.58 6.45
CA ALA H 122 42.67 3.54 6.85
C ALA H 122 42.81 4.60 5.76
N LEU H 123 43.49 5.68 6.11
CA LEU H 123 43.66 6.77 5.17
C LEU H 123 45.15 7.03 4.92
N PRO H 124 45.50 7.63 3.79
CA PRO H 124 46.92 7.85 3.48
C PRO H 124 47.60 8.69 4.53
N GLN H 125 48.70 8.16 5.06
CA GLN H 125 49.46 8.81 6.13
C GLN H 125 50.69 9.46 5.53
N LYS H 126 50.70 10.78 5.44
CA LYS H 126 51.87 11.49 4.95
C LYS H 126 53.03 11.31 5.93
N ALA H 127 54.24 11.50 5.43
CA ALA H 127 55.44 11.36 6.25
C ALA H 127 56.61 11.98 5.51
N THR H 128 57.77 11.93 6.13
CA THR H 128 59.00 12.44 5.54
C THR H 128 60.11 11.41 5.71
N VAL H 129 60.66 10.94 4.60
CA VAL H 129 61.71 9.94 4.65
C VAL H 129 62.92 10.50 5.38
N SER H 130 63.66 9.63 6.04
CA SER H 130 64.84 10.03 6.79
C SER H 130 66.02 10.21 5.84
N MET I 1 59.12 -5.31 -20.98
CA MET I 1 58.72 -4.62 -22.20
C MET I 1 58.57 -5.59 -23.35
N LEU I 2 57.38 -6.17 -23.48
CA LEU I 2 57.14 -7.11 -24.56
C LEU I 2 56.95 -6.36 -25.88
N LYS I 3 57.21 -7.06 -26.97
CA LYS I 3 57.25 -6.41 -28.28
C LYS I 3 55.91 -5.78 -28.62
N GLY I 4 54.82 -6.50 -28.40
CA GLY I 4 53.51 -5.99 -28.72
C GLY I 4 53.02 -6.28 -30.11
N LYS I 5 53.91 -6.38 -31.08
CA LYS I 5 53.55 -6.75 -32.44
C LYS I 5 53.62 -8.26 -32.67
N ASP I 6 53.94 -9.03 -31.64
CA ASP I 6 54.01 -10.48 -31.74
C ASP I 6 52.83 -11.16 -31.10
N GLY I 7 51.89 -10.40 -30.54
CA GLY I 7 50.76 -10.97 -29.86
C GLY I 7 50.00 -11.97 -30.69
N VAL I 8 49.69 -13.12 -30.12
CA VAL I 8 49.00 -14.20 -30.81
C VAL I 8 47.80 -14.60 -29.97
N VAL I 9 46.66 -14.77 -30.62
CA VAL I 9 45.46 -15.28 -29.99
C VAL I 9 45.12 -16.60 -30.65
N LYS I 10 44.59 -17.54 -29.88
CA LYS I 10 44.25 -18.84 -30.41
C LYS I 10 42.89 -19.28 -29.91
N ASN I 11 42.20 -20.02 -30.76
CA ASN I 11 41.04 -20.80 -30.32
C ASN I 11 41.56 -22.13 -29.79
N ALA I 12 41.59 -22.28 -28.48
CA ALA I 12 42.25 -23.43 -27.88
C ALA I 12 41.54 -24.73 -28.24
N SER I 13 40.23 -24.68 -28.42
CA SER I 13 39.49 -25.90 -28.70
C SER I 13 39.92 -26.54 -30.01
N THR I 14 40.04 -25.73 -31.07
CA THR I 14 40.38 -26.24 -32.39
C THR I 14 41.84 -26.01 -32.77
N GLY I 15 42.55 -25.14 -32.06
CA GLY I 15 43.96 -24.94 -32.34
C GLY I 15 44.21 -24.22 -33.66
N ASP I 16 43.89 -22.94 -33.74
CA ASP I 16 44.05 -22.16 -34.95
C ASP I 16 44.12 -20.68 -34.60
N SER I 17 45.21 -20.03 -35.01
CA SER I 17 45.36 -18.61 -34.77
C SER I 17 44.20 -17.84 -35.39
N ILE I 18 44.00 -16.60 -34.93
CA ILE I 18 42.82 -15.84 -35.36
C ILE I 18 42.99 -15.35 -36.79
N GLY I 19 43.99 -14.51 -37.02
CA GLY I 19 44.19 -13.96 -38.34
C GLY I 19 44.79 -12.58 -38.25
N HIS I 20 44.37 -11.71 -39.16
CA HIS I 20 44.91 -10.36 -39.22
C HIS I 20 44.44 -9.61 -38.00
N LEU I 21 45.24 -9.57 -36.96
CA LEU I 21 44.84 -8.96 -35.70
C LEU I 21 45.23 -7.49 -35.71
N GLN I 22 44.53 -6.69 -34.91
CA GLN I 22 44.86 -5.27 -34.83
C GLN I 22 45.13 -4.86 -33.40
N SER I 23 44.38 -5.39 -32.45
CA SER I 23 44.56 -5.06 -31.05
C SER I 23 43.72 -6.02 -30.22
N TRP I 24 44.19 -6.29 -29.01
CA TRP I 24 43.42 -7.07 -28.06
C TRP I 24 43.31 -6.30 -26.77
N ALA I 25 42.54 -6.85 -25.84
CA ALA I 25 42.34 -6.20 -24.55
C ALA I 25 41.76 -7.21 -23.60
N LEU I 26 41.96 -6.97 -22.31
CA LEU I 26 41.49 -7.88 -21.29
C LEU I 26 41.21 -7.05 -20.04
N ASP I 27 40.48 -7.64 -19.10
CA ASP I 27 40.12 -6.92 -17.90
C ASP I 27 39.74 -7.92 -16.81
N THR I 28 39.81 -7.45 -15.57
CA THR I 28 39.36 -8.23 -14.42
C THR I 28 38.82 -7.25 -13.40
N GLN I 29 37.74 -7.62 -12.73
CA GLN I 29 37.12 -6.75 -11.74
C GLN I 29 36.69 -7.56 -10.55
N ARG I 30 36.45 -6.88 -9.44
CA ARG I 30 35.73 -7.43 -8.31
C ARG I 30 34.88 -6.32 -7.73
N ASP I 31 33.64 -6.63 -7.37
CA ASP I 31 32.77 -5.62 -6.82
C ASP I 31 33.22 -5.24 -5.42
N GLU I 32 32.90 -4.02 -5.01
CA GLU I 32 33.26 -3.52 -3.70
C GLU I 32 32.02 -3.32 -2.85
N VAL I 33 32.21 -3.27 -1.54
CA VAL I 33 31.13 -3.05 -0.58
C VAL I 33 31.69 -2.21 0.55
N SER I 34 31.06 -1.08 0.83
CA SER I 34 31.57 -0.13 1.81
C SER I 34 30.54 0.10 2.91
N GLY I 35 31.02 0.26 4.13
CA GLY I 35 30.15 0.53 5.26
C GLY I 35 30.83 1.32 6.35
N TRP I 36 30.05 2.02 7.16
CA TRP I 36 30.58 2.80 8.27
C TRP I 36 29.45 3.12 9.23
N GLY I 37 29.82 3.45 10.47
CA GLY I 37 28.87 3.72 11.51
C GLY I 37 28.89 5.17 11.95
N MET I 38 27.93 5.53 12.79
CA MET I 38 27.88 6.88 13.34
C MET I 38 29.04 7.07 14.31
N GLY I 39 30.04 7.83 13.89
CA GLY I 39 31.19 8.09 14.71
C GLY I 39 32.48 7.48 14.23
N ASP I 40 32.61 7.18 12.94
CA ASP I 40 33.81 6.58 12.39
C ASP I 40 34.54 7.61 11.53
N ASP I 41 35.86 7.44 11.39
CA ASP I 41 36.63 8.40 10.61
C ASP I 41 36.72 7.97 9.15
N ALA I 42 37.10 6.71 8.90
CA ALA I 42 37.22 6.19 7.55
C ALA I 42 36.20 5.07 7.36
N GLU I 43 35.96 4.73 6.11
CA GLU I 43 34.97 3.71 5.76
C GLU I 43 35.69 2.46 5.28
N ARG I 44 35.13 1.31 5.64
CA ARG I 44 35.75 0.03 5.31
C ARG I 44 35.20 -0.53 4.01
N ALA I 45 35.89 -1.53 3.47
CA ALA I 45 35.49 -2.11 2.20
C ALA I 45 35.97 -3.56 2.11
N PHE I 46 35.46 -4.25 1.10
CA PHE I 46 35.95 -5.57 0.72
C PHE I 46 35.39 -5.95 -0.64
N THR I 47 35.92 -7.02 -1.22
CA THR I 47 35.59 -7.44 -2.57
C THR I 47 34.81 -8.73 -2.54
N THR I 48 33.71 -8.77 -3.29
CA THR I 48 32.78 -9.90 -3.24
C THR I 48 33.03 -10.94 -4.32
N VAL I 49 32.87 -10.58 -5.59
CA VAL I 49 32.88 -11.56 -6.68
C VAL I 49 33.54 -10.93 -7.89
N GLY I 50 34.09 -11.78 -8.76
CA GLY I 50 34.96 -11.34 -9.83
C GLY I 50 34.42 -11.65 -11.19
N ARG I 51 34.95 -10.98 -12.21
CA ARG I 51 34.56 -11.16 -13.59
C ARG I 51 35.78 -11.08 -14.48
N ALA I 52 35.54 -11.12 -15.79
CA ALA I 52 36.56 -10.87 -16.78
C ALA I 52 35.88 -10.52 -18.09
N SER I 53 36.56 -9.73 -18.91
CA SER I 53 35.99 -9.29 -20.17
C SER I 53 37.11 -8.76 -21.05
N GLY I 54 36.83 -8.65 -22.34
CA GLY I 54 37.81 -8.16 -23.28
C GLY I 54 37.26 -8.23 -24.68
N ASN I 55 38.13 -7.92 -25.63
CA ASN I 55 37.74 -7.90 -27.02
C ASN I 55 38.97 -8.00 -27.89
N PHE I 56 38.78 -7.92 -29.20
CA PHE I 56 39.86 -7.81 -30.16
C PHE I 56 39.28 -7.44 -31.51
N GLU I 57 40.10 -6.82 -32.34
CA GLU I 57 39.69 -6.26 -33.62
C GLU I 57 40.56 -6.83 -34.73
N VAL I 58 39.92 -7.38 -35.76
CA VAL I 58 40.63 -8.04 -36.85
C VAL I 58 40.17 -7.45 -38.17
N TYR I 59 40.96 -7.69 -39.22
CA TYR I 59 40.49 -7.39 -40.56
C TYR I 59 39.49 -8.44 -40.99
N LEU I 60 38.42 -8.00 -41.63
CA LEU I 60 37.33 -8.88 -41.99
C LEU I 60 37.75 -9.71 -43.19
N ASP I 61 37.80 -11.03 -43.01
CA ASP I 61 38.06 -11.95 -44.10
C ASP I 61 37.19 -13.17 -43.91
N PRO I 62 36.37 -13.55 -44.88
CA PRO I 62 35.46 -14.70 -44.68
C PRO I 62 36.19 -16.02 -44.56
N ALA I 63 37.38 -16.15 -45.14
CA ALA I 63 38.12 -17.41 -45.10
C ALA I 63 39.14 -17.37 -43.95
N ASP I 64 38.62 -17.42 -42.74
CA ASP I 64 39.46 -17.35 -41.55
C ASP I 64 38.74 -18.07 -40.42
N PRO I 65 39.46 -18.46 -39.38
CA PRO I 65 38.78 -18.92 -38.15
C PRO I 65 38.11 -17.79 -37.41
N SER I 66 38.42 -16.54 -37.76
CA SER I 66 37.72 -15.41 -37.16
C SER I 66 36.28 -15.35 -37.59
N ASP I 67 35.97 -15.98 -38.73
CA ASP I 67 34.62 -15.87 -39.28
C ASP I 67 33.64 -16.76 -38.53
N ASP I 68 34.13 -17.84 -37.93
CA ASP I 68 33.23 -18.81 -37.31
C ASP I 68 32.71 -18.32 -35.97
N LEU I 69 33.29 -17.25 -35.44
CA LEU I 69 32.83 -16.72 -34.17
C LEU I 69 31.45 -16.10 -34.33
N GLU I 70 30.50 -16.59 -33.54
CA GLU I 70 29.14 -16.09 -33.56
C GLU I 70 28.70 -15.77 -32.13
N PRO I 71 27.88 -14.74 -31.96
CA PRO I 71 27.41 -14.40 -30.62
C PRO I 71 26.68 -15.57 -29.98
N GLY I 72 27.06 -15.87 -28.75
CA GLY I 72 26.49 -17.00 -28.04
C GLY I 72 27.35 -18.23 -27.98
N ASP I 73 28.41 -18.29 -28.78
CA ASP I 73 29.28 -19.45 -28.77
C ASP I 73 30.12 -19.48 -27.51
N LEU I 74 30.49 -20.69 -27.08
CA LEU I 74 31.43 -20.89 -25.99
C LEU I 74 32.75 -21.38 -26.58
N VAL I 75 33.83 -20.67 -26.28
CA VAL I 75 35.13 -20.95 -26.89
C VAL I 75 36.20 -20.84 -25.82
N ASP I 76 37.24 -21.67 -25.96
CA ASP I 76 38.38 -21.66 -25.06
C ASP I 76 39.48 -20.84 -25.71
N LEU I 77 39.89 -19.76 -25.07
CA LEU I 77 40.81 -18.80 -25.64
C LEU I 77 42.17 -18.94 -24.98
N GLU I 78 43.20 -18.48 -25.67
CA GLU I 78 44.54 -18.33 -25.11
C GLU I 78 45.16 -17.09 -25.71
N LEU I 79 45.63 -16.19 -24.86
CA LEU I 79 46.22 -14.94 -25.31
C LEU I 79 47.71 -14.96 -25.04
N TYR I 80 48.50 -14.77 -26.09
CA TYR I 80 49.94 -14.72 -25.94
C TYR I 80 50.37 -13.27 -26.11
N PRO I 81 50.56 -12.51 -25.03
CA PRO I 81 50.92 -11.10 -25.20
C PRO I 81 52.25 -10.91 -25.89
N GLY I 82 53.21 -11.80 -25.64
CA GLY I 82 54.54 -11.66 -26.18
C GLY I 82 54.96 -12.75 -27.16
N GLY I 83 54.02 -13.45 -27.78
CA GLY I 83 54.36 -14.49 -28.72
C GLY I 83 54.30 -15.86 -28.09
N GLU I 84 54.68 -16.85 -28.87
CA GLU I 84 54.64 -18.25 -28.45
C GLU I 84 56.01 -18.80 -28.08
N SER I 85 57.04 -17.95 -28.05
CA SER I 85 58.36 -18.41 -27.68
C SER I 85 58.35 -18.91 -26.24
N THR I 86 59.16 -19.94 -25.97
CA THR I 86 59.14 -20.59 -24.68
C THR I 86 59.45 -19.62 -23.56
N GLY I 87 58.77 -19.80 -22.43
CA GLY I 87 58.94 -18.90 -21.31
C GLY I 87 58.11 -17.65 -21.36
N SER I 88 57.23 -17.52 -22.34
CA SER I 88 56.38 -16.35 -22.47
C SER I 88 55.02 -16.62 -21.84
N GLY I 89 54.65 -15.80 -20.86
CA GLY I 89 53.39 -16.01 -20.18
C GLY I 89 52.21 -15.85 -21.11
N TYR I 90 51.16 -16.61 -20.87
CA TYR I 90 49.94 -16.55 -21.65
C TYR I 90 48.75 -16.73 -20.75
N ARG I 91 47.75 -15.84 -20.89
CA ARG I 91 46.53 -15.93 -20.13
C ARG I 91 45.54 -16.81 -20.89
N SER I 92 45.16 -17.93 -20.29
CA SER I 92 44.23 -18.86 -20.90
C SER I 92 42.89 -18.74 -20.20
N VAL I 93 41.82 -18.52 -20.96
CA VAL I 93 40.49 -18.36 -20.43
C VAL I 93 39.64 -19.55 -20.87
N ALA I 94 39.02 -20.21 -19.92
CA ALA I 94 38.17 -21.35 -20.21
C ALA I 94 36.71 -20.93 -20.18
N GLY I 95 35.93 -21.42 -21.14
CA GLY I 95 34.52 -21.09 -21.20
C GLY I 95 34.25 -19.63 -21.52
N ALA I 96 35.05 -19.04 -22.41
CA ALA I 96 34.81 -17.68 -22.82
C ALA I 96 33.51 -17.59 -23.61
N LEU I 97 32.71 -16.58 -23.29
CA LEU I 97 31.39 -16.41 -23.88
C LEU I 97 31.44 -15.20 -24.81
N ILE I 98 31.22 -15.45 -26.10
CA ILE I 98 31.29 -14.38 -27.11
C ILE I 98 29.95 -13.67 -27.09
N LEU I 99 29.98 -12.35 -26.97
CA LEU I 99 28.77 -11.62 -26.62
C LEU I 99 28.22 -10.83 -27.80
N SER I 100 29.10 -10.26 -28.63
CA SER I 100 28.64 -9.42 -29.71
C SER I 100 29.76 -9.22 -30.71
N THR I 101 29.39 -9.00 -31.97
CA THR I 101 30.32 -8.69 -33.04
C THR I 101 29.83 -7.45 -33.77
N ALA I 102 30.73 -6.72 -34.42
CA ALA I 102 30.38 -5.47 -35.07
C ALA I 102 31.28 -5.25 -36.27
N GLU I 103 30.77 -5.52 -37.46
CA GLU I 103 31.51 -5.34 -38.70
C GLU I 103 31.21 -3.96 -39.27
N SER I 104 32.20 -3.38 -39.95
CA SER I 104 32.02 -2.05 -40.51
C SER I 104 33.07 -1.80 -41.57
N ALA I 105 32.91 -0.70 -42.30
CA ALA I 105 33.80 -0.37 -43.39
C ALA I 105 33.63 1.10 -43.74
N SER I 106 34.51 1.58 -44.59
CA SER I 106 34.46 2.95 -45.08
C SER I 106 34.80 2.97 -46.55
N LYS I 107 34.70 4.14 -47.17
CA LYS I 107 34.96 4.21 -48.60
C LYS I 107 36.46 4.24 -48.88
N ASP I 108 37.27 4.47 -47.84
CA ASP I 108 38.71 4.46 -47.97
C ASP I 108 39.40 3.68 -46.87
N GLY I 109 38.87 2.52 -46.50
CA GLY I 109 39.44 1.73 -45.44
C GLY I 109 39.30 0.25 -45.73
N ILE I 110 39.61 -0.54 -44.72
CA ILE I 110 39.52 -2.00 -44.83
C ILE I 110 38.39 -2.47 -43.93
N PRO I 111 37.54 -3.38 -44.39
CA PRO I 111 36.45 -3.87 -43.53
C PRO I 111 37.00 -4.50 -42.26
N MET I 112 36.57 -3.98 -41.13
CA MET I 112 37.07 -4.43 -39.84
C MET I 112 35.98 -5.14 -39.07
N LEU I 113 36.39 -5.99 -38.14
CA LEU I 113 35.51 -6.80 -37.33
C LEU I 113 35.95 -6.71 -35.88
N THR I 114 35.02 -6.44 -34.99
CA THR I 114 35.30 -6.33 -33.57
C THR I 114 34.51 -7.38 -32.82
N VAL I 115 35.21 -8.36 -32.26
CA VAL I 115 34.60 -9.39 -31.43
C VAL I 115 34.70 -8.92 -30.00
N ASN I 116 33.65 -9.19 -29.22
CA ASN I 116 33.58 -8.73 -27.84
C ASN I 116 33.04 -9.86 -26.99
N TRP I 117 33.80 -10.28 -25.99
CA TRP I 117 33.49 -11.51 -25.27
C TRP I 117 33.38 -11.23 -23.78
N ARG I 118 33.31 -12.31 -23.02
CA ARG I 118 33.07 -12.28 -21.59
C ARG I 118 33.50 -13.62 -21.02
N THR I 119 33.51 -13.74 -19.70
CA THR I 119 33.80 -15.00 -19.05
C THR I 119 32.56 -15.51 -18.33
N SER I 120 32.44 -16.82 -18.23
CA SER I 120 31.25 -17.46 -17.67
C SER I 120 31.66 -18.62 -16.79
N GLY I 121 31.75 -18.37 -15.48
CA GLY I 121 32.03 -19.41 -14.53
C GLY I 121 33.48 -19.58 -14.13
N ALA I 122 34.42 -19.16 -14.96
CA ALA I 122 35.83 -19.34 -14.67
C ALA I 122 36.56 -18.01 -14.85
N LEU I 123 37.79 -17.96 -14.35
CA LEU I 123 38.56 -16.74 -14.45
C LEU I 123 39.87 -17.00 -15.19
N PRO I 124 40.47 -15.96 -15.78
CA PRO I 124 41.69 -16.17 -16.56
C PRO I 124 42.80 -16.78 -15.72
N GLN I 125 43.34 -17.89 -16.20
CA GLN I 125 44.38 -18.63 -15.51
C GLN I 125 45.72 -18.32 -16.15
N LYS I 126 46.56 -17.54 -15.46
CA LYS I 126 47.89 -17.26 -15.97
C LYS I 126 48.72 -18.53 -15.99
N ALA I 127 49.77 -18.54 -16.81
CA ALA I 127 50.64 -19.68 -16.94
C ALA I 127 51.90 -19.25 -17.66
N THR I 128 52.81 -20.20 -17.84
CA THR I 128 54.06 -19.97 -18.55
C THR I 128 54.28 -21.08 -19.56
N VAL I 129 54.37 -20.71 -20.83
CA VAL I 129 54.55 -21.71 -21.88
C VAL I 129 55.88 -22.42 -21.69
N SER I 130 55.94 -23.68 -22.09
CA SER I 130 57.14 -24.48 -21.96
C SER I 130 58.14 -24.14 -23.05
N MET J 1 41.88 -9.34 -45.94
CA MET J 1 41.90 -7.91 -46.17
C MET J 1 41.12 -7.55 -47.42
N LEU J 2 39.81 -7.35 -47.26
CA LEU J 2 38.98 -6.98 -48.39
C LEU J 2 39.20 -5.52 -48.75
N LYS J 3 38.91 -5.18 -50.01
CA LYS J 3 39.26 -3.86 -50.52
C LYS J 3 38.54 -2.76 -49.76
N GLY J 4 37.26 -2.94 -49.48
CA GLY J 4 36.50 -1.94 -48.76
C GLY J 4 35.85 -0.89 -49.62
N LYS J 5 36.42 -0.55 -50.76
CA LYS J 5 35.81 0.38 -51.70
C LYS J 5 34.96 -0.32 -52.74
N ASP J 6 34.81 -1.63 -52.64
CA ASP J 6 33.99 -2.40 -53.57
C ASP J 6 32.67 -2.83 -52.96
N GLY J 7 32.43 -2.48 -51.69
CA GLY J 7 31.23 -2.89 -51.00
C GLY J 7 29.97 -2.55 -51.76
N VAL J 8 29.07 -3.52 -51.87
CA VAL J 8 27.83 -3.36 -52.61
C VAL J 8 26.68 -3.78 -51.70
N VAL J 9 25.64 -2.96 -51.68
CA VAL J 9 24.41 -3.28 -50.95
C VAL J 9 23.30 -3.40 -51.98
N LYS J 10 22.36 -4.31 -51.74
CA LYS J 10 21.28 -4.53 -52.67
C LYS J 10 19.96 -4.64 -51.92
N ASN J 11 18.90 -4.18 -52.58
CA ASN J 11 17.56 -4.52 -52.16
C ASN J 11 17.20 -5.85 -52.82
N ALA J 12 17.21 -6.92 -52.02
CA ALA J 12 17.08 -8.25 -52.60
C ALA J 12 15.71 -8.46 -53.23
N SER J 13 14.68 -7.81 -52.69
CA SER J 13 13.34 -8.03 -53.21
C SER J 13 13.22 -7.57 -54.65
N THR J 14 13.73 -6.37 -54.96
CA THR J 14 13.61 -5.80 -56.29
C THR J 14 14.87 -5.94 -57.12
N GLY J 15 16.01 -6.23 -56.49
CA GLY J 15 17.24 -6.41 -57.26
C GLY J 15 17.77 -5.13 -57.86
N ASP J 16 18.29 -4.23 -57.02
CA ASP J 16 18.80 -2.95 -57.47
C ASP J 16 19.78 -2.40 -56.45
N SER J 17 21.02 -2.14 -56.87
CA SER J 17 22.01 -1.57 -55.98
C SER J 17 21.51 -0.25 -55.40
N ILE J 18 22.12 0.17 -54.30
CA ILE J 18 21.62 1.35 -53.58
C ILE J 18 21.96 2.62 -54.34
N GLY J 19 23.24 2.91 -54.50
CA GLY J 19 23.65 4.12 -55.17
C GLY J 19 24.96 4.61 -54.61
N HIS J 20 25.09 5.93 -54.52
CA HIS J 20 26.34 6.52 -54.07
C HIS J 20 26.49 6.22 -52.60
N LEU J 21 27.23 5.18 -52.27
CA LEU J 21 27.36 4.74 -50.90
C LEU J 21 28.56 5.43 -50.26
N GLN J 22 28.53 5.55 -48.94
CA GLN J 22 29.66 6.16 -48.24
C GLN J 22 30.22 5.23 -47.19
N SER J 23 29.36 4.50 -46.50
CA SER J 23 29.79 3.58 -45.45
C SER J 23 28.61 2.74 -45.04
N TRP J 24 28.90 1.52 -44.61
CA TRP J 24 27.88 0.65 -44.05
C TRP J 24 28.34 0.16 -42.69
N ALA J 25 27.46 -0.55 -42.01
CA ALA J 25 27.78 -1.07 -40.70
C ALA J 25 26.77 -2.14 -40.34
N LEU J 26 27.16 -3.02 -39.44
CA LEU J 26 26.31 -4.12 -39.05
C LEU J 26 26.67 -4.48 -37.61
N ASP J 27 25.80 -5.24 -36.97
CA ASP J 27 26.02 -5.60 -35.58
C ASP J 27 25.19 -6.83 -35.22
N THR J 28 25.61 -7.52 -34.17
CA THR J 28 24.86 -8.64 -33.62
C THR J 28 25.09 -8.65 -32.13
N GLN J 29 24.05 -8.95 -31.36
CA GLN J 29 24.15 -8.97 -29.92
C GLN J 29 23.40 -10.16 -29.38
N ARG J 30 23.70 -10.51 -28.13
CA ARG J 30 22.86 -11.40 -27.33
C ARG J 30 22.89 -10.88 -25.91
N ASP J 31 21.75 -10.88 -25.25
CA ASP J 31 21.70 -10.41 -23.88
C ASP J 31 22.39 -11.39 -22.96
N GLU J 32 22.89 -10.89 -21.84
CA GLU J 32 23.57 -11.72 -20.86
C GLU J 32 22.76 -11.78 -19.57
N VAL J 33 23.02 -12.79 -18.76
CA VAL J 33 22.36 -12.98 -17.47
C VAL J 33 23.39 -13.56 -16.52
N SER J 34 23.60 -12.90 -15.38
CA SER J 34 24.63 -13.28 -14.44
C SER J 34 24.03 -13.59 -13.08
N GLY J 35 24.60 -14.58 -12.41
CA GLY J 35 24.13 -14.95 -11.08
C GLY J 35 25.23 -15.56 -10.23
N TRP J 36 25.09 -15.48 -8.91
CA TRP J 36 26.05 -16.07 -8.00
C TRP J 36 25.41 -16.18 -6.63
N GLY J 37 25.99 -17.05 -5.79
CA GLY J 37 25.45 -17.33 -4.48
C GLY J 37 26.39 -16.84 -3.38
N MET J 38 25.89 -16.91 -2.15
CA MET J 38 26.70 -16.55 -1.00
C MET J 38 27.80 -17.57 -0.80
N GLY J 39 29.03 -17.21 -1.15
CA GLY J 39 30.16 -18.09 -1.00
C GLY J 39 30.79 -18.56 -2.30
N ASP J 40 30.62 -17.82 -3.39
CA ASP J 40 31.18 -18.18 -4.68
C ASP J 40 32.31 -17.23 -5.02
N ASP J 41 33.25 -17.70 -5.84
CA ASP J 41 34.39 -16.86 -6.21
C ASP J 41 34.10 -16.06 -7.47
N ALA J 42 33.63 -16.71 -8.53
CA ALA J 42 33.31 -16.05 -9.77
C ALA J 42 31.82 -16.16 -10.05
N GLU J 43 31.34 -15.34 -10.96
CA GLU J 43 29.93 -15.28 -11.29
C GLU J 43 29.70 -15.90 -12.66
N ARG J 44 28.59 -16.61 -12.80
CA ARG J 44 28.29 -17.32 -14.04
C ARG J 44 27.42 -16.47 -14.96
N ALA J 45 27.34 -16.88 -16.23
CA ALA J 45 26.58 -16.12 -17.21
C ALA J 45 26.09 -17.03 -18.31
N PHE J 46 25.19 -16.50 -19.14
CA PHE J 46 24.76 -17.13 -20.37
C PHE J 46 24.00 -16.12 -21.22
N THR J 47 23.74 -16.49 -22.46
CA THR J 47 23.13 -15.61 -23.45
C THR J 47 21.73 -16.07 -23.77
N THR J 48 20.78 -15.13 -23.77
CA THR J 48 19.38 -15.47 -23.92
C THR J 48 18.86 -15.34 -25.35
N VAL J 49 18.86 -14.14 -25.92
CA VAL J 49 18.21 -13.88 -27.20
C VAL J 49 19.04 -12.88 -27.97
N GLY J 50 18.90 -12.91 -29.30
CA GLY J 50 19.80 -12.19 -30.18
C GLY J 50 19.07 -11.15 -31.01
N ARG J 51 19.85 -10.22 -31.57
CA ARG J 51 19.33 -9.14 -32.40
C ARG J 51 20.29 -8.88 -33.54
N ALA J 52 19.99 -7.85 -34.31
CA ALA J 52 20.88 -7.35 -35.34
C ALA J 52 20.47 -5.93 -35.68
N SER J 53 21.43 -5.12 -36.11
CA SER J 53 21.16 -3.74 -36.44
C SER J 53 22.31 -3.20 -37.26
N GLY J 54 22.05 -2.08 -37.92
CA GLY J 54 23.08 -1.47 -38.74
C GLY J 54 22.51 -0.25 -39.45
N ASN J 55 23.33 0.31 -40.34
CA ASN J 55 22.93 1.50 -41.06
C ASN J 55 23.80 1.63 -42.30
N PHE J 56 23.59 2.72 -43.03
CA PHE J 56 24.46 3.09 -44.14
C PHE J 56 24.14 4.52 -44.54
N GLU J 57 25.12 5.17 -45.15
CA GLU J 57 25.03 6.59 -45.49
C GLU J 57 25.30 6.77 -46.97
N VAL J 58 24.40 7.46 -47.66
CA VAL J 58 24.49 7.65 -49.11
C VAL J 58 24.40 9.12 -49.43
N TYR J 59 24.80 9.47 -50.64
CA TYR J 59 24.52 10.81 -51.15
C TYR J 59 23.06 10.91 -51.54
N LEU J 60 22.44 12.03 -51.20
CA LEU J 60 21.01 12.20 -51.41
C LEU J 60 20.78 12.46 -52.88
N ASP J 61 20.03 11.57 -53.53
CA ASP J 61 19.61 11.77 -54.91
C ASP J 61 18.18 11.25 -55.04
N PRO J 62 17.24 12.06 -55.51
CA PRO J 62 15.85 11.60 -55.58
C PRO J 62 15.63 10.50 -56.60
N ALA J 63 16.46 10.42 -57.64
CA ALA J 63 16.30 9.42 -58.69
C ALA J 63 17.20 8.22 -58.40
N ASP J 64 16.84 7.47 -57.36
CA ASP J 64 17.63 6.33 -56.93
C ASP J 64 16.70 5.35 -56.23
N PRO J 65 17.10 4.09 -56.11
CA PRO J 65 16.37 3.18 -55.22
C PRO J 65 16.57 3.50 -53.76
N SER J 66 17.54 4.36 -53.43
CA SER J 66 17.72 4.79 -52.06
C SER J 66 16.56 5.67 -51.62
N ASP J 67 15.87 6.29 -52.58
CA ASP J 67 14.83 7.24 -52.24
C ASP J 67 13.56 6.54 -51.76
N ASP J 68 13.34 5.31 -52.21
CA ASP J 68 12.08 4.63 -51.90
C ASP J 68 12.05 4.10 -50.49
N LEU J 69 13.20 4.10 -49.81
CA LEU J 69 13.23 3.63 -48.44
C LEU J 69 12.50 4.60 -47.52
N GLU J 70 11.50 4.08 -46.81
CA GLU J 70 10.71 4.87 -45.88
C GLU J 70 10.66 4.16 -44.54
N PRO J 71 10.64 4.91 -43.44
CA PRO J 71 10.56 4.28 -42.12
C PRO J 71 9.32 3.41 -42.01
N GLY J 72 9.52 2.18 -41.54
CA GLY J 72 8.44 1.23 -41.42
C GLY J 72 8.39 0.19 -42.50
N ASP J 73 9.13 0.36 -43.59
CA ASP J 73 9.12 -0.62 -44.66
C ASP J 73 9.86 -1.88 -44.25
N LEU J 74 9.44 -3.01 -44.81
CA LEU J 74 10.15 -4.28 -44.66
C LEU J 74 10.86 -4.60 -45.96
N VAL J 75 12.16 -4.81 -45.88
CA VAL J 75 12.99 -4.99 -47.08
C VAL J 75 13.97 -6.12 -46.83
N ASP J 76 14.29 -6.85 -47.89
CA ASP J 76 15.26 -7.93 -47.84
C ASP J 76 16.59 -7.40 -48.36
N LEU J 77 17.60 -7.41 -47.51
CA LEU J 77 18.89 -6.79 -47.80
C LEU J 77 19.92 -7.85 -48.09
N GLU J 78 20.98 -7.46 -48.79
CA GLU J 78 22.16 -8.27 -48.98
C GLU J 78 23.37 -7.36 -48.98
N LEU J 79 24.34 -7.65 -48.14
CA LEU J 79 25.53 -6.83 -48.01
C LEU J 79 26.72 -7.60 -48.57
N TYR J 80 27.38 -7.00 -49.54
CA TYR J 80 28.58 -7.60 -50.12
C TYR J 80 29.79 -6.82 -49.63
N PRO J 81 30.47 -7.26 -48.56
CA PRO J 81 31.58 -6.48 -48.06
C PRO J 81 32.72 -6.35 -49.05
N GLY J 82 32.96 -7.38 -49.86
CA GLY J 82 34.06 -7.38 -50.79
C GLY J 82 33.68 -7.42 -52.25
N GLY J 83 32.47 -7.02 -52.60
CA GLY J 83 32.05 -7.03 -53.99
C GLY J 83 31.21 -8.25 -54.30
N GLU J 84 30.87 -8.37 -55.59
CA GLU J 84 30.02 -9.44 -56.06
C GLU J 84 30.80 -10.53 -56.79
N SER J 85 32.13 -10.45 -56.80
CA SER J 85 32.92 -11.48 -57.45
C SER J 85 32.70 -12.82 -56.77
N THR J 86 32.75 -13.89 -57.57
CA THR J 86 32.43 -15.21 -57.07
C THR J 86 33.33 -15.60 -55.91
N GLY J 87 32.77 -16.30 -54.93
CA GLY J 87 33.51 -16.69 -53.76
C GLY J 87 33.60 -15.63 -52.69
N SER J 88 32.91 -14.51 -52.83
CA SER J 88 32.94 -13.44 -51.85
C SER J 88 31.74 -13.58 -50.92
N GLY J 89 32.00 -13.70 -49.62
CA GLY J 89 30.92 -13.87 -48.68
C GLY J 89 30.03 -12.65 -48.64
N TYR J 90 28.74 -12.89 -48.39
CA TYR J 90 27.76 -11.81 -48.29
C TYR J 90 26.76 -12.15 -47.20
N ARG J 91 26.50 -11.19 -46.33
CA ARG J 91 25.52 -11.35 -45.27
C ARG J 91 24.15 -10.93 -45.79
N SER J 92 23.22 -11.85 -45.84
CA SER J 92 21.87 -11.59 -46.33
C SER J 92 20.93 -11.56 -45.14
N VAL J 93 20.17 -10.47 -45.00
CA VAL J 93 19.23 -10.29 -43.90
C VAL J 93 17.83 -10.32 -44.47
N ALA J 94 16.98 -11.17 -43.90
CA ALA J 94 15.60 -11.28 -44.33
C ALA J 94 14.70 -10.54 -43.37
N GLY J 95 13.72 -9.82 -43.90
CA GLY J 95 12.80 -9.08 -43.07
C GLY J 95 13.44 -7.92 -42.34
N ALA J 96 14.38 -7.22 -42.98
CA ALA J 96 14.98 -6.05 -42.36
C ALA J 96 13.96 -4.95 -42.21
N LEU J 97 13.94 -4.33 -41.04
CA LEU J 97 12.97 -3.30 -40.70
C LEU J 97 13.67 -1.95 -40.67
N ILE J 98 13.27 -1.05 -41.55
CA ILE J 98 13.89 0.25 -41.65
C ILE J 98 13.25 1.14 -40.59
N LEU J 99 14.09 1.79 -39.77
CA LEU J 99 13.58 2.37 -38.54
C LEU J 99 13.56 3.89 -38.61
N SER J 100 14.53 4.51 -39.27
CA SER J 100 14.61 5.96 -39.30
C SER J 100 15.55 6.41 -40.40
N THR J 101 15.31 7.60 -40.93
CA THR J 101 16.17 8.22 -41.93
C THR J 101 16.48 9.63 -41.47
N ALA J 102 17.58 10.19 -41.93
CA ALA J 102 18.02 11.51 -41.50
C ALA J 102 18.79 12.20 -42.61
N GLU J 103 18.15 13.12 -43.30
CA GLU J 103 18.75 13.87 -44.39
C GLU J 103 19.31 15.17 -43.84
N SER J 104 20.41 15.65 -44.44
CA SER J 104 21.02 16.87 -43.98
C SER J 104 21.95 17.42 -45.06
N ALA J 105 22.42 18.64 -44.84
CA ALA J 105 23.27 19.30 -45.81
C ALA J 105 23.99 20.45 -45.14
N SER J 106 24.93 21.05 -45.87
CA SER J 106 25.69 22.19 -45.39
C SER J 106 25.86 23.16 -46.53
N LYS J 107 26.45 24.32 -46.22
CA LYS J 107 26.61 25.31 -47.27
C LYS J 107 27.80 25.00 -48.16
N ASP J 108 28.64 24.07 -47.74
CA ASP J 108 29.78 23.63 -48.53
C ASP J 108 29.92 22.11 -48.56
N GLY J 109 28.83 21.39 -48.72
CA GLY J 109 28.88 19.95 -48.75
C GLY J 109 27.85 19.39 -49.70
N ILE J 110 27.68 18.07 -49.63
CA ILE J 110 26.73 17.37 -50.48
C ILE J 110 25.60 16.85 -49.60
N PRO J 111 24.35 16.98 -50.00
CA PRO J 111 23.25 16.48 -49.18
C PRO J 111 23.38 14.99 -48.96
N MET J 112 23.43 14.59 -47.69
CA MET J 112 23.64 13.19 -47.33
C MET J 112 22.39 12.63 -46.69
N LEU J 113 22.28 11.30 -46.75
CA LEU J 113 21.14 10.57 -46.23
C LEU J 113 21.64 9.39 -45.44
N THR J 114 21.12 9.21 -44.23
CA THR J 114 21.51 8.11 -43.36
C THR J 114 20.30 7.26 -43.07
N VAL J 115 20.29 6.04 -43.59
CA VAL J 115 19.25 5.07 -43.32
C VAL J 115 19.69 4.23 -42.15
N ASN J 116 18.76 3.89 -41.28
CA ASN J 116 19.07 3.14 -40.06
C ASN J 116 18.01 2.09 -39.87
N TRP J 117 18.43 0.83 -39.81
CA TRP J 117 17.50 -0.28 -39.87
C TRP J 117 17.68 -1.20 -38.67
N ARG J 118 17.01 -2.34 -38.73
CA ARG J 118 16.94 -3.31 -37.65
C ARG J 118 16.50 -4.63 -38.23
N THR J 119 16.53 -5.68 -37.42
CA THR J 119 16.04 -6.98 -37.85
C THR J 119 14.80 -7.35 -37.05
N SER J 120 13.92 -8.12 -37.66
CA SER J 120 12.63 -8.46 -37.08
C SER J 120 12.31 -9.91 -37.35
N GLY J 121 12.62 -10.77 -36.38
CA GLY J 121 12.27 -12.17 -36.46
C GLY J 121 13.35 -13.09 -37.00
N ALA J 122 14.30 -12.57 -37.76
CA ALA J 122 15.33 -13.41 -38.36
C ALA J 122 16.70 -12.79 -38.09
N LEU J 123 17.74 -13.59 -38.32
CA LEU J 123 19.08 -13.11 -38.07
C LEU J 123 19.92 -13.18 -39.34
N PRO J 124 20.98 -12.38 -39.44
CA PRO J 124 21.77 -12.37 -40.68
C PRO J 124 22.35 -13.74 -41.00
N GLN J 125 22.07 -14.20 -42.20
CA GLN J 125 22.50 -15.52 -42.67
C GLN J 125 23.71 -15.35 -43.57
N LYS J 126 24.88 -15.73 -43.08
CA LYS J 126 26.08 -15.69 -43.90
C LYS J 126 25.97 -16.68 -45.04
N ALA J 127 26.74 -16.46 -46.10
CA ALA J 127 26.73 -17.34 -47.26
C ALA J 127 27.95 -17.02 -48.10
N THR J 128 28.08 -17.75 -49.20
CA THR J 128 29.17 -17.54 -50.15
C THR J 128 28.60 -17.50 -51.56
N VAL J 129 28.82 -16.38 -52.25
CA VAL J 129 28.29 -16.23 -53.60
C VAL J 129 28.93 -17.27 -54.51
N SER J 130 28.19 -17.69 -55.52
CA SER J 130 28.67 -18.68 -56.47
C SER J 130 29.59 -18.03 -57.49
N MET K 1 24.24 13.12 -56.47
CA MET K 1 25.12 14.07 -55.82
C MET K 1 24.65 15.50 -56.06
N LEU K 2 23.76 15.98 -55.20
CA LEU K 2 23.28 17.33 -55.32
C LEU K 2 24.33 18.32 -54.85
N LYS K 3 24.23 19.56 -55.37
CA LYS K 3 25.28 20.54 -55.14
C LYS K 3 25.45 20.84 -53.65
N GLY K 4 24.36 21.02 -52.93
CA GLY K 4 24.43 21.32 -51.53
C GLY K 4 24.50 22.79 -51.18
N LYS K 5 25.11 23.60 -52.04
CA LYS K 5 25.14 25.04 -51.84
C LYS K 5 23.98 25.75 -52.50
N ASP K 6 23.06 25.01 -53.10
CA ASP K 6 21.88 25.59 -53.74
C ASP K 6 20.62 25.39 -52.91
N GLY K 7 20.72 24.74 -51.77
CA GLY K 7 19.57 24.46 -50.95
C GLY K 7 18.75 25.67 -50.63
N VAL K 8 17.44 25.57 -50.80
CA VAL K 8 16.52 26.67 -50.59
C VAL K 8 15.43 26.21 -49.65
N VAL K 9 15.11 27.02 -48.66
CA VAL K 9 13.99 26.78 -47.75
C VAL K 9 12.99 27.89 -47.96
N LYS K 10 11.71 27.56 -47.85
CA LYS K 10 10.66 28.54 -48.05
C LYS K 10 9.61 28.42 -46.96
N ASN K 11 9.02 29.56 -46.62
CA ASN K 11 7.78 29.58 -45.87
C ASN K 11 6.64 29.46 -46.87
N ALA K 12 6.03 28.28 -46.95
CA ALA K 12 5.08 28.03 -48.02
C ALA K 12 3.84 28.91 -47.88
N SER K 13 3.46 29.24 -46.65
CA SER K 13 2.25 30.02 -46.44
C SER K 13 2.35 31.40 -47.08
N THR K 14 3.47 32.08 -46.87
CA THR K 14 3.65 33.43 -47.38
C THR K 14 4.51 33.50 -48.64
N GLY K 15 5.25 32.45 -48.94
CA GLY K 15 6.05 32.46 -50.15
C GLY K 15 7.23 33.40 -50.10
N ASP K 16 8.25 33.08 -49.31
CA ASP K 16 9.42 33.93 -49.14
C ASP K 16 10.58 33.10 -48.63
N SER K 17 11.68 33.09 -49.38
CA SER K 17 12.86 32.37 -48.95
C SER K 17 13.33 32.84 -47.57
N ILE K 18 14.13 32.03 -46.90
CA ILE K 18 14.51 32.33 -45.53
C ILE K 18 15.53 33.47 -45.49
N GLY K 19 16.69 33.27 -46.07
CA GLY K 19 17.73 34.27 -46.03
C GLY K 19 19.10 33.64 -46.04
N HIS K 20 20.01 34.25 -45.31
CA HIS K 20 21.39 33.77 -45.28
C HIS K 20 21.40 32.44 -44.55
N LEU K 21 21.35 31.35 -45.29
CA LEU K 21 21.27 30.04 -44.69
C LEU K 21 22.67 29.48 -44.47
N GLN K 22 22.80 28.58 -43.51
CA GLN K 22 24.11 27.97 -43.26
C GLN K 22 24.03 26.46 -43.36
N SER K 23 22.96 25.87 -42.87
CA SER K 23 22.79 24.42 -42.92
C SER K 23 21.36 24.09 -42.53
N TRP K 24 20.85 23.00 -43.07
CA TRP K 24 19.56 22.49 -42.68
C TRP K 24 19.70 21.04 -42.28
N ALA K 25 18.62 20.47 -41.79
CA ALA K 25 18.63 19.08 -41.37
C ALA K 25 17.19 18.61 -41.24
N LEU K 26 17.00 17.31 -41.32
CA LEU K 26 15.68 16.72 -41.26
C LEU K 26 15.82 15.33 -40.68
N ASP K 27 14.71 14.75 -40.25
CA ASP K 27 14.75 13.44 -39.63
C ASP K 27 13.36 12.81 -39.68
N THR K 28 13.33 11.49 -39.58
CA THR K 28 12.08 10.75 -39.47
C THR K 28 12.34 9.54 -38.60
N GLN K 29 11.38 9.20 -37.75
CA GLN K 29 11.54 8.08 -36.84
C GLN K 29 10.25 7.29 -36.79
N ARG K 30 10.34 6.06 -36.29
CA ARG K 30 9.19 5.30 -35.85
C ARG K 30 9.61 4.51 -34.64
N ASP K 31 8.76 4.45 -33.63
CA ASP K 31 9.11 3.71 -32.43
C ASP K 31 9.08 2.22 -32.71
N GLU K 32 9.86 1.46 -31.93
CA GLU K 32 9.93 0.03 -32.08
C GLU K 32 9.34 -0.66 -30.85
N VAL K 33 8.97 -1.92 -31.01
CA VAL K 33 8.41 -2.73 -29.94
C VAL K 33 8.91 -4.15 -30.14
N SER K 34 9.55 -4.70 -29.11
CA SER K 34 10.18 -6.02 -29.21
C SER K 34 9.61 -6.97 -28.18
N GLY K 35 9.47 -8.23 -28.57
CA GLY K 35 8.97 -9.25 -27.67
C GLY K 35 9.50 -10.63 -27.99
N TRP K 36 9.51 -11.51 -26.99
CA TRP K 36 9.97 -12.88 -27.20
C TRP K 36 9.48 -13.73 -26.04
N GLY K 37 9.44 -15.04 -26.25
CA GLY K 37 8.93 -15.97 -25.27
C GLY K 37 10.03 -16.88 -24.74
N MET K 38 9.67 -17.64 -23.70
CA MET K 38 10.59 -18.60 -23.14
C MET K 38 10.84 -19.73 -24.13
N GLY K 39 12.01 -19.73 -24.76
CA GLY K 39 12.36 -20.75 -25.72
C GLY K 39 12.48 -20.28 -27.14
N ASP K 40 12.74 -19.00 -27.37
CA ASP K 40 12.87 -18.45 -28.71
C ASP K 40 14.33 -18.09 -28.97
N ASP K 41 14.72 -18.09 -30.24
CA ASP K 41 16.11 -17.79 -30.58
C ASP K 41 16.31 -16.30 -30.82
N ALA K 42 15.47 -15.70 -31.65
CA ALA K 42 15.56 -14.28 -31.96
C ALA K 42 14.31 -13.59 -31.47
N GLU K 43 14.38 -12.26 -31.37
CA GLU K 43 13.28 -11.46 -30.86
C GLU K 43 12.64 -10.70 -32.01
N ARG K 44 11.32 -10.55 -31.95
CA ARG K 44 10.57 -9.91 -33.02
C ARG K 44 10.37 -8.43 -32.73
N ALA K 45 9.98 -7.69 -33.76
CA ALA K 45 9.79 -6.25 -33.62
C ALA K 45 8.77 -5.75 -34.61
N PHE K 46 8.35 -4.49 -34.42
CA PHE K 46 7.54 -3.77 -35.38
C PHE K 46 7.51 -2.29 -34.99
N THR K 47 7.01 -1.47 -35.91
CA THR K 47 7.03 -0.02 -35.77
C THR K 47 5.62 0.50 -35.55
N THR K 48 5.46 1.37 -34.55
CA THR K 48 4.14 1.83 -34.14
C THR K 48 3.73 3.16 -34.76
N VAL K 49 4.44 4.24 -34.47
CA VAL K 49 4.01 5.58 -34.86
C VAL K 49 5.24 6.40 -35.22
N GLY K 50 5.03 7.41 -36.05
CA GLY K 50 6.12 8.14 -36.67
C GLY K 50 6.15 9.60 -36.28
N ARG K 51 7.30 10.24 -36.52
CA ARG K 51 7.51 11.64 -36.21
C ARG K 51 8.35 12.27 -37.30
N ALA K 52 8.71 13.53 -37.08
CA ALA K 52 9.67 14.22 -37.92
C ALA K 52 10.19 15.42 -37.15
N SER K 53 11.41 15.83 -37.46
CA SER K 53 12.05 16.93 -36.76
C SER K 53 13.23 17.41 -37.58
N GLY K 54 13.68 18.62 -37.26
CA GLY K 54 14.81 19.19 -37.97
C GLY K 54 15.08 20.58 -37.49
N ASN K 55 16.01 21.24 -38.15
CA ASN K 55 16.38 22.59 -37.78
C ASN K 55 17.07 23.26 -38.95
N PHE K 56 17.54 24.48 -38.73
CA PHE K 56 18.39 25.18 -39.67
C PHE K 56 18.99 26.39 -38.99
N GLU K 57 20.13 26.84 -39.51
CA GLU K 57 20.92 27.90 -38.90
C GLU K 57 21.15 29.00 -39.91
N VAL K 58 20.83 30.23 -39.54
CA VAL K 58 20.93 31.37 -40.45
C VAL K 58 21.75 32.47 -39.79
N TYR K 59 22.21 33.41 -40.60
CA TYR K 59 22.79 34.62 -40.04
C TYR K 59 21.68 35.52 -39.53
N LEU K 60 21.90 36.12 -38.36
CA LEU K 60 20.88 36.91 -37.70
C LEU K 60 20.77 38.25 -38.42
N ASP K 61 19.60 38.52 -38.98
CA ASP K 61 19.30 39.81 -39.58
C ASP K 61 17.86 40.17 -39.24
N PRO K 62 17.60 41.32 -38.64
CA PRO K 62 16.22 41.64 -38.26
C PRO K 62 15.30 41.87 -39.45
N ALA K 63 15.84 42.29 -40.59
CA ALA K 63 15.03 42.58 -41.77
C ALA K 63 15.01 41.36 -42.70
N ASP K 64 14.33 40.32 -42.25
CA ASP K 64 14.26 39.07 -42.99
C ASP K 64 12.97 38.37 -42.61
N PRO K 65 12.52 37.42 -43.44
CA PRO K 65 11.43 36.54 -43.00
C PRO K 65 11.88 35.55 -41.95
N SER K 66 13.19 35.41 -41.74
CA SER K 66 13.68 34.56 -40.66
C SER K 66 13.35 35.16 -39.31
N ASP K 67 13.12 36.47 -39.26
CA ASP K 67 12.93 37.13 -37.98
C ASP K 67 11.52 36.87 -37.42
N ASP K 68 10.56 36.61 -38.30
CA ASP K 68 9.17 36.49 -37.86
C ASP K 68 8.91 35.14 -37.19
N LEU K 69 9.84 34.21 -37.32
CA LEU K 69 9.67 32.91 -36.69
C LEU K 69 9.74 33.05 -35.17
N GLU K 70 8.69 32.61 -34.50
CA GLU K 70 8.62 32.64 -33.05
C GLU K 70 8.22 31.28 -32.52
N PRO K 71 8.73 30.87 -31.37
CA PRO K 71 8.36 29.57 -30.81
C PRO K 71 6.86 29.48 -30.61
N GLY K 72 6.28 28.39 -31.08
CA GLY K 72 4.86 28.19 -30.99
C GLY K 72 4.10 28.43 -32.29
N ASP K 73 4.73 29.05 -33.27
CA ASP K 73 4.05 29.31 -34.53
C ASP K 73 3.86 28.04 -35.33
N LEU K 74 2.81 27.99 -36.13
CA LEU K 74 2.59 26.92 -37.09
C LEU K 74 2.87 27.45 -38.48
N VAL K 75 3.76 26.77 -39.20
CA VAL K 75 4.22 27.25 -40.49
C VAL K 75 4.31 26.08 -41.45
N ASP K 76 4.04 26.35 -42.72
CA ASP K 76 4.14 25.35 -43.78
C ASP K 76 5.47 25.52 -44.47
N LEU K 77 6.31 24.49 -44.42
CA LEU K 77 7.68 24.57 -44.89
C LEU K 77 7.82 23.82 -46.20
N GLU K 78 8.85 24.16 -46.97
CA GLU K 78 9.26 23.40 -48.14
C GLU K 78 10.77 23.45 -48.22
N LEU K 79 11.41 22.29 -48.30
CA LEU K 79 12.85 22.21 -48.35
C LEU K 79 13.28 21.76 -49.73
N TYR K 80 14.10 22.55 -50.38
CA TYR K 80 14.64 22.20 -51.68
C TYR K 80 16.09 21.81 -51.52
N PRO K 81 16.42 20.52 -51.39
CA PRO K 81 17.82 20.15 -51.17
C PRO K 81 18.72 20.53 -52.32
N GLY K 82 18.22 20.47 -53.55
CA GLY K 82 19.03 20.75 -54.72
C GLY K 82 18.62 21.96 -55.52
N GLY K 83 17.89 22.91 -54.94
CA GLY K 83 17.47 24.09 -55.65
C GLY K 83 16.04 23.97 -56.13
N GLU K 84 15.62 24.99 -56.87
CA GLU K 84 14.26 25.08 -57.38
C GLU K 84 14.16 24.73 -58.86
N SER K 85 15.25 24.28 -59.47
CA SER K 85 15.20 23.89 -60.88
C SER K 85 14.24 22.72 -61.07
N THR K 86 13.57 22.71 -62.22
CA THR K 86 12.52 21.73 -62.47
C THR K 86 13.07 20.32 -62.36
N GLY K 87 12.25 19.42 -61.83
CA GLY K 87 12.66 18.05 -61.63
C GLY K 87 13.45 17.80 -60.38
N SER K 88 13.59 18.79 -59.50
CA SER K 88 14.33 18.63 -58.26
C SER K 88 13.36 18.32 -57.13
N GLY K 89 13.58 17.18 -56.47
CA GLY K 89 12.68 16.79 -55.40
C GLY K 89 12.73 17.78 -54.25
N TYR K 90 11.60 17.95 -53.57
CA TYR K 90 11.50 18.83 -52.43
C TYR K 90 10.58 18.21 -51.40
N ARG K 91 11.02 18.19 -50.15
CA ARG K 91 10.21 17.69 -49.06
C ARG K 91 9.38 18.82 -48.49
N SER K 92 8.07 18.70 -48.58
CA SER K 92 7.15 19.72 -48.09
C SER K 92 6.50 19.20 -46.81
N VAL K 93 6.58 19.98 -45.75
CA VAL K 93 6.02 19.63 -44.45
C VAL K 93 4.87 20.55 -44.14
N ALA K 94 3.72 19.97 -43.83
CA ALA K 94 2.54 20.76 -43.49
C ALA K 94 2.36 20.78 -41.98
N GLY K 95 2.00 21.96 -41.46
CA GLY K 95 1.80 22.10 -40.03
C GLY K 95 3.06 21.94 -39.22
N ALA K 96 4.18 22.46 -39.70
CA ALA K 96 5.41 22.40 -38.94
C ALA K 96 5.30 23.29 -37.72
N LEU K 97 5.74 22.77 -36.59
CA LEU K 97 5.63 23.43 -35.30
C LEU K 97 7.02 23.89 -34.87
N ILE K 98 7.21 25.20 -34.75
CA ILE K 98 8.50 25.76 -34.39
C ILE K 98 8.61 25.69 -32.88
N LEU K 99 9.72 25.13 -32.39
CA LEU K 99 9.76 24.72 -31.00
C LEU K 99 10.68 25.62 -30.17
N SER K 100 11.78 26.08 -30.75
CA SER K 100 12.74 26.87 -29.99
C SER K 100 13.68 27.58 -30.94
N THR K 101 14.20 28.73 -30.49
CA THR K 101 15.19 29.49 -31.23
C THR K 101 16.34 29.81 -30.29
N ALA K 102 17.53 30.05 -30.84
CA ALA K 102 18.71 30.28 -30.03
C ALA K 102 19.68 31.19 -30.75
N GLU K 103 19.70 32.46 -30.38
CA GLU K 103 20.57 33.46 -30.98
C GLU K 103 21.85 33.56 -30.17
N SER K 104 22.96 33.84 -30.84
CA SER K 104 24.24 33.94 -30.16
C SER K 104 25.22 34.71 -31.02
N ALA K 105 26.36 35.03 -30.42
CA ALA K 105 27.38 35.81 -31.12
C ALA K 105 28.70 35.65 -30.37
N SER K 106 29.75 36.17 -30.99
CA SER K 106 31.08 36.16 -30.40
C SER K 106 31.76 37.47 -30.71
N LYS K 107 32.95 37.68 -30.15
CA LYS K 107 33.64 38.94 -30.36
C LYS K 107 34.31 38.97 -31.72
N ASP K 108 34.43 37.82 -32.38
CA ASP K 108 35.00 37.76 -33.71
C ASP K 108 34.17 36.89 -34.65
N GLY K 109 32.85 37.02 -34.63
CA GLY K 109 32.00 36.22 -35.47
C GLY K 109 30.78 37.01 -35.91
N ILE K 110 29.85 36.30 -36.52
CA ILE K 110 28.61 36.91 -37.02
C ILE K 110 27.46 36.40 -36.16
N PRO K 111 26.54 37.24 -35.74
CA PRO K 111 25.41 36.76 -34.92
C PRO K 111 24.60 35.72 -35.68
N MET K 112 24.47 34.54 -35.09
CA MET K 112 23.80 33.44 -35.73
C MET K 112 22.51 33.11 -35.01
N LEU K 113 21.60 32.47 -35.74
CA LEU K 113 20.29 32.12 -35.24
C LEU K 113 19.99 30.68 -35.63
N THR K 114 19.55 29.88 -34.66
CA THR K 114 19.23 28.48 -34.89
C THR K 114 17.78 28.25 -34.58
N VAL K 115 16.99 27.97 -35.61
CA VAL K 115 15.58 27.64 -35.45
C VAL K 115 15.49 26.13 -35.37
N ASN K 116 14.58 25.64 -34.52
CA ASN K 116 14.45 24.21 -34.28
C ASN K 116 12.97 23.88 -34.23
N TRP K 117 12.52 22.99 -35.09
CA TRP K 117 11.10 22.78 -35.30
C TRP K 117 10.75 21.31 -35.09
N ARG K 118 9.51 20.98 -35.46
CA ARG K 118 8.94 19.67 -35.24
C ARG K 118 7.73 19.53 -36.16
N THR K 119 7.16 18.34 -36.22
CA THR K 119 5.94 18.13 -36.99
C THR K 119 4.79 17.81 -36.04
N SER K 120 3.58 18.16 -36.45
CA SER K 120 2.40 18.04 -35.62
C SER K 120 1.24 17.55 -36.46
N GLY K 121 1.01 16.24 -36.45
CA GLY K 121 -0.14 15.67 -37.11
C GLY K 121 0.10 15.15 -38.52
N ALA K 122 1.12 15.65 -39.22
CA ALA K 122 1.38 15.24 -40.58
C ALA K 122 2.84 14.87 -40.73
N LEU K 123 3.15 14.20 -41.84
CA LEU K 123 4.51 13.77 -42.08
C LEU K 123 5.05 14.37 -43.37
N PRO K 124 6.37 14.49 -43.51
CA PRO K 124 6.93 15.11 -44.72
C PRO K 124 6.50 14.38 -45.98
N GLN K 125 5.93 15.13 -46.92
CA GLN K 125 5.43 14.60 -48.17
C GLN K 125 6.42 14.90 -49.27
N LYS K 126 7.13 13.89 -49.74
CA LYS K 126 8.05 14.06 -50.86
C LYS K 126 7.28 14.40 -52.12
N ALA K 127 7.97 15.03 -53.07
CA ALA K 127 7.35 15.40 -54.33
C ALA K 127 8.44 15.75 -55.31
N THR K 128 8.03 16.12 -56.52
CA THR K 128 8.94 16.53 -57.57
C THR K 128 8.44 17.82 -58.20
N VAL K 129 9.26 18.87 -58.14
CA VAL K 129 8.86 20.16 -58.70
C VAL K 129 8.67 20.02 -60.20
N SER K 130 7.76 20.83 -60.74
CA SER K 130 7.47 20.80 -62.16
C SER K 130 8.53 21.57 -62.94
N MET L 1 23.55 40.24 -42.23
CA MET L 1 24.87 39.96 -41.70
C MET L 1 25.36 41.10 -40.83
N LEU L 2 25.02 41.05 -39.55
CA LEU L 2 25.47 42.08 -38.63
C LEU L 2 26.94 41.89 -38.30
N LYS L 3 27.60 42.98 -37.89
CA LYS L 3 29.04 42.96 -37.71
C LYS L 3 29.45 41.95 -36.65
N GLY L 4 28.76 41.93 -35.52
CA GLY L 4 29.09 41.02 -34.45
C GLY L 4 30.08 41.55 -33.45
N LYS L 5 31.00 42.41 -33.85
CA LYS L 5 31.93 43.04 -32.94
C LYS L 5 31.41 44.37 -32.40
N ASP L 6 30.19 44.75 -32.76
CA ASP L 6 29.59 45.98 -32.27
C ASP L 6 28.54 45.73 -31.21
N GLY L 7 28.29 44.47 -30.86
CA GLY L 7 27.26 44.13 -29.90
C GLY L 7 27.40 44.89 -28.60
N VAL L 8 26.29 45.44 -28.13
CA VAL L 8 26.27 46.24 -26.90
C VAL L 8 25.19 45.69 -26.01
N VAL L 9 25.51 45.52 -24.73
CA VAL L 9 24.55 45.11 -23.72
C VAL L 9 24.43 46.26 -22.73
N LYS L 10 23.23 46.47 -22.20
CA LYS L 10 23.01 47.56 -21.26
C LYS L 10 22.17 47.07 -20.08
N ASN L 11 22.45 47.66 -18.93
CA ASN L 11 21.53 47.57 -17.81
C ASN L 11 20.50 48.68 -17.97
N ALA L 12 19.29 48.32 -18.38
CA ALA L 12 18.31 49.34 -18.76
C ALA L 12 17.89 50.18 -17.56
N SER L 13 17.89 49.59 -16.37
CA SER L 13 17.43 50.32 -15.19
C SER L 13 18.32 51.51 -14.90
N THR L 14 19.63 51.33 -14.93
CA THR L 14 20.58 52.38 -14.59
C THR L 14 21.21 53.03 -15.82
N GLY L 15 21.12 52.40 -16.98
CA GLY L 15 21.68 53.00 -18.18
C GLY L 15 23.19 53.05 -18.21
N ASP L 16 23.83 51.90 -18.36
CA ASP L 16 25.28 51.81 -18.36
C ASP L 16 25.71 50.52 -19.06
N SER L 17 26.53 50.68 -20.10
CA SER L 17 27.03 49.52 -20.82
C SER L 17 27.78 48.58 -19.87
N ILE L 18 27.95 47.33 -20.28
CA ILE L 18 28.53 46.34 -19.38
C ILE L 18 30.03 46.55 -19.24
N GLY L 19 30.77 46.43 -20.31
CA GLY L 19 32.21 46.58 -20.23
C GLY L 19 32.89 45.73 -21.27
N HIS L 20 34.03 45.18 -20.90
CA HIS L 20 34.81 44.38 -21.84
C HIS L 20 34.06 43.09 -22.10
N LEU L 21 33.30 43.05 -23.18
CA LEU L 21 32.45 41.91 -23.47
C LEU L 21 33.23 40.92 -24.32
N GLN L 22 32.83 39.66 -24.27
CA GLN L 22 33.50 38.65 -25.09
C GLN L 22 32.50 37.91 -25.98
N SER L 23 31.32 37.64 -25.44
CA SER L 23 30.29 36.93 -26.19
C SER L 23 29.00 36.98 -25.41
N TRP L 24 27.89 36.98 -26.13
CA TRP L 24 26.58 36.90 -25.51
C TRP L 24 25.82 35.74 -26.13
N ALA L 25 24.65 35.46 -25.58
CA ALA L 25 23.83 34.38 -26.08
C ALA L 25 22.42 34.56 -25.55
N LEU L 26 21.47 33.97 -26.24
CA LEU L 26 20.07 34.10 -25.86
C LEU L 26 19.36 32.84 -26.34
N ASP L 27 18.15 32.61 -25.82
CA ASP L 27 17.42 31.42 -26.16
C ASP L 27 15.94 31.63 -25.86
N THR L 28 15.10 30.83 -26.51
CA THR L 28 13.68 30.81 -26.24
C THR L 28 13.19 29.38 -26.46
N GLN L 29 12.28 28.93 -25.61
CA GLN L 29 11.77 27.57 -25.73
C GLN L 29 10.29 27.58 -25.48
N ARG L 30 9.63 26.50 -25.87
CA ARG L 30 8.28 26.19 -25.44
C ARG L 30 8.21 24.67 -25.29
N ASP L 31 7.57 24.21 -24.23
CA ASP L 31 7.45 22.78 -24.01
C ASP L 31 6.50 22.17 -25.03
N GLU L 32 6.69 20.89 -25.31
CA GLU L 32 5.85 20.17 -26.26
C GLU L 32 5.05 19.10 -25.54
N VAL L 33 3.96 18.67 -26.17
CA VAL L 33 3.09 17.63 -25.64
C VAL L 33 2.61 16.80 -26.81
N SER L 34 2.82 15.50 -26.75
CA SER L 34 2.50 14.62 -27.86
C SER L 34 1.52 13.53 -27.43
N GLY L 35 0.61 13.17 -28.33
CA GLY L 35 -0.35 12.13 -28.05
C GLY L 35 -0.81 11.42 -29.29
N TRP L 36 -1.27 10.18 -29.14
CA TRP L 36 -1.78 9.40 -30.26
C TRP L 36 -2.62 8.25 -29.71
N GLY L 37 -3.47 7.70 -30.58
CA GLY L 37 -4.38 6.65 -30.20
C GLY L 37 -4.04 5.34 -30.89
N MET L 38 -4.73 4.29 -30.46
CA MET L 38 -4.56 2.98 -31.09
C MET L 38 -5.14 3.01 -32.49
N GLY L 39 -4.26 3.04 -33.48
CA GLY L 39 -4.68 3.06 -34.87
C GLY L 39 -4.39 4.34 -35.62
N ASP L 40 -3.40 5.12 -35.18
CA ASP L 40 -3.05 6.37 -35.82
C ASP L 40 -1.71 6.21 -36.53
N ASP L 41 -1.47 7.01 -37.56
CA ASP L 41 -0.23 6.91 -38.30
C ASP L 41 0.83 7.85 -37.73
N ALA L 42 0.49 9.11 -37.53
CA ALA L 42 1.41 10.09 -36.99
C ALA L 42 0.90 10.58 -35.65
N GLU L 43 1.78 11.21 -34.88
CA GLU L 43 1.45 11.67 -33.54
C GLU L 43 1.35 13.19 -33.56
N ARG L 44 0.41 13.72 -32.79
CA ARG L 44 0.15 15.15 -32.76
C ARG L 44 0.93 15.83 -31.64
N ALA L 45 1.01 17.15 -31.71
CA ALA L 45 1.76 17.91 -30.72
C ALA L 45 1.20 19.31 -30.59
N PHE L 46 1.67 20.01 -29.55
CA PHE L 46 1.41 21.44 -29.39
C PHE L 46 2.34 21.97 -28.29
N THR L 47 2.39 23.30 -28.19
CA THR L 47 3.30 23.98 -27.29
C THR L 47 2.54 24.63 -26.15
N THR L 48 3.02 24.43 -24.93
CA THR L 48 2.29 24.88 -23.74
C THR L 48 2.75 26.23 -23.21
N VAL L 49 4.00 26.34 -22.76
CA VAL L 49 4.47 27.53 -22.06
C VAL L 49 5.91 27.79 -22.44
N GLY L 50 6.31 29.04 -22.33
CA GLY L 50 7.58 29.51 -22.88
C GLY L 50 8.54 30.01 -21.82
N ARG L 51 9.82 30.11 -22.18
CA ARG L 51 10.86 30.57 -21.30
C ARG L 51 11.84 31.42 -22.09
N ALA L 52 12.91 31.82 -21.42
CA ALA L 52 14.03 32.48 -22.05
C ALA L 52 15.23 32.36 -21.14
N SER L 53 16.43 32.36 -21.72
CA SER L 53 17.65 32.22 -20.96
C SER L 53 18.82 32.65 -21.82
N GLY L 54 19.94 32.91 -21.17
CA GLY L 54 21.13 33.33 -21.88
C GLY L 54 22.23 33.64 -20.91
N ASN L 55 23.33 34.16 -21.45
CA ASN L 55 24.48 34.48 -20.63
C ASN L 55 25.35 35.47 -21.37
N PHE L 56 26.50 35.79 -20.77
CA PHE L 56 27.52 36.58 -21.43
C PHE L 56 28.79 36.51 -20.61
N GLU L 57 29.92 36.71 -21.26
CA GLU L 57 31.23 36.55 -20.66
C GLU L 57 32.03 37.83 -20.83
N VAL L 58 32.58 38.35 -19.73
CA VAL L 58 33.29 39.61 -19.74
C VAL L 58 34.65 39.42 -19.09
N TYR L 59 35.55 40.38 -19.33
CA TYR L 59 36.79 40.42 -18.58
C TYR L 59 36.51 40.94 -17.19
N LEU L 60 37.13 40.31 -16.19
CA LEU L 60 36.86 40.64 -14.80
C LEU L 60 37.55 41.96 -14.48
N ASP L 61 36.76 42.97 -14.11
CA ASP L 61 37.29 44.23 -13.64
C ASP L 61 36.40 44.72 -12.50
N PRO L 62 36.95 45.00 -11.33
CA PRO L 62 36.10 45.42 -10.20
C PRO L 62 35.44 46.77 -10.41
N ALA L 63 36.05 47.65 -11.20
CA ALA L 63 35.51 48.99 -11.41
C ALA L 63 34.69 49.02 -12.71
N ASP L 64 33.54 48.36 -12.65
CA ASP L 64 32.66 48.25 -13.81
C ASP L 64 31.24 48.07 -13.31
N PRO L 65 30.25 48.33 -14.16
CA PRO L 65 28.88 47.92 -13.82
C PRO L 65 28.69 46.42 -13.90
N SER L 66 29.65 45.70 -14.49
CA SER L 66 29.58 44.24 -14.50
C SER L 66 29.76 43.69 -13.10
N ASP L 67 30.41 44.46 -12.22
CA ASP L 67 30.75 43.95 -10.90
C ASP L 67 29.52 43.91 -9.99
N ASP L 68 28.55 44.79 -10.23
CA ASP L 68 27.42 44.91 -9.32
C ASP L 68 26.42 43.76 -9.50
N LEU L 69 26.57 43.00 -10.57
CA LEU L 69 25.67 41.87 -10.79
C LEU L 69 25.91 40.78 -9.74
N GLU L 70 24.86 40.43 -9.02
CA GLU L 70 24.92 39.40 -8.00
C GLU L 70 23.80 38.41 -8.22
N PRO L 71 24.03 37.13 -7.94
CA PRO L 71 22.97 36.14 -8.10
C PRO L 71 21.74 36.50 -7.28
N GLY L 72 20.58 36.46 -7.91
CA GLY L 72 19.35 36.81 -7.26
C GLY L 72 18.83 38.19 -7.61
N ASP L 73 19.64 39.03 -8.23
CA ASP L 73 19.19 40.37 -8.57
C ASP L 73 18.20 40.33 -9.73
N LEU L 74 17.30 41.30 -9.77
CA LEU L 74 16.39 41.50 -10.89
C LEU L 74 16.85 42.73 -11.66
N VAL L 75 17.09 42.56 -12.95
CA VAL L 75 17.65 43.62 -13.78
C VAL L 75 16.93 43.64 -15.11
N ASP L 76 16.80 44.84 -15.67
CA ASP L 76 16.19 45.04 -16.98
C ASP L 76 17.31 45.16 -18.01
N LEU L 77 17.33 44.24 -18.96
CA LEU L 77 18.43 44.13 -19.91
C LEU L 77 17.98 44.63 -21.27
N GLU L 78 18.94 45.01 -22.10
CA GLU L 78 18.72 45.31 -23.50
C GLU L 78 19.93 44.83 -24.28
N LEU L 79 19.70 44.01 -25.30
CA LEU L 79 20.78 43.46 -26.10
C LEU L 79 20.75 44.09 -27.48
N TYR L 80 21.85 44.70 -27.87
CA TYR L 80 21.96 45.28 -29.20
C TYR L 80 22.86 44.40 -30.04
N PRO L 81 22.33 43.47 -30.83
CA PRO L 81 23.21 42.58 -31.59
C PRO L 81 24.08 43.31 -32.58
N GLY L 82 23.57 44.38 -33.18
CA GLY L 82 24.30 45.10 -34.21
C GLY L 82 24.67 46.52 -33.85
N GLY L 83 24.73 46.88 -32.58
CA GLY L 83 25.09 48.22 -32.17
C GLY L 83 23.86 49.05 -31.86
N GLU L 84 24.11 50.31 -31.57
CA GLU L 84 23.06 51.25 -31.18
C GLU L 84 22.68 52.20 -32.31
N SER L 85 23.21 52.00 -33.51
CA SER L 85 22.84 52.86 -34.63
C SER L 85 21.35 52.72 -34.93
N THR L 86 20.75 53.81 -35.37
CA THR L 86 19.30 53.86 -35.57
C THR L 86 18.85 52.79 -36.56
N GLY L 87 17.70 52.20 -36.29
CA GLY L 87 17.19 51.15 -37.13
C GLY L 87 17.73 49.77 -36.84
N SER L 88 18.52 49.62 -35.78
CA SER L 88 19.08 48.32 -35.41
C SER L 88 18.20 47.67 -34.36
N GLY L 89 17.71 46.48 -34.66
CA GLY L 89 16.83 45.80 -33.71
C GLY L 89 17.56 45.46 -32.42
N TYR L 90 16.83 45.48 -31.32
CA TYR L 90 17.37 45.14 -30.02
C TYR L 90 16.33 44.38 -29.22
N ARG L 91 16.75 43.28 -28.63
CA ARG L 91 15.87 42.48 -27.78
C ARG L 91 15.96 43.00 -26.36
N SER L 92 14.85 43.49 -25.83
CA SER L 92 14.79 44.02 -24.48
C SER L 92 14.05 43.03 -23.60
N VAL L 93 14.67 42.64 -22.50
CA VAL L 93 14.09 41.68 -21.56
C VAL L 93 13.78 42.40 -20.26
N ALA L 94 12.55 42.27 -19.80
CA ALA L 94 12.13 42.90 -18.55
C ALA L 94 12.10 41.85 -17.45
N GLY L 95 12.58 42.24 -16.28
CA GLY L 95 12.60 41.33 -15.15
C GLY L 95 13.54 40.16 -15.32
N ALA L 96 14.71 40.40 -15.91
CA ALA L 96 15.69 39.34 -16.05
C ALA L 96 16.23 38.95 -14.69
N LEU L 97 16.34 37.65 -14.44
CA LEU L 97 16.75 37.11 -13.17
C LEU L 97 18.14 36.52 -13.31
N ILE L 98 19.10 37.09 -12.60
CA ILE L 98 20.49 36.65 -12.69
C ILE L 98 20.64 35.44 -11.78
N LEU L 99 21.18 34.35 -12.31
CA LEU L 99 21.06 33.07 -11.64
C LEU L 99 22.38 32.61 -11.04
N SER L 100 23.50 32.89 -11.72
CA SER L 100 24.78 32.40 -11.25
C SER L 100 25.90 33.14 -11.96
N THR L 101 27.04 33.25 -11.28
CA THR L 101 28.24 33.85 -11.84
C THR L 101 29.40 32.89 -11.60
N ALA L 102 30.44 33.00 -12.43
CA ALA L 102 31.56 32.07 -12.34
C ALA L 102 32.83 32.76 -12.79
N GLU L 103 33.66 33.18 -11.84
CA GLU L 103 34.92 33.84 -12.13
C GLU L 103 36.04 32.82 -12.16
N SER L 104 37.05 33.07 -12.99
CA SER L 104 38.15 32.12 -13.12
C SER L 104 39.33 32.83 -13.75
N ALA L 105 40.48 32.14 -13.75
CA ALA L 105 41.71 32.70 -14.28
C ALA L 105 42.69 31.58 -14.53
N SER L 106 43.79 31.92 -15.17
CA SER L 106 44.86 30.99 -15.46
C SER L 106 46.19 31.69 -15.25
N LYS L 107 47.28 30.93 -15.36
CA LYS L 107 48.59 31.53 -15.13
C LYS L 107 49.05 32.32 -16.35
N ASP L 108 48.38 32.13 -17.48
CA ASP L 108 48.69 32.87 -18.70
C ASP L 108 47.45 33.40 -19.39
N GLY L 109 46.50 33.94 -18.65
CA GLY L 109 45.29 34.46 -19.23
C GLY L 109 44.80 35.68 -18.48
N ILE L 110 43.58 36.08 -18.82
CA ILE L 110 42.96 37.24 -18.19
C ILE L 110 41.80 36.75 -17.34
N PRO L 111 41.63 37.26 -16.12
CA PRO L 111 40.50 36.79 -15.30
C PRO L 111 39.18 37.09 -15.98
N MET L 112 38.38 36.05 -16.18
CA MET L 112 37.13 36.17 -16.89
C MET L 112 35.96 35.93 -15.95
N LEU L 113 34.81 36.46 -16.33
CA LEU L 113 33.59 36.38 -15.56
C LEU L 113 32.44 36.00 -16.47
N THR L 114 31.67 34.99 -16.06
CA THR L 114 30.54 34.51 -16.83
C THR L 114 29.28 34.70 -16.02
N VAL L 115 28.42 35.60 -16.48
CA VAL L 115 27.12 35.82 -15.86
C VAL L 115 26.12 34.97 -16.60
N ASN L 116 25.17 34.40 -15.87
CA ASN L 116 24.19 33.49 -16.44
C ASN L 116 22.84 33.82 -15.85
N TRP L 117 21.88 34.14 -16.70
CA TRP L 117 20.62 34.70 -16.26
C TRP L 117 19.46 33.87 -16.76
N ARG L 118 18.26 34.42 -16.58
CA ARG L 118 17.00 33.75 -16.88
C ARG L 118 15.91 34.81 -16.96
N THR L 119 14.72 34.41 -17.38
CA THR L 119 13.59 35.32 -17.40
C THR L 119 12.56 34.87 -16.39
N SER L 120 11.80 35.83 -15.86
CA SER L 120 10.86 35.57 -14.78
C SER L 120 9.58 36.36 -15.04
N GLY L 121 8.60 35.73 -15.65
CA GLY L 121 7.30 36.32 -15.85
C GLY L 121 7.09 37.00 -17.18
N ALA L 122 8.14 37.42 -17.87
CA ALA L 122 8.00 38.12 -19.14
C ALA L 122 8.90 37.47 -20.18
N LEU L 123 8.67 37.82 -21.43
CA LEU L 123 9.45 37.24 -22.51
C LEU L 123 10.15 38.34 -23.30
N PRO L 124 11.25 38.02 -23.99
CA PRO L 124 11.99 39.05 -24.72
C PRO L 124 11.13 39.75 -25.75
N GLN L 125 11.09 41.07 -25.67
CA GLN L 125 10.27 41.89 -26.55
C GLN L 125 11.17 42.52 -27.60
N LYS L 126 11.07 42.03 -28.84
CA LYS L 126 11.82 42.63 -29.92
C LYS L 126 11.34 44.05 -30.19
N ALA L 127 12.20 44.85 -30.81
CA ALA L 127 11.87 46.23 -31.14
C ALA L 127 12.88 46.75 -32.13
N THR L 128 12.71 48.00 -32.52
CA THR L 128 13.60 48.67 -33.45
C THR L 128 13.97 50.04 -32.90
N VAL L 129 15.26 50.26 -32.67
CA VAL L 129 15.71 51.53 -32.12
C VAL L 129 15.37 52.66 -33.10
N SER L 130 15.13 53.84 -32.56
CA SER L 130 14.79 54.99 -33.37
C SER L 130 16.04 55.61 -33.99
N MET M 1 -19.61 18.97 29.30
CA MET M 1 -18.73 17.92 28.82
C MET M 1 -17.57 17.70 29.78
N LEU M 2 -17.79 16.84 30.76
CA LEU M 2 -16.73 16.53 31.73
C LEU M 2 -15.70 15.62 31.10
N LYS M 3 -14.49 15.66 31.64
CA LYS M 3 -13.36 14.97 31.03
C LYS M 3 -13.59 13.47 30.95
N GLY M 4 -14.08 12.88 32.03
CA GLY M 4 -14.34 11.45 32.05
C GLY M 4 -13.17 10.60 32.51
N LYS M 5 -11.94 11.04 32.26
CA LYS M 5 -10.76 10.34 32.75
C LYS M 5 -10.31 10.84 34.10
N ASP M 6 -11.04 11.77 34.70
CA ASP M 6 -10.71 12.30 36.02
C ASP M 6 -11.63 11.76 37.10
N GLY M 7 -12.58 10.92 36.74
CA GLY M 7 -13.53 10.40 37.71
C GLY M 7 -12.88 9.78 38.91
N VAL M 8 -13.35 10.14 40.09
CA VAL M 8 -12.80 9.66 41.35
C VAL M 8 -13.94 9.09 42.18
N VAL M 9 -13.72 7.92 42.76
CA VAL M 9 -14.66 7.30 43.68
C VAL M 9 -13.96 7.23 45.03
N LYS M 10 -14.73 7.39 46.11
CA LYS M 10 -14.17 7.35 47.44
C LYS M 10 -15.04 6.51 48.35
N ASN M 11 -14.40 5.87 49.31
CA ASN M 11 -15.10 5.32 50.46
C ASN M 11 -15.21 6.42 51.50
N ALA M 12 -16.40 6.99 51.63
CA ALA M 12 -16.56 8.19 52.45
C ALA M 12 -16.28 7.90 53.92
N SER M 13 -16.58 6.69 54.36
CA SER M 13 -16.41 6.37 55.78
C SER M 13 -14.95 6.46 56.19
N THR M 14 -14.04 5.90 55.41
CA THR M 14 -12.63 5.86 55.74
C THR M 14 -11.81 6.88 54.98
N GLY M 15 -12.34 7.46 53.91
CA GLY M 15 -11.60 8.48 53.20
C GLY M 15 -10.40 7.96 52.44
N ASP M 16 -10.63 7.20 51.37
CA ASP M 16 -9.57 6.60 50.58
C ASP M 16 -10.07 6.29 49.19
N SER M 17 -9.41 6.84 48.17
CA SER M 17 -9.79 6.56 46.80
C SER M 17 -9.73 5.06 46.53
N ILE M 18 -10.40 4.64 45.46
CA ILE M 18 -10.52 3.21 45.20
C ILE M 18 -9.21 2.64 44.67
N GLY M 19 -8.78 3.10 43.52
CA GLY M 19 -7.56 2.58 42.93
C GLY M 19 -7.64 2.66 41.42
N HIS M 20 -7.07 1.65 40.77
CA HIS M 20 -7.01 1.62 39.32
C HIS M 20 -8.42 1.42 38.81
N LEU M 21 -9.10 2.49 38.46
CA LEU M 21 -10.50 2.40 38.05
C LEU M 21 -10.56 2.23 36.55
N GLN M 22 -11.65 1.64 36.07
CA GLN M 22 -11.82 1.47 34.64
C GLN M 22 -13.11 2.11 34.15
N SER M 23 -14.17 2.00 34.94
CA SER M 23 -15.45 2.58 34.56
C SER M 23 -16.38 2.51 35.75
N TRP M 24 -17.30 3.46 35.84
CA TRP M 24 -18.33 3.44 36.85
C TRP M 24 -19.68 3.56 36.17
N ALA M 25 -20.73 3.44 36.98
CA ALA M 25 -22.08 3.55 36.45
C ALA M 25 -23.02 3.77 37.61
N LEU M 26 -24.17 4.33 37.31
CA LEU M 26 -25.16 4.64 38.33
C LEU M 26 -26.53 4.58 37.67
N ASP M 27 -27.57 4.53 38.49
CA ASP M 27 -28.92 4.42 37.97
C ASP M 27 -29.91 4.85 39.03
N THR M 28 -31.10 5.23 38.58
CA THR M 28 -32.21 5.55 39.46
C THR M 28 -33.49 5.14 38.77
N GLN M 29 -34.44 4.59 39.52
CA GLN M 29 -35.69 4.13 38.93
C GLN M 29 -36.83 4.50 39.86
N ARG M 30 -38.03 4.48 39.31
CA ARG M 30 -39.25 4.48 40.10
C ARG M 30 -40.25 3.59 39.40
N ASP M 31 -40.97 2.78 40.15
CA ASP M 31 -41.93 1.88 39.54
C ASP M 31 -43.13 2.67 39.02
N GLU M 32 -43.79 2.12 38.01
CA GLU M 32 -44.95 2.77 37.42
C GLU M 32 -46.20 1.94 37.69
N VAL M 33 -47.36 2.59 37.58
CA VAL M 33 -48.65 1.95 37.79
C VAL M 33 -49.62 2.57 36.80
N SER M 34 -50.26 1.75 35.99
CA SER M 34 -51.13 2.22 34.92
C SER M 34 -52.54 1.68 35.10
N GLY M 35 -53.53 2.51 34.77
CA GLY M 35 -54.91 2.09 34.85
C GLY M 35 -55.80 2.81 33.85
N TRP M 36 -56.92 2.20 33.50
CA TRP M 36 -57.87 2.81 32.58
C TRP M 36 -59.21 2.10 32.70
N GLY M 37 -60.27 2.77 32.26
CA GLY M 37 -61.61 2.26 32.38
C GLY M 37 -62.21 1.95 31.02
N MET M 38 -63.37 1.31 31.06
CA MET M 38 -64.10 1.01 29.83
C MET M 38 -64.62 2.30 29.22
N GLY M 39 -63.98 2.74 28.14
CA GLY M 39 -64.38 3.95 27.46
C GLY M 39 -63.39 5.09 27.54
N ASP M 40 -62.11 4.81 27.77
CA ASP M 40 -61.09 5.84 27.86
C ASP M 40 -60.20 5.77 26.64
N ASP M 41 -59.57 6.90 26.30
CA ASP M 41 -58.72 6.94 25.13
C ASP M 41 -57.27 6.62 25.49
N ALA M 42 -56.73 7.28 26.50
CA ALA M 42 -55.37 7.05 26.95
C ALA M 42 -55.37 6.50 28.36
N GLU M 43 -54.25 5.94 28.77
CA GLU M 43 -54.14 5.30 30.07
C GLU M 43 -53.27 6.17 30.97
N ARG M 44 -53.62 6.23 32.24
CA ARG M 44 -52.92 7.09 33.20
C ARG M 44 -51.84 6.31 33.92
N ALA M 45 -50.94 7.05 34.59
CA ALA M 45 -49.82 6.43 35.28
C ALA M 45 -49.37 7.30 36.43
N PHE M 46 -48.51 6.73 37.27
CA PHE M 46 -47.80 7.46 38.31
C PHE M 46 -46.68 6.59 38.86
N THR M 47 -45.81 7.20 39.66
CA THR M 47 -44.61 6.56 40.16
C THR M 47 -44.73 6.34 41.65
N THR M 48 -44.41 5.13 42.11
CA THR M 48 -44.62 4.74 43.50
C THR M 48 -43.38 4.91 44.38
N VAL M 49 -42.32 4.16 44.10
CA VAL M 49 -41.17 4.10 45.01
C VAL M 49 -39.90 3.99 44.17
N GLY M 50 -38.80 4.43 44.75
CA GLY M 50 -37.55 4.61 44.01
C GLY M 50 -36.44 3.73 44.50
N ARG M 51 -35.41 3.58 43.68
CA ARG M 51 -34.24 2.77 43.99
C ARG M 51 -33.00 3.45 43.46
N ALA M 52 -31.88 2.76 43.58
CA ALA M 52 -30.63 3.18 42.96
C ALA M 52 -29.71 1.98 42.90
N SER M 53 -28.83 1.96 41.91
CA SER M 53 -27.92 0.84 41.71
C SER M 53 -26.79 1.29 40.80
N GLY M 54 -25.71 0.51 40.81
CA GLY M 54 -24.57 0.83 39.98
C GLY M 54 -23.46 -0.15 40.24
N ASN M 55 -22.32 0.12 39.63
CA ASN M 55 -21.17 -0.75 39.76
C ASN M 55 -19.92 0.01 39.39
N PHE M 56 -18.79 -0.69 39.39
CA PHE M 56 -17.54 -0.15 38.87
C PHE M 56 -16.55 -1.29 38.75
N GLU M 57 -15.58 -1.11 37.87
CA GLU M 57 -14.62 -2.15 37.51
C GLU M 57 -13.22 -1.63 37.71
N VAL M 58 -12.40 -2.39 38.44
CA VAL M 58 -11.05 -1.95 38.79
C VAL M 58 -10.07 -3.06 38.41
N TYR M 59 -8.79 -2.70 38.34
CA TYR M 59 -7.76 -3.71 38.24
C TYR M 59 -7.56 -4.38 39.59
N LEU M 60 -7.41 -5.69 39.58
CA LEU M 60 -7.33 -6.46 40.81
C LEU M 60 -5.95 -6.25 41.41
N ASP M 61 -5.91 -5.68 42.61
CA ASP M 61 -4.68 -5.56 43.37
C ASP M 61 -4.99 -5.81 44.84
N PRO M 62 -4.32 -6.75 45.49
CA PRO M 62 -4.66 -7.05 46.90
C PRO M 62 -4.33 -5.93 47.85
N ALA M 63 -3.36 -5.08 47.52
CA ALA M 63 -2.95 -3.99 48.40
C ALA M 63 -3.65 -2.69 47.99
N ASP M 64 -4.95 -2.66 48.23
CA ASP M 64 -5.77 -1.51 47.85
C ASP M 64 -6.97 -1.45 48.79
N PRO M 65 -7.62 -0.30 48.88
CA PRO M 65 -8.92 -0.26 49.56
C PRO M 65 -10.00 -0.95 48.76
N SER M 66 -9.75 -1.25 47.49
CA SER M 66 -10.73 -2.00 46.71
C SER M 66 -10.84 -3.43 47.21
N ASP M 67 -9.80 -3.91 47.90
CA ASP M 67 -9.78 -5.31 48.31
C ASP M 67 -10.69 -5.55 49.50
N ASP M 68 -10.93 -4.53 50.32
CA ASP M 68 -11.67 -4.72 51.55
C ASP M 68 -13.16 -4.83 51.30
N LEU M 69 -13.60 -4.51 50.09
CA LEU M 69 -15.01 -4.61 49.77
C LEU M 69 -15.44 -6.06 49.72
N GLU M 70 -16.44 -6.41 50.53
CA GLU M 70 -16.97 -7.75 50.58
C GLU M 70 -18.49 -7.70 50.45
N PRO M 71 -19.09 -8.69 49.80
CA PRO M 71 -20.55 -8.71 49.67
C PRO M 71 -21.22 -8.68 51.02
N GLY M 72 -22.19 -7.78 51.17
CA GLY M 72 -22.88 -7.61 52.42
C GLY M 72 -22.45 -6.42 53.24
N ASP M 73 -21.33 -5.80 52.89
CA ASP M 73 -20.86 -4.64 53.64
C ASP M 73 -21.73 -3.42 53.36
N LEU M 74 -21.82 -2.53 54.34
CA LEU M 74 -22.46 -1.24 54.17
C LEU M 74 -21.38 -0.17 54.13
N VAL M 75 -21.39 0.63 53.06
CA VAL M 75 -20.34 1.60 52.83
C VAL M 75 -20.97 2.89 52.33
N ASP M 76 -20.35 4.01 52.70
CA ASP M 76 -20.78 5.33 52.27
C ASP M 76 -19.90 5.75 51.10
N LEU M 77 -20.51 5.95 49.94
CA LEU M 77 -19.80 6.21 48.71
C LEU M 77 -19.91 7.67 48.32
N GLU M 78 -18.97 8.14 47.51
CA GLU M 78 -19.05 9.44 46.87
C GLU M 78 -18.46 9.30 45.48
N LEU M 79 -19.20 9.71 44.47
CA LEU M 79 -18.76 9.61 43.09
C LEU M 79 -18.47 11.01 42.55
N TYR M 80 -17.26 11.22 42.08
CA TYR M 80 -16.89 12.49 41.48
C TYR M 80 -16.79 12.29 39.98
N PRO M 81 -17.84 12.60 39.21
CA PRO M 81 -17.75 12.36 37.76
C PRO M 81 -16.68 13.17 37.08
N GLY M 82 -16.45 14.39 37.55
CA GLY M 82 -15.49 15.28 36.92
C GLY M 82 -14.29 15.63 37.76
N GLY M 83 -13.94 14.85 38.76
CA GLY M 83 -12.80 15.15 39.61
C GLY M 83 -13.22 15.82 40.89
N GLU M 84 -12.21 16.19 41.67
CA GLU M 84 -12.41 16.80 42.98
C GLU M 84 -12.19 18.30 42.97
N SER M 85 -11.97 18.90 41.80
CA SER M 85 -11.80 20.33 41.73
C SER M 85 -13.06 21.05 42.21
N THR M 86 -12.86 22.20 42.85
CA THR M 86 -13.98 22.90 43.46
C THR M 86 -15.04 23.25 42.44
N GLY M 87 -16.30 23.16 42.87
CA GLY M 87 -17.41 23.42 41.98
C GLY M 87 -17.83 22.25 41.12
N SER M 88 -17.26 21.07 41.34
CA SER M 88 -17.61 19.88 40.57
C SER M 88 -18.63 19.07 41.33
N GLY M 89 -19.78 18.84 40.72
CA GLY M 89 -20.83 18.10 41.39
C GLY M 89 -20.40 16.67 41.68
N TYR M 90 -20.89 16.12 42.78
CA TYR M 90 -20.59 14.76 43.18
C TYR M 90 -21.83 14.13 43.80
N ARG M 91 -22.16 12.93 43.35
CA ARG M 91 -23.29 12.20 43.90
C ARG M 91 -22.82 11.37 45.08
N SER M 92 -23.34 11.67 46.27
CA SER M 92 -22.96 10.95 47.48
C SER M 92 -24.11 10.03 47.87
N VAL M 93 -23.81 8.76 48.07
CA VAL M 93 -24.79 7.76 48.43
C VAL M 93 -24.51 7.28 49.84
N ALA M 94 -25.51 7.34 50.70
CA ALA M 94 -25.38 6.89 52.07
C ALA M 94 -25.98 5.50 52.22
N GLY M 95 -25.30 4.65 52.98
CA GLY M 95 -25.79 3.30 53.19
C GLY M 95 -25.79 2.44 51.94
N ALA M 96 -24.78 2.58 51.11
CA ALA M 96 -24.68 1.74 49.93
C ALA M 96 -24.42 0.30 50.32
N LEU M 97 -25.13 -0.62 49.71
CA LEU M 97 -25.08 -2.03 50.03
C LEU M 97 -24.37 -2.76 48.90
N ILE M 98 -23.22 -3.36 49.21
CA ILE M 98 -22.43 -4.05 48.20
C ILE M 98 -23.02 -5.45 48.04
N LEU M 99 -23.31 -5.83 46.81
CA LEU M 99 -24.17 -6.99 46.59
C LEU M 99 -23.38 -8.18 46.05
N SER M 100 -22.40 -7.94 45.20
CA SER M 100 -21.67 -9.04 44.58
C SER M 100 -20.37 -8.53 43.99
N THR M 101 -19.38 -9.41 43.91
CA THR M 101 -18.10 -9.12 43.27
C THR M 101 -17.78 -10.25 42.31
N ALA M 102 -16.97 -9.97 41.30
CA ALA M 102 -16.66 -10.96 40.27
C ALA M 102 -15.27 -10.72 39.73
N GLU M 103 -14.31 -11.52 40.16
CA GLU M 103 -12.93 -11.42 39.72
C GLU M 103 -12.70 -12.37 38.56
N SER M 104 -11.82 -11.99 37.64
CA SER M 104 -11.56 -12.81 36.47
C SER M 104 -10.24 -12.41 35.86
N ALA M 105 -9.78 -13.20 34.89
CA ALA M 105 -8.50 -12.97 34.25
C ALA M 105 -8.45 -13.76 32.95
N SER M 106 -7.42 -13.50 32.17
CA SER M 106 -7.19 -14.20 30.91
C SER M 106 -5.71 -14.48 30.78
N LYS M 107 -5.34 -15.20 29.73
CA LYS M 107 -3.93 -15.55 29.57
C LYS M 107 -3.17 -14.38 28.97
N ASP M 108 -3.87 -13.38 28.46
CA ASP M 108 -3.23 -12.19 27.92
C ASP M 108 -3.90 -10.91 28.38
N GLY M 109 -4.25 -10.81 29.66
CA GLY M 109 -4.92 -9.63 30.18
C GLY M 109 -4.49 -9.36 31.60
N ILE M 110 -5.20 -8.44 32.23
CA ILE M 110 -4.93 -8.04 33.60
C ILE M 110 -6.08 -8.51 34.47
N PRO M 111 -5.84 -9.09 35.64
CA PRO M 111 -6.94 -9.54 36.49
C PRO M 111 -7.82 -8.37 36.88
N MET M 112 -9.10 -8.48 36.56
CA MET M 112 -10.05 -7.40 36.79
C MET M 112 -11.05 -7.80 37.86
N LEU M 113 -11.64 -6.80 38.49
CA LEU M 113 -12.59 -6.97 39.57
C LEU M 113 -13.78 -6.06 39.33
N THR M 114 -14.98 -6.62 39.42
CA THR M 114 -16.20 -5.87 39.21
C THR M 114 -17.02 -5.90 40.49
N VAL M 115 -17.15 -4.75 41.14
CA VAL M 115 -17.98 -4.60 42.32
C VAL M 115 -19.34 -4.14 41.86
N ASN M 116 -20.39 -4.63 42.49
CA ASN M 116 -21.76 -4.33 42.10
C ASN M 116 -22.57 -4.08 43.35
N TRP M 117 -23.16 -2.91 43.45
CA TRP M 117 -23.76 -2.47 44.70
C TRP M 117 -25.22 -2.09 44.49
N ARG M 118 -25.80 -1.50 45.52
CA ARG M 118 -27.21 -1.16 45.57
C ARG M 118 -27.39 -0.11 46.67
N THR M 119 -28.59 0.44 46.77
CA THR M 119 -28.91 1.38 47.84
C THR M 119 -29.94 0.76 48.77
N SER M 120 -29.89 1.16 50.03
CA SER M 120 -30.72 0.58 51.07
C SER M 120 -31.23 1.67 52.00
N GLY M 121 -32.44 2.15 51.72
CA GLY M 121 -33.08 3.12 52.59
C GLY M 121 -32.91 4.56 52.20
N ALA M 122 -31.87 4.90 51.45
CA ALA M 122 -31.62 6.29 51.09
C ALA M 122 -31.39 6.39 49.60
N LEU M 123 -31.43 7.61 49.07
CA LEU M 123 -31.24 7.82 47.65
C LEU M 123 -30.05 8.74 47.40
N PRO M 124 -29.44 8.67 46.21
CA PRO M 124 -28.26 9.50 45.94
C PRO M 124 -28.57 10.98 46.09
N GLN M 125 -27.77 11.65 46.92
CA GLN M 125 -27.94 13.06 47.20
C GLN M 125 -26.91 13.85 46.41
N LYS M 126 -27.38 14.56 45.39
CA LYS M 126 -26.48 15.42 44.62
C LYS M 126 -25.98 16.56 45.48
N ALA M 127 -24.85 17.14 45.09
CA ALA M 127 -24.26 18.25 45.83
C ALA M 127 -23.22 18.90 44.95
N THR M 128 -22.58 19.94 45.49
CA THR M 128 -21.52 20.66 44.81
C THR M 128 -20.35 20.85 45.75
N VAL M 129 -19.19 20.32 45.38
CA VAL M 129 -18.01 20.42 46.22
C VAL M 129 -17.63 21.88 46.39
N SER M 130 -17.05 22.20 47.53
CA SER M 130 -16.64 23.57 47.81
C SER M 130 -15.32 23.89 47.12
N MET N 1 -2.03 -3.75 39.47
CA MET N 1 -2.01 -4.32 38.13
C MET N 1 -1.18 -5.59 38.10
N LEU N 2 -1.82 -6.71 38.39
CA LEU N 2 -1.11 -7.98 38.35
C LEU N 2 -0.90 -8.42 36.91
N LYS N 3 0.11 -9.26 36.71
CA LYS N 3 0.52 -9.63 35.36
C LYS N 3 -0.60 -10.33 34.60
N GLY N 4 -1.27 -11.27 35.25
CA GLY N 4 -2.34 -11.99 34.60
C GLY N 4 -1.92 -13.24 33.86
N LYS N 5 -0.71 -13.28 33.33
CA LYS N 5 -0.18 -14.48 32.70
C LYS N 5 0.58 -15.37 33.66
N ASP N 6 0.62 -15.01 34.94
CA ASP N 6 1.30 -15.80 35.96
C ASP N 6 0.33 -16.55 36.85
N GLY N 7 -0.97 -16.40 36.61
CA GLY N 7 -1.97 -17.04 37.44
C GLY N 7 -1.76 -18.52 37.59
N VAL N 8 -1.84 -19.01 38.81
CA VAL N 8 -1.61 -20.41 39.13
C VAL N 8 -2.79 -20.91 39.93
N VAL N 9 -3.30 -22.08 39.58
CA VAL N 9 -4.35 -22.75 40.32
C VAL N 9 -3.77 -24.05 40.85
N LYS N 10 -4.19 -24.45 42.05
CA LYS N 10 -3.68 -25.66 42.65
C LYS N 10 -4.82 -26.48 43.24
N ASN N 11 -4.66 -27.79 43.21
CA ASN N 11 -5.46 -28.68 44.03
C ASN N 11 -4.79 -28.78 45.39
N ALA N 12 -5.37 -28.10 46.38
CA ALA N 12 -4.70 -27.97 47.66
C ALA N 12 -4.56 -29.31 48.36
N SER N 13 -5.51 -30.21 48.15
CA SER N 13 -5.47 -31.49 48.84
C SER N 13 -4.25 -32.31 48.45
N THR N 14 -3.94 -32.39 47.16
CA THR N 14 -2.83 -33.19 46.68
C THR N 14 -1.61 -32.37 46.33
N GLY N 15 -1.74 -31.05 46.19
CA GLY N 15 -0.58 -30.22 45.89
C GLY N 15 -0.01 -30.42 44.51
N ASP N 16 -0.74 -29.98 43.48
CA ASP N 16 -0.32 -30.14 42.09
C ASP N 16 -1.01 -29.10 41.23
N SER N 17 -0.22 -28.29 40.53
CA SER N 17 -0.78 -27.30 39.62
C SER N 17 -1.67 -27.96 38.59
N ILE N 18 -2.55 -27.17 37.96
CA ILE N 18 -3.54 -27.74 37.06
C ILE N 18 -2.89 -28.16 35.75
N GLY N 19 -2.35 -27.23 35.01
CA GLY N 19 -1.75 -27.54 33.73
C GLY N 19 -1.87 -26.37 32.79
N HIS N 20 -2.09 -26.68 31.52
CA HIS N 20 -2.16 -25.64 30.50
C HIS N 20 -3.43 -24.85 30.73
N LEU N 21 -3.32 -23.73 31.43
CA LEU N 21 -4.49 -22.96 31.79
C LEU N 21 -4.76 -21.92 30.70
N GLN N 22 -6.01 -21.48 30.60
CA GLN N 22 -6.35 -20.46 29.61
C GLN N 22 -7.00 -19.26 30.27
N SER N 23 -7.85 -19.49 31.27
CA SER N 23 -8.53 -18.41 31.96
C SER N 23 -9.20 -18.98 33.18
N TRP N 24 -9.32 -18.15 34.22
CA TRP N 24 -10.08 -18.52 35.40
C TRP N 24 -11.11 -17.44 35.66
N ALA N 25 -11.96 -17.70 36.66
CA ALA N 25 -12.99 -16.75 37.02
C ALA N 25 -13.51 -17.12 38.39
N LEU N 26 -14.09 -16.13 39.07
CA LEU N 26 -14.60 -16.34 40.40
C LEU N 26 -15.75 -15.37 40.60
N ASP N 27 -16.55 -15.62 41.64
CA ASP N 27 -17.72 -14.78 41.89
C ASP N 27 -18.15 -14.94 43.34
N THR N 28 -18.88 -13.94 43.83
CA THR N 28 -19.49 -13.99 45.14
C THR N 28 -20.80 -13.22 45.07
N GLN N 29 -21.83 -13.73 45.73
CA GLN N 29 -23.13 -13.09 45.71
C GLN N 29 -23.73 -13.12 47.10
N ARG N 30 -24.73 -12.28 47.31
CA ARG N 30 -25.63 -12.40 48.44
C ARG N 30 -27.01 -12.00 47.96
N ASP N 31 -28.03 -12.75 48.38
CA ASP N 31 -29.37 -12.44 47.96
C ASP N 31 -29.85 -11.15 48.62
N GLU N 32 -30.78 -10.46 47.97
CA GLU N 32 -31.33 -9.23 48.49
C GLU N 32 -32.81 -9.42 48.84
N VAL N 33 -33.32 -8.53 49.68
CA VAL N 33 -34.71 -8.56 50.11
C VAL N 33 -35.16 -7.11 50.26
N SER N 34 -36.24 -6.75 49.58
CA SER N 34 -36.69 -5.37 49.54
C SER N 34 -38.12 -5.26 50.06
N GLY N 35 -38.41 -4.18 50.77
CA GLY N 35 -39.74 -3.95 51.28
C GLY N 35 -40.06 -2.48 51.44
N TRP N 36 -41.34 -2.13 51.42
CA TRP N 36 -41.77 -0.76 51.60
C TRP N 36 -43.25 -0.75 51.95
N GLY N 37 -43.70 0.36 52.54
CA GLY N 37 -45.06 0.50 53.00
C GLY N 37 -45.82 1.55 52.20
N MET N 38 -47.12 1.60 52.45
CA MET N 38 -47.96 2.61 51.81
C MET N 38 -47.61 3.98 52.37
N GLY N 39 -46.92 4.78 51.57
CA GLY N 39 -46.53 6.11 51.96
C GLY N 39 -45.05 6.32 52.16
N ASP N 40 -44.20 5.51 51.54
CA ASP N 40 -42.75 5.63 51.66
C ASP N 40 -42.18 6.16 50.36
N ASP N 41 -41.01 6.81 50.45
CA ASP N 41 -40.40 7.36 49.25
C ASP N 41 -39.44 6.37 48.61
N ALA N 42 -38.54 5.79 49.40
CA ALA N 42 -37.58 4.82 48.90
C ALA N 42 -37.83 3.47 49.55
N GLU N 43 -37.27 2.43 48.96
CA GLU N 43 -37.48 1.06 49.44
C GLU N 43 -36.20 0.58 50.10
N ARG N 44 -36.35 -0.20 51.17
CA ARG N 44 -35.21 -0.68 51.93
C ARG N 44 -34.79 -2.06 51.46
N ALA N 45 -33.59 -2.47 51.87
CA ALA N 45 -33.05 -3.75 51.45
C ALA N 45 -32.08 -4.28 52.49
N PHE N 46 -31.70 -5.55 52.32
CA PHE N 46 -30.61 -6.16 53.07
C PHE N 46 -30.24 -7.48 52.42
N THR N 47 -29.12 -8.05 52.86
CA THR N 47 -28.55 -9.24 52.25
C THR N 47 -28.66 -10.42 53.21
N THR N 48 -29.14 -11.55 52.69
CA THR N 48 -29.44 -12.71 53.52
C THR N 48 -28.31 -13.72 53.60
N VAL N 49 -27.95 -14.36 52.48
CA VAL N 49 -27.03 -15.48 52.48
C VAL N 49 -26.17 -15.41 51.24
N GLY N 50 -24.99 -16.00 51.32
CA GLY N 50 -23.95 -15.83 50.32
C GLY N 50 -23.58 -17.12 49.62
N ARG N 51 -22.93 -16.99 48.46
CA ARG N 51 -22.49 -18.10 47.66
C ARG N 51 -21.13 -17.81 47.07
N ALA N 52 -20.67 -18.71 46.22
CA ALA N 52 -19.48 -18.49 45.42
C ALA N 52 -19.50 -19.47 44.26
N SER N 53 -18.88 -19.08 43.15
CA SER N 53 -18.88 -19.91 41.96
C SER N 53 -17.78 -19.43 41.03
N GLY N 54 -17.41 -20.27 40.08
CA GLY N 54 -16.38 -19.92 39.14
C GLY N 54 -16.09 -21.08 38.22
N ASN N 55 -15.07 -20.91 37.40
CA ASN N 55 -14.69 -21.94 36.45
C ASN N 55 -13.27 -21.70 36.00
N PHE N 56 -12.82 -22.53 35.07
CA PHE N 56 -11.54 -22.33 34.39
C PHE N 56 -11.47 -23.25 33.19
N GLU N 57 -10.67 -22.86 32.22
CA GLU N 57 -10.58 -23.55 30.94
C GLU N 57 -9.14 -23.94 30.66
N VAL N 58 -8.91 -25.22 30.35
CA VAL N 58 -7.57 -25.74 30.16
C VAL N 58 -7.51 -26.45 28.82
N TYR N 59 -6.29 -26.68 28.34
CA TYR N 59 -6.11 -27.56 27.19
C TYR N 59 -6.27 -29.00 27.65
N LEU N 60 -6.96 -29.79 26.84
CA LEU N 60 -7.29 -31.16 27.22
C LEU N 60 -6.05 -32.01 27.06
N ASP N 61 -5.58 -32.59 28.17
CA ASP N 61 -4.48 -33.54 28.14
C ASP N 61 -4.78 -34.64 29.14
N PRO N 62 -4.79 -35.91 28.74
CA PRO N 62 -5.14 -36.97 29.68
C PRO N 62 -4.12 -37.16 30.79
N ALA N 63 -2.87 -36.82 30.55
CA ALA N 63 -1.81 -37.01 31.55
C ALA N 63 -1.59 -35.71 32.32
N ASP N 64 -2.58 -35.37 33.15
CA ASP N 64 -2.53 -34.14 33.92
C ASP N 64 -3.37 -34.35 35.18
N PRO N 65 -3.17 -33.52 36.20
CA PRO N 65 -4.11 -33.50 37.32
C PRO N 65 -5.45 -32.88 36.94
N SER N 66 -5.53 -32.22 35.79
CA SER N 66 -6.80 -31.70 35.32
C SER N 66 -7.74 -32.83 34.92
N ASP N 67 -7.18 -34.00 34.62
CA ASP N 67 -7.99 -35.10 34.11
C ASP N 67 -8.78 -35.76 35.23
N ASP N 68 -8.27 -35.70 36.46
CA ASP N 68 -8.89 -36.44 37.55
C ASP N 68 -10.14 -35.74 38.06
N LEU N 69 -10.37 -34.50 37.64
CA LEU N 69 -11.56 -33.79 38.06
C LEU N 69 -12.80 -34.41 37.43
N GLU N 70 -13.74 -34.83 38.28
CA GLU N 70 -14.99 -35.41 37.84
C GLU N 70 -16.15 -34.72 38.53
N PRO N 71 -17.27 -34.58 37.83
CA PRO N 71 -18.43 -33.93 38.46
C PRO N 71 -18.85 -34.66 39.72
N GLY N 72 -19.05 -33.89 40.78
CA GLY N 72 -19.41 -34.45 42.07
C GLY N 72 -18.27 -34.54 43.06
N ASP N 73 -17.03 -34.37 42.62
CA ASP N 73 -15.91 -34.44 43.53
C ASP N 73 -15.86 -33.22 44.43
N LEU N 74 -15.31 -33.41 45.63
CA LEU N 74 -15.03 -32.31 46.54
C LEU N 74 -13.53 -32.08 46.58
N VAL N 75 -13.11 -30.85 46.29
CA VAL N 75 -11.70 -30.53 46.16
C VAL N 75 -11.43 -29.20 46.85
N ASP N 76 -10.23 -29.08 47.40
CA ASP N 76 -9.79 -27.85 48.04
C ASP N 76 -8.91 -27.09 47.06
N LEU N 77 -9.35 -25.88 46.69
CA LEU N 77 -8.72 -25.11 45.64
C LEU N 77 -7.93 -23.97 46.24
N GLU N 78 -6.97 -23.46 45.49
CA GLU N 78 -6.27 -22.22 45.80
C GLU N 78 -5.98 -21.50 44.50
N LEU N 79 -6.38 -20.25 44.41
CA LEU N 79 -6.19 -19.46 43.21
C LEU N 79 -5.14 -18.39 43.47
N TYR N 80 -4.09 -18.39 42.68
CA TYR N 80 -3.06 -17.37 42.79
C TYR N 80 -3.20 -16.41 41.62
N PRO N 81 -3.88 -15.28 41.78
CA PRO N 81 -4.08 -14.39 40.63
C PRO N 81 -2.78 -13.83 40.09
N GLY N 82 -1.80 -13.58 40.96
CA GLY N 82 -0.55 -12.98 40.55
C GLY N 82 0.67 -13.84 40.73
N GLY N 83 0.52 -15.15 40.81
CA GLY N 83 1.66 -16.05 40.98
C GLY N 83 1.83 -16.45 42.42
N GLU N 84 2.91 -17.20 42.65
CA GLU N 84 3.21 -17.74 43.96
C GLU N 84 4.31 -16.97 44.68
N SER N 85 4.77 -15.86 44.11
CA SER N 85 5.79 -15.06 44.78
C SER N 85 5.27 -14.54 46.11
N THR N 86 6.18 -14.42 47.08
CA THR N 86 5.79 -14.06 48.43
C THR N 86 5.09 -12.71 48.45
N GLY N 87 4.08 -12.59 49.31
CA GLY N 87 3.31 -11.38 49.40
C GLY N 87 2.20 -11.25 48.38
N SER N 88 1.93 -12.29 47.60
CA SER N 88 0.89 -12.26 46.60
C SER N 88 -0.37 -12.89 47.17
N GLY N 89 -1.47 -12.13 47.19
CA GLY N 89 -2.70 -12.65 47.75
C GLY N 89 -3.22 -13.83 46.95
N TYR N 90 -3.86 -14.76 47.64
CA TYR N 90 -4.44 -15.94 47.00
C TYR N 90 -5.76 -16.27 47.68
N ARG N 91 -6.80 -16.49 46.89
CA ARG N 91 -8.10 -16.88 47.42
C ARG N 91 -8.16 -18.40 47.52
N SER N 92 -8.30 -18.91 48.74
CA SER N 92 -8.36 -20.33 48.99
C SER N 92 -9.79 -20.71 49.30
N VAL N 93 -10.33 -21.69 48.58
CA VAL N 93 -11.70 -22.14 48.75
C VAL N 93 -11.67 -23.55 49.32
N ALA N 94 -12.37 -23.77 50.41
CA ALA N 94 -12.44 -25.08 51.03
C ALA N 94 -13.76 -25.75 50.67
N GLY N 95 -13.71 -27.04 50.38
CA GLY N 95 -14.91 -27.77 50.02
C GLY N 95 -15.52 -27.34 48.71
N ALA N 96 -14.70 -27.03 47.71
CA ALA N 96 -15.22 -26.67 46.40
C ALA N 96 -15.87 -27.88 45.76
N LEU N 97 -17.05 -27.67 45.19
CA LEU N 97 -17.86 -28.72 44.59
C LEU N 97 -17.83 -28.57 43.09
N ILE N 98 -17.27 -29.56 42.40
CA ILE N 98 -17.14 -29.52 40.94
C ILE N 98 -18.47 -29.96 40.37
N LEU N 99 -19.03 -29.16 39.46
CA LEU N 99 -20.42 -29.33 39.10
C LEU N 99 -20.58 -29.90 37.70
N SER N 100 -19.72 -29.52 36.76
CA SER N 100 -19.87 -29.96 35.39
C SER N 100 -18.58 -29.72 34.63
N THR N 101 -18.35 -30.54 33.61
CA THR N 101 -17.21 -30.39 32.71
C THR N 101 -17.72 -30.44 31.28
N ALA N 102 -16.98 -29.85 30.36
CA ALA N 102 -17.42 -29.77 28.96
C ALA N 102 -16.22 -29.76 28.04
N GLU N 103 -15.93 -30.90 27.43
CA GLU N 103 -14.81 -31.03 26.50
C GLU N 103 -15.31 -30.80 25.09
N SER N 104 -14.44 -30.24 24.24
CA SER N 104 -14.82 -29.96 22.87
C SER N 104 -13.58 -29.77 22.03
N ALA N 105 -13.78 -29.68 20.72
CA ALA N 105 -12.68 -29.56 19.78
C ALA N 105 -13.21 -29.07 18.45
N SER N 106 -12.30 -28.74 17.55
CA SER N 106 -12.63 -28.31 16.21
C SER N 106 -11.65 -28.92 15.23
N LYS N 107 -11.88 -28.70 13.95
CA LYS N 107 -11.00 -29.31 12.95
C LYS N 107 -9.71 -28.50 12.81
N ASP N 108 -9.69 -27.29 13.37
CA ASP N 108 -8.49 -26.48 13.35
C ASP N 108 -8.20 -25.84 14.70
N GLY N 109 -8.33 -26.60 15.78
CA GLY N 109 -8.09 -26.05 17.10
C GLY N 109 -7.49 -27.11 18.00
N ILE N 110 -7.43 -26.78 19.28
CA ILE N 110 -6.88 -27.68 20.30
C ILE N 110 -8.02 -28.13 21.20
N PRO N 111 -8.10 -29.41 21.54
CA PRO N 111 -9.17 -29.87 22.41
C PRO N 111 -9.13 -29.16 23.75
N MET N 112 -10.23 -28.50 24.11
CA MET N 112 -10.28 -27.71 25.32
C MET N 112 -11.24 -28.35 26.31
N LEU N 113 -11.04 -28.01 27.58
CA LEU N 113 -11.81 -28.55 28.68
C LEU N 113 -12.21 -27.40 29.60
N THR N 114 -13.48 -27.34 29.95
CA THR N 114 -13.99 -26.30 30.82
C THR N 114 -14.57 -26.94 32.07
N VAL N 115 -13.92 -26.72 33.20
CA VAL N 115 -14.40 -27.19 34.48
C VAL N 115 -15.21 -26.07 35.11
N ASN N 116 -16.30 -26.42 35.77
CA ASN N 116 -17.21 -25.45 36.34
C ASN N 116 -17.61 -25.93 37.72
N TRP N 117 -17.33 -25.11 38.74
CA TRP N 117 -17.46 -25.55 40.12
C TRP N 117 -18.38 -24.64 40.90
N ARG N 118 -18.39 -24.83 42.21
CA ARG N 118 -19.28 -24.15 43.11
C ARG N 118 -18.71 -24.29 44.52
N THR N 119 -19.30 -23.60 45.48
CA THR N 119 -18.90 -23.74 46.87
C THR N 119 -20.02 -24.39 47.67
N SER N 120 -19.65 -25.10 48.72
CA SER N 120 -20.60 -25.88 49.51
C SER N 120 -20.26 -25.75 50.98
N GLY N 121 -20.93 -24.83 51.66
CA GLY N 121 -20.77 -24.67 53.09
C GLY N 121 -19.77 -23.64 53.55
N ALA N 122 -18.79 -23.29 52.72
CA ALA N 122 -17.77 -22.34 53.11
C ALA N 122 -17.64 -21.27 52.03
N LEU N 123 -16.94 -20.19 52.37
CA LEU N 123 -16.77 -19.10 51.43
C LEU N 123 -15.29 -18.84 51.19
N PRO N 124 -14.93 -18.24 50.06
CA PRO N 124 -13.52 -18.02 49.75
C PRO N 124 -12.83 -17.18 50.81
N GLN N 125 -11.74 -17.71 51.34
CA GLN N 125 -10.97 -17.07 52.39
C GLN N 125 -9.74 -16.43 51.79
N LYS N 126 -9.74 -15.10 51.72
CA LYS N 126 -8.56 -14.39 51.24
C LYS N 126 -7.40 -14.57 52.20
N ALA N 127 -6.19 -14.38 51.70
CA ALA N 127 -5.00 -14.52 52.52
C ALA N 127 -3.83 -13.91 51.77
N THR N 128 -2.66 -13.96 52.40
CA THR N 128 -1.43 -13.45 51.80
C THR N 128 -0.32 -14.49 51.97
N VAL N 129 0.23 -14.95 50.85
CA VAL N 129 1.27 -15.96 50.91
C VAL N 129 2.49 -15.39 51.63
N SER N 130 3.22 -16.28 52.31
CA SER N 130 4.41 -15.87 53.05
C SER N 130 5.59 -15.69 52.10
N MET O 1 -1.46 -30.83 25.18
CA MET O 1 -1.89 -30.14 23.97
C MET O 1 -2.02 -31.12 22.83
N LEU O 2 -3.21 -31.71 22.70
CA LEU O 2 -3.46 -32.65 21.61
C LEU O 2 -3.65 -31.88 20.31
N LYS O 3 -3.39 -32.58 19.20
CA LYS O 3 -3.38 -31.91 17.90
C LYS O 3 -4.73 -31.30 17.57
N GLY O 4 -5.81 -32.04 17.79
CA GLY O 4 -7.13 -31.54 17.50
C GLY O 4 -7.63 -31.84 16.11
N LYS O 5 -6.75 -31.92 15.12
CA LYS O 5 -7.12 -32.29 13.77
C LYS O 5 -7.02 -33.79 13.53
N ASP O 6 -6.69 -34.57 14.56
CA ASP O 6 -6.59 -36.02 14.43
C ASP O 6 -7.76 -36.72 15.09
N GLY O 7 -8.69 -35.98 15.66
CA GLY O 7 -9.82 -36.57 16.35
C GLY O 7 -10.58 -37.57 15.51
N VAL O 8 -10.85 -38.72 16.09
CA VAL O 8 -11.53 -39.81 15.39
C VAL O 8 -12.72 -40.23 16.24
N VAL O 9 -13.86 -40.41 15.59
CA VAL O 9 -15.06 -40.94 16.24
C VAL O 9 -15.38 -42.27 15.57
N LYS O 10 -15.89 -43.22 16.33
CA LYS O 10 -16.22 -44.53 15.80
C LYS O 10 -17.57 -44.97 16.30
N ASN O 11 -18.26 -45.74 15.47
CA ASN O 11 -19.39 -46.53 15.91
C ASN O 11 -18.85 -47.86 16.41
N ALA O 12 -18.82 -48.01 17.74
CA ALA O 12 -18.12 -49.16 18.32
C ALA O 12 -18.81 -50.47 17.96
N SER O 13 -20.13 -50.44 17.78
CA SER O 13 -20.86 -51.67 17.51
C SER O 13 -20.43 -52.28 16.19
N THR O 14 -20.32 -51.47 15.13
CA THR O 14 -20.00 -51.96 13.81
C THR O 14 -18.54 -51.72 13.42
N GLY O 15 -17.83 -50.84 14.14
CA GLY O 15 -16.44 -50.61 13.83
C GLY O 15 -16.20 -49.89 12.52
N ASP O 16 -16.55 -48.61 12.45
CA ASP O 16 -16.41 -47.82 11.24
C ASP O 16 -16.35 -46.34 11.60
N SER O 17 -15.28 -45.67 11.18
CA SER O 17 -15.15 -44.24 11.43
C SER O 17 -16.33 -43.49 10.83
N ILE O 18 -16.55 -42.26 11.30
CA ILE O 18 -17.73 -41.53 10.88
C ILE O 18 -17.57 -41.02 9.45
N GLY O 19 -16.60 -40.15 9.22
CA GLY O 19 -16.41 -39.59 7.91
C GLY O 19 -15.83 -38.21 8.00
N HIS O 20 -16.28 -37.34 7.10
CA HIS O 20 -15.74 -35.99 7.04
C HIS O 20 -16.23 -35.25 8.27
N LEU O 21 -15.41 -35.20 9.31
CA LEU O 21 -15.81 -34.60 10.57
C LEU O 21 -15.44 -33.13 10.57
N GLN O 22 -16.15 -32.34 11.37
CA GLN O 22 -15.84 -30.92 11.45
C GLN O 22 -15.55 -30.51 12.89
N SER O 23 -16.31 -31.07 13.84
CA SER O 23 -16.11 -30.74 15.24
C SER O 23 -16.93 -31.71 16.07
N TRP O 24 -16.45 -31.98 17.28
CA TRP O 24 -17.19 -32.79 18.22
C TRP O 24 -17.31 -32.01 19.52
N ALA O 25 -18.06 -32.59 20.46
CA ALA O 25 -18.26 -31.95 21.74
C ALA O 25 -18.81 -32.98 22.70
N LEU O 26 -18.61 -32.73 23.99
CA LEU O 26 -19.05 -33.66 25.01
C LEU O 26 -19.34 -32.84 26.27
N ASP O 27 -20.05 -33.45 27.21
CA ASP O 27 -20.42 -32.74 28.42
C ASP O 27 -20.77 -33.75 29.51
N THR O 28 -20.69 -33.30 30.75
CA THR O 28 -21.12 -34.07 31.90
C THR O 28 -21.67 -33.12 32.93
N GLN O 29 -22.74 -33.50 33.60
CA GLN O 29 -23.36 -32.64 34.60
C GLN O 29 -23.76 -33.48 35.79
N ARG O 30 -24.01 -32.80 36.91
CA ARG O 30 -24.71 -33.37 38.04
C ARG O 30 -25.57 -32.28 38.64
N ASP O 31 -26.80 -32.62 39.00
CA ASP O 31 -27.69 -31.61 39.57
C ASP O 31 -27.22 -31.24 40.97
N GLU O 32 -27.56 -30.02 41.38
CA GLU O 32 -27.19 -29.53 42.70
C GLU O 32 -28.44 -29.35 43.55
N VAL O 33 -28.23 -29.30 44.86
CA VAL O 33 -29.31 -29.10 45.83
C VAL O 33 -28.74 -28.26 46.97
N SER O 34 -29.40 -27.15 47.26
CA SER O 34 -28.90 -26.20 48.24
C SER O 34 -29.91 -25.99 49.35
N GLY O 35 -29.42 -25.83 50.58
CA GLY O 35 -30.29 -25.58 51.71
C GLY O 35 -29.61 -24.78 52.79
N TRP O 36 -30.40 -24.09 53.62
CA TRP O 36 -29.86 -23.32 54.72
C TRP O 36 -30.99 -23.02 55.70
N GLY O 37 -30.62 -22.69 56.94
CA GLY O 37 -31.56 -22.44 57.99
C GLY O 37 -31.55 -20.99 58.44
N MET O 38 -32.52 -20.66 59.28
CA MET O 38 -32.58 -19.32 59.84
C MET O 38 -31.42 -19.11 60.81
N GLY O 39 -30.43 -18.33 60.38
CA GLY O 39 -29.28 -18.06 61.19
C GLY O 39 -27.97 -18.65 60.71
N ASP O 40 -27.85 -18.94 59.42
CA ASP O 40 -26.65 -19.52 58.85
C ASP O 40 -25.96 -18.47 57.99
N ASP O 41 -24.63 -18.61 57.83
CA ASP O 41 -23.88 -17.65 57.04
C ASP O 41 -23.79 -18.07 55.59
N ALA O 42 -23.40 -19.31 55.33
CA ALA O 42 -23.29 -19.83 53.98
C ALA O 42 -24.29 -20.96 53.78
N GLU O 43 -24.53 -21.30 52.53
CA GLU O 43 -25.51 -22.32 52.19
C GLU O 43 -24.78 -23.57 51.70
N ARG O 44 -25.31 -24.73 52.04
CA ARG O 44 -24.68 -26.00 51.71
C ARG O 44 -25.24 -26.55 50.42
N ALA O 45 -24.53 -27.54 49.86
CA ALA O 45 -24.93 -28.12 48.59
C ALA O 45 -24.44 -29.56 48.49
N PHE O 46 -24.94 -30.26 47.47
CA PHE O 46 -24.44 -31.57 47.08
C PHE O 46 -25.01 -31.95 45.73
N THR O 47 -24.46 -33.00 45.13
CA THR O 47 -24.80 -33.42 43.78
C THR O 47 -25.56 -34.72 43.81
N THR O 48 -26.66 -34.78 43.07
CA THR O 48 -27.58 -35.91 43.12
C THR O 48 -27.33 -36.95 42.04
N VAL O 49 -27.50 -36.59 40.76
CA VAL O 49 -27.48 -37.55 39.67
C VAL O 49 -26.84 -36.91 38.46
N GLY O 50 -26.30 -37.74 37.59
CA GLY O 50 -25.43 -37.28 36.51
C GLY O 50 -25.99 -37.60 35.14
N ARG O 51 -25.47 -36.91 34.14
CA ARG O 51 -25.87 -37.08 32.74
C ARG O 51 -24.66 -36.99 31.85
N ALA O 52 -24.91 -37.01 30.55
CA ALA O 52 -23.90 -36.75 29.55
C ALA O 52 -24.59 -36.41 28.24
N SER O 53 -23.93 -35.59 27.42
CA SER O 53 -24.52 -35.16 26.16
C SER O 53 -23.41 -34.61 25.28
N GLY O 54 -23.72 -34.50 23.99
CA GLY O 54 -22.74 -33.99 23.05
C GLY O 54 -23.30 -34.04 21.66
N ASN O 55 -22.45 -33.72 20.70
CA ASN O 55 -22.86 -33.70 19.31
C ASN O 55 -21.62 -33.77 18.43
N PHE O 56 -21.84 -33.69 17.13
CA PHE O 56 -20.77 -33.57 16.16
C PHE O 56 -21.36 -33.19 14.81
N GLU O 57 -20.54 -32.55 13.99
CA GLU O 57 -20.99 -32.00 12.71
C GLU O 57 -20.12 -32.55 11.59
N VAL O 58 -20.76 -33.10 10.56
CA VAL O 58 -20.04 -33.75 9.46
C VAL O 58 -20.52 -33.15 8.15
N TYR O 59 -19.74 -33.38 7.09
CA TYR O 59 -20.23 -33.06 5.76
C TYR O 59 -21.22 -34.14 5.32
N LEU O 60 -22.30 -33.70 4.70
CA LEU O 60 -23.39 -34.60 4.34
C LEU O 60 -22.95 -35.42 3.14
N ASP O 61 -22.88 -36.73 3.31
CA ASP O 61 -22.62 -37.64 2.21
C ASP O 61 -23.48 -38.88 2.39
N PRO O 62 -24.29 -39.26 1.43
CA PRO O 62 -25.18 -40.42 1.63
C PRO O 62 -24.44 -41.73 1.74
N ALA O 63 -23.25 -41.84 1.15
CA ALA O 63 -22.48 -43.09 1.17
C ALA O 63 -21.46 -43.05 2.31
N ASP O 64 -21.97 -43.11 3.52
CA ASP O 64 -21.13 -43.04 4.71
C ASP O 64 -21.82 -43.77 5.84
N PRO O 65 -21.09 -44.17 6.88
CA PRO O 65 -21.75 -44.63 8.09
C PRO O 65 -22.43 -43.52 8.86
N SER O 66 -22.15 -42.26 8.52
CA SER O 66 -22.85 -41.15 9.13
C SER O 66 -24.30 -41.11 8.71
N ASP O 67 -24.61 -41.73 7.57
CA ASP O 67 -25.96 -41.65 7.03
C ASP O 67 -26.93 -42.55 7.78
N ASP O 68 -26.41 -43.63 8.37
CA ASP O 68 -27.30 -44.61 9.00
C ASP O 68 -27.80 -44.14 10.35
N LEU O 69 -27.24 -43.06 10.87
CA LEU O 69 -27.69 -42.54 12.15
C LEU O 69 -29.09 -41.95 12.00
N GLU O 70 -30.02 -42.46 12.81
CA GLU O 70 -31.39 -41.98 12.80
C GLU O 70 -31.83 -41.67 14.22
N PRO O 71 -32.66 -40.65 14.41
CA PRO O 71 -33.12 -40.33 15.76
C PRO O 71 -33.82 -41.51 16.40
N GLY O 72 -33.43 -41.83 17.62
CA GLY O 72 -33.99 -42.95 18.34
C GLY O 72 -33.10 -44.17 18.37
N ASP O 73 -32.05 -44.21 17.56
CA ASP O 73 -31.16 -45.37 17.56
C ASP O 73 -30.30 -45.39 18.82
N LEU O 74 -29.93 -46.59 19.24
CA LEU O 74 -28.96 -46.79 20.31
C LEU O 74 -27.64 -47.26 19.71
N VAL O 75 -26.57 -46.53 20.00
CA VAL O 75 -25.27 -46.78 19.39
C VAL O 75 -24.20 -46.67 20.45
N ASP O 76 -23.15 -47.48 20.29
CA ASP O 76 -22.00 -47.46 21.18
C ASP O 76 -20.91 -46.63 20.52
N LEU O 77 -20.52 -45.54 21.18
CA LEU O 77 -19.62 -44.56 20.60
C LEU O 77 -18.24 -44.68 21.25
N GLU O 78 -17.22 -44.21 20.55
CA GLU O 78 -15.89 -44.04 21.10
C GLU O 78 -15.29 -42.78 20.50
N LEU O 79 -14.83 -41.89 21.36
CA LEU O 79 -14.26 -40.63 20.91
C LEU O 79 -12.76 -40.63 21.16
N TYR O 80 -11.99 -40.43 20.11
CA TYR O 80 -10.54 -40.35 20.24
C TYR O 80 -10.13 -38.89 20.08
N PRO O 81 -9.96 -38.14 21.17
CA PRO O 81 -9.61 -36.72 20.99
C PRO O 81 -8.29 -36.50 20.30
N GLY O 82 -7.31 -37.38 20.54
CA GLY O 82 -6.00 -37.23 19.98
C GLY O 82 -5.57 -38.29 18.99
N GLY O 83 -6.49 -39.01 18.38
CA GLY O 83 -6.15 -40.04 17.43
C GLY O 83 -6.19 -41.41 18.06
N GLU O 84 -5.80 -42.40 17.26
CA GLU O 84 -5.82 -43.79 17.67
C GLU O 84 -4.44 -44.32 18.03
N SER O 85 -3.42 -43.47 18.05
CA SER O 85 -2.08 -43.91 18.42
C SER O 85 -2.09 -44.42 19.85
N THR O 86 -1.25 -45.44 20.11
CA THR O 86 -1.24 -46.10 21.40
C THR O 86 -0.96 -45.12 22.52
N GLY O 87 -1.61 -45.32 23.65
CA GLY O 87 -1.45 -44.43 24.78
C GLY O 87 -2.29 -43.18 24.73
N SER O 88 -3.19 -43.06 23.77
CA SER O 88 -4.06 -41.91 23.65
C SER O 88 -5.40 -42.20 24.29
N GLY O 89 -5.78 -41.39 25.28
CA GLY O 89 -7.03 -41.63 25.98
C GLY O 89 -8.21 -41.47 25.04
N TYR O 90 -9.26 -42.25 25.30
CA TYR O 90 -10.48 -42.21 24.52
C TYR O 90 -11.67 -42.40 25.44
N ARG O 91 -12.67 -41.53 25.30
CA ARG O 91 -13.90 -41.65 26.08
C ARG O 91 -14.87 -42.53 25.32
N SER O 92 -15.23 -43.66 25.91
CA SER O 92 -16.15 -44.61 25.31
C SER O 92 -17.49 -44.51 26.03
N VAL O 93 -18.56 -44.30 25.27
CA VAL O 93 -19.90 -44.16 25.81
C VAL O 93 -20.73 -45.36 25.37
N ALA O 94 -21.34 -46.04 26.33
CA ALA O 94 -22.18 -47.19 26.03
C ALA O 94 -23.64 -46.78 26.08
N GLY O 95 -24.41 -47.28 25.13
CA GLY O 95 -25.83 -46.97 25.08
C GLY O 95 -26.12 -45.51 24.77
N ALA O 96 -25.35 -44.91 23.88
CA ALA O 96 -25.61 -43.54 23.48
C ALA O 96 -26.90 -43.47 22.70
N LEU O 97 -27.72 -42.48 23.03
CA LEU O 97 -29.05 -42.31 22.45
C LEU O 97 -29.03 -41.12 21.53
N ILE O 98 -29.26 -41.34 20.24
CA ILE O 98 -29.21 -40.28 19.24
C ILE O 98 -30.57 -39.58 19.28
N LEU O 99 -30.55 -38.27 19.41
CA LEU O 99 -31.76 -37.55 19.77
C LEU O 99 -32.33 -36.76 18.60
N SER O 100 -31.48 -36.17 17.77
CA SER O 100 -31.96 -35.33 16.69
C SER O 100 -30.85 -35.12 15.67
N THR O 101 -31.23 -34.89 14.43
CA THR O 101 -30.31 -34.56 13.35
C THR O 101 -30.83 -33.32 12.64
N ALA O 102 -29.94 -32.58 11.98
CA ALA O 102 -30.31 -31.33 11.34
C ALA O 102 -29.43 -31.08 10.13
N GLU O 103 -29.95 -31.36 8.94
CA GLU O 103 -29.22 -31.16 7.70
C GLU O 103 -29.54 -29.79 7.15
N SER O 104 -28.57 -29.18 6.46
CA SER O 104 -28.77 -27.85 5.91
C SER O 104 -27.74 -27.59 4.84
N ALA O 105 -27.93 -26.48 4.12
CA ALA O 105 -27.04 -26.13 3.02
C ALA O 105 -27.24 -24.66 2.69
N SER O 106 -26.38 -24.15 1.82
CA SER O 106 -26.44 -22.78 1.35
C SER O 106 -26.11 -22.76 -0.13
N LYS O 107 -26.25 -21.58 -0.74
CA LYS O 107 -25.99 -21.50 -2.17
C LYS O 107 -24.50 -21.45 -2.45
N ASP O 108 -23.69 -21.21 -1.43
CA ASP O 108 -22.25 -21.20 -1.58
C ASP O 108 -21.54 -21.98 -0.48
N GLY O 109 -22.05 -23.15 -0.12
CA GLY O 109 -21.44 -23.94 0.94
C GLY O 109 -21.58 -25.41 0.64
N ILE O 110 -21.24 -26.21 1.63
CA ILE O 110 -21.31 -27.66 1.53
C ILE O 110 -22.42 -28.16 2.43
N PRO O 111 -23.27 -29.09 1.97
CA PRO O 111 -24.35 -29.58 2.84
C PRO O 111 -23.78 -30.22 4.10
N MET O 112 -24.21 -29.72 5.25
CA MET O 112 -23.69 -30.17 6.52
C MET O 112 -24.77 -30.90 7.29
N LEU O 113 -24.32 -31.74 8.22
CA LEU O 113 -25.20 -32.57 9.03
C LEU O 113 -24.74 -32.49 10.48
N THR O 114 -25.67 -32.23 11.38
CA THR O 114 -25.36 -32.12 12.80
C THR O 114 -26.14 -33.19 13.55
N VAL O 115 -25.43 -34.17 14.09
CA VAL O 115 -26.01 -35.20 14.92
C VAL O 115 -25.92 -34.75 16.36
N ASN O 116 -26.94 -35.04 17.14
CA ASN O 116 -27.01 -34.59 18.51
C ASN O 116 -27.53 -35.73 19.37
N TRP O 117 -26.75 -36.14 20.36
CA TRP O 117 -27.03 -37.38 21.08
C TRP O 117 -27.14 -37.11 22.57
N ARG O 118 -27.18 -38.20 23.32
CA ARG O 118 -27.41 -38.18 24.76
C ARG O 118 -26.97 -39.52 25.32
N THR O 119 -26.95 -39.64 26.64
CA THR O 119 -26.62 -40.91 27.27
C THR O 119 -27.85 -41.44 27.99
N SER O 120 -27.95 -42.76 28.10
CA SER O 120 -29.12 -43.41 28.65
C SER O 120 -28.69 -44.57 29.53
N GLY O 121 -28.58 -44.33 30.83
CA GLY O 121 -28.29 -45.37 31.78
C GLY O 121 -26.84 -45.52 32.16
N ALA O 122 -25.90 -45.08 31.32
CA ALA O 122 -24.49 -45.24 31.61
C ALA O 122 -23.79 -43.90 31.43
N LEU O 123 -22.55 -43.83 31.92
CA LEU O 123 -21.80 -42.60 31.83
C LEU O 123 -20.50 -42.84 31.07
N PRO O 124 -19.92 -41.79 30.48
CA PRO O 124 -18.69 -41.97 29.69
C PRO O 124 -17.57 -42.57 30.52
N GLN O 125 -17.01 -43.67 30.02
CA GLN O 125 -15.95 -44.40 30.70
C GLN O 125 -14.63 -44.06 30.05
N LYS O 126 -13.80 -43.28 30.73
CA LYS O 126 -12.47 -42.98 30.22
C LYS O 126 -11.63 -44.24 30.19
N ALA O 127 -10.59 -44.21 29.36
CA ALA O 127 -9.70 -45.36 29.22
C ALA O 127 -8.45 -44.90 28.49
N THR O 128 -7.53 -45.84 28.29
CA THR O 128 -6.29 -45.59 27.57
C THR O 128 -6.07 -46.69 26.55
N VAL O 129 -5.99 -46.31 25.27
CA VAL O 129 -5.80 -47.30 24.22
C VAL O 129 -4.46 -47.98 24.41
N SER O 130 -4.39 -49.24 23.99
CA SER O 130 -3.17 -50.03 24.12
C SER O 130 -2.19 -49.67 23.01
N MET P 1 -18.64 -35.12 0.45
CA MET P 1 -18.62 -33.68 0.23
C MET P 1 -19.41 -33.32 -1.02
N LEU P 2 -20.71 -33.12 -0.86
CA LEU P 2 -21.54 -32.75 -1.99
C LEU P 2 -21.32 -31.28 -2.35
N LYS P 3 -21.60 -30.95 -3.61
CA LYS P 3 -21.27 -29.63 -4.12
C LYS P 3 -21.98 -28.53 -3.34
N GLY P 4 -23.27 -28.71 -3.08
CA GLY P 4 -24.02 -27.71 -2.36
C GLY P 4 -24.68 -26.66 -3.22
N LYS P 5 -24.08 -26.31 -4.35
CA LYS P 5 -24.69 -25.38 -5.29
C LYS P 5 -25.55 -26.08 -6.33
N ASP P 6 -25.70 -27.41 -6.24
CA ASP P 6 -26.52 -28.16 -7.17
C ASP P 6 -27.84 -28.59 -6.56
N GLY P 7 -28.08 -28.24 -5.31
CA GLY P 7 -29.28 -28.65 -4.62
C GLY P 7 -30.55 -28.32 -5.37
N VAL P 8 -31.44 -29.28 -5.49
CA VAL P 8 -32.69 -29.13 -6.24
C VAL P 8 -33.83 -29.54 -5.33
N VAL P 9 -34.88 -28.73 -5.30
CA VAL P 9 -36.10 -29.04 -4.59
C VAL P 9 -37.21 -29.17 -5.62
N LYS P 10 -38.15 -30.07 -5.37
CA LYS P 10 -39.24 -30.29 -6.30
C LYS P 10 -40.55 -30.40 -5.56
N ASN P 11 -41.62 -29.95 -6.22
CA ASN P 11 -42.97 -30.29 -5.81
C ASN P 11 -43.31 -31.61 -6.46
N ALA P 12 -43.30 -32.69 -5.67
CA ALA P 12 -43.43 -34.02 -6.26
C ALA P 12 -44.79 -34.23 -6.90
N SER P 13 -45.83 -33.58 -6.36
CA SER P 13 -47.17 -33.79 -6.88
C SER P 13 -47.29 -33.32 -8.32
N THR P 14 -46.78 -32.13 -8.62
CA THR P 14 -46.90 -31.56 -9.95
C THR P 14 -45.63 -31.69 -10.78
N GLY P 15 -44.49 -31.98 -10.15
CA GLY P 15 -43.27 -32.16 -10.91
C GLY P 15 -42.72 -30.88 -11.51
N ASP P 16 -42.22 -29.99 -10.67
CA ASP P 16 -41.70 -28.70 -11.11
C ASP P 16 -40.72 -28.16 -10.08
N SER P 17 -39.49 -27.89 -10.51
CA SER P 17 -38.50 -27.32 -9.60
C SER P 17 -39.00 -26.01 -9.03
N ILE P 18 -38.38 -25.58 -7.92
CA ILE P 18 -38.89 -24.41 -7.21
C ILE P 18 -38.55 -23.14 -7.96
N GLY P 19 -37.27 -22.85 -8.12
CA GLY P 19 -36.86 -21.63 -8.78
C GLY P 19 -35.55 -21.15 -8.22
N HIS P 20 -35.42 -19.83 -8.13
CA HIS P 20 -34.17 -19.23 -7.67
C HIS P 20 -34.03 -19.53 -6.20
N LEU P 21 -33.29 -20.59 -5.87
CA LEU P 21 -33.16 -21.03 -4.50
C LEU P 21 -31.97 -20.34 -3.86
N GLN P 22 -31.99 -20.22 -2.54
CA GLN P 22 -30.87 -19.61 -1.84
C GLN P 22 -30.31 -20.55 -0.78
N SER P 23 -31.17 -21.27 -0.09
CA SER P 23 -30.73 -22.20 0.94
C SER P 23 -31.92 -23.04 1.36
N TRP P 24 -31.64 -24.27 1.78
CA TRP P 24 -32.66 -25.13 2.34
C TRP P 24 -32.19 -25.62 3.69
N ALA P 25 -33.08 -26.34 4.37
CA ALA P 25 -32.76 -26.86 5.69
C ALA P 25 -33.78 -27.93 6.04
N LEU P 26 -33.38 -28.82 6.94
CA LEU P 26 -34.23 -29.92 7.33
C LEU P 26 -33.89 -30.28 8.76
N ASP P 27 -34.76 -31.05 9.40
CA ASP P 27 -34.54 -31.40 10.79
C ASP P 27 -35.36 -32.64 11.14
N THR P 28 -34.95 -33.32 12.18
CA THR P 28 -35.69 -34.45 12.74
C THR P 28 -35.47 -34.47 14.24
N GLN P 29 -36.51 -34.78 14.99
CA GLN P 29 -36.41 -34.79 16.44
C GLN P 29 -37.16 -35.99 16.98
N ARG P 30 -36.87 -36.34 18.22
CA ARG P 30 -37.71 -37.23 19.01
C ARG P 30 -37.68 -36.72 20.44
N ASP P 31 -38.83 -36.71 21.10
CA ASP P 31 -38.87 -36.24 22.47
C ASP P 31 -38.20 -37.23 23.39
N GLU P 32 -37.69 -36.74 24.52
CA GLU P 32 -37.02 -37.57 25.49
C GLU P 32 -37.83 -37.63 26.77
N VAL P 33 -37.56 -38.64 27.59
CA VAL P 33 -38.22 -38.85 28.86
C VAL P 33 -37.21 -39.41 29.83
N SER P 34 -37.00 -38.76 30.96
CA SER P 34 -35.97 -39.15 31.90
C SER P 34 -36.57 -39.45 33.27
N GLY P 35 -36.01 -40.45 33.93
CA GLY P 35 -36.47 -40.82 35.26
C GLY P 35 -35.38 -41.43 36.11
N TRP P 36 -35.53 -41.36 37.42
CA TRP P 36 -34.57 -41.94 38.34
C TRP P 36 -35.21 -42.06 39.71
N GLY P 37 -34.63 -42.93 40.54
CA GLY P 37 -35.17 -43.22 41.85
C GLY P 37 -34.23 -42.73 42.96
N MET P 38 -34.74 -42.81 44.19
CA MET P 38 -33.93 -42.44 45.34
C MET P 38 -32.83 -43.48 45.54
N GLY P 39 -31.60 -43.11 45.20
CA GLY P 39 -30.47 -43.98 45.33
C GLY P 39 -29.84 -44.45 44.04
N ASP P 40 -30.01 -43.70 42.96
CA ASP P 40 -29.45 -44.06 41.66
C ASP P 40 -28.31 -43.11 41.33
N ASP P 41 -27.37 -43.58 40.51
CA ASP P 41 -26.24 -42.74 40.15
C ASP P 41 -26.51 -41.94 38.88
N ALA P 42 -26.98 -42.59 37.84
CA ALA P 42 -27.29 -41.92 36.58
C ALA P 42 -28.78 -42.03 36.30
N GLU P 43 -29.27 -41.21 35.39
CA GLU P 43 -30.68 -41.15 35.07
C GLU P 43 -30.90 -41.77 33.69
N ARG P 44 -32.01 -42.48 33.53
CA ARG P 44 -32.31 -43.18 32.30
C ARG P 44 -33.18 -42.33 31.38
N ALA P 45 -33.25 -42.73 30.12
CA ALA P 45 -34.01 -41.98 29.14
C ALA P 45 -34.51 -42.89 28.03
N PHE P 46 -35.40 -42.35 27.20
CA PHE P 46 -35.82 -42.98 25.97
C PHE P 46 -36.58 -41.97 25.12
N THR P 47 -36.83 -42.34 23.87
CA THR P 47 -37.43 -41.45 22.89
C THR P 47 -38.85 -41.91 22.55
N THR P 48 -39.79 -40.98 22.56
CA THR P 48 -41.20 -41.31 22.41
C THR P 48 -41.71 -41.18 20.97
N VAL P 49 -41.71 -39.97 20.40
CA VAL P 49 -42.35 -39.72 19.13
C VAL P 49 -41.53 -38.70 18.36
N GLY P 50 -41.66 -38.74 17.04
CA GLY P 50 -40.76 -38.01 16.15
C GLY P 50 -41.48 -36.97 15.33
N ARG P 51 -40.71 -36.04 14.78
CA ARG P 51 -41.23 -34.96 13.94
C ARG P 51 -40.26 -34.70 12.79
N ALA P 52 -40.57 -33.66 12.03
CA ALA P 52 -39.66 -33.16 11.02
C ALA P 52 -40.08 -31.75 10.67
N SER P 53 -39.12 -30.93 10.25
CA SER P 53 -39.39 -29.54 9.93
C SER P 53 -38.24 -29.00 9.11
N GLY P 54 -38.48 -27.88 8.44
CA GLY P 54 -37.47 -27.27 7.62
C GLY P 54 -38.03 -26.06 6.92
N ASN P 55 -37.22 -25.49 6.04
CA ASN P 55 -37.61 -24.30 5.31
C ASN P 55 -36.74 -24.16 4.09
N PHE P 56 -36.94 -23.07 3.35
CA PHE P 56 -36.07 -22.69 2.25
C PHE P 56 -36.40 -21.27 1.84
N GLU P 57 -35.42 -20.61 1.25
CA GLU P 57 -35.51 -19.20 0.91
C GLU P 57 -35.23 -19.01 -0.57
N VAL P 58 -36.12 -18.30 -1.26
CA VAL P 58 -36.03 -18.13 -2.69
C VAL P 58 -36.13 -16.65 -3.03
N TYR P 59 -35.72 -16.30 -4.23
CA TYR P 59 -35.99 -14.96 -4.73
C TYR P 59 -37.45 -14.86 -5.14
N LEU P 60 -38.07 -13.74 -4.79
CA LEU P 60 -39.51 -13.57 -5.01
C LEU P 60 -39.74 -13.31 -6.48
N ASP P 61 -40.48 -14.20 -7.13
CA ASP P 61 -40.91 -14.00 -8.51
C ASP P 61 -42.32 -14.50 -8.65
N PRO P 62 -43.26 -13.69 -9.11
CA PRO P 62 -44.66 -14.15 -9.19
C PRO P 62 -44.88 -15.25 -10.21
N ALA P 63 -44.04 -15.33 -11.25
CA ALA P 63 -44.20 -16.33 -12.29
C ALA P 63 -43.30 -17.53 -12.01
N ASP P 64 -43.66 -18.28 -10.98
CA ASP P 64 -42.88 -19.42 -10.55
C ASP P 64 -43.80 -20.40 -9.86
N PRO P 65 -43.41 -21.67 -9.73
CA PRO P 65 -44.14 -22.58 -8.85
C PRO P 65 -43.94 -22.26 -7.39
N SER P 66 -42.97 -21.40 -7.06
CA SER P 66 -42.80 -20.98 -5.68
C SER P 66 -43.96 -20.09 -5.24
N ASP P 67 -44.65 -19.48 -6.20
CA ASP P 67 -45.69 -18.53 -5.87
C ASP P 67 -46.96 -19.22 -5.39
N ASP P 68 -47.18 -20.46 -5.84
CA ASP P 68 -48.44 -21.14 -5.55
C ASP P 68 -48.46 -21.67 -4.12
N LEU P 69 -47.33 -21.67 -3.44
CA LEU P 69 -47.28 -22.15 -2.07
C LEU P 69 -48.04 -21.18 -1.16
N GLU P 70 -49.03 -21.70 -0.45
CA GLU P 70 -49.81 -20.91 0.48
C GLU P 70 -49.88 -21.62 1.82
N PRO P 71 -49.90 -20.88 2.92
CA PRO P 71 -49.98 -21.51 4.23
C PRO P 71 -51.22 -22.38 4.35
N GLY P 72 -51.02 -23.61 4.81
CA GLY P 72 -52.11 -24.56 4.93
C GLY P 72 -52.15 -25.60 3.84
N ASP P 73 -51.40 -25.43 2.76
CA ASP P 73 -51.41 -26.41 1.68
C ASP P 73 -50.68 -27.67 2.10
N LEU P 74 -51.09 -28.79 1.53
CA LEU P 74 -50.38 -30.06 1.67
C LEU P 74 -49.68 -30.38 0.37
N VAL P 75 -48.36 -30.60 0.45
CA VAL P 75 -47.54 -30.77 -0.74
C VAL P 75 -46.55 -31.91 -0.49
N ASP P 76 -46.23 -32.63 -1.55
CA ASP P 76 -45.26 -33.71 -1.50
C ASP P 76 -43.94 -33.17 -2.01
N LEU P 77 -42.92 -33.19 -1.16
CA LEU P 77 -41.64 -32.56 -1.45
C LEU P 77 -40.60 -33.63 -1.75
N GLU P 78 -39.55 -33.23 -2.44
CA GLU P 78 -38.36 -34.05 -2.63
C GLU P 78 -37.15 -33.13 -2.62
N LEU P 79 -36.19 -33.43 -1.78
CA LEU P 79 -34.99 -32.61 -1.65
C LEU P 79 -33.80 -33.36 -2.21
N TYR P 80 -33.13 -32.77 -3.18
CA TYR P 80 -31.94 -33.37 -3.75
C TYR P 80 -30.73 -32.59 -3.25
N PRO P 81 -30.06 -33.03 -2.20
CA PRO P 81 -28.93 -32.25 -1.68
C PRO P 81 -27.80 -32.12 -2.67
N GLY P 82 -27.56 -33.15 -3.48
CA GLY P 82 -26.46 -33.14 -4.40
C GLY P 82 -26.83 -33.18 -5.87
N GLY P 83 -28.04 -32.78 -6.23
CA GLY P 83 -28.47 -32.78 -7.60
C GLY P 83 -29.30 -34.00 -7.93
N GLU P 84 -29.63 -34.12 -9.21
CA GLU P 84 -30.48 -35.19 -9.69
C GLU P 84 -29.70 -36.27 -10.43
N SER P 85 -28.37 -36.20 -10.43
CA SER P 85 -27.57 -37.23 -11.08
C SER P 85 -27.80 -38.57 -10.41
N THR P 86 -27.74 -39.63 -11.20
CA THR P 86 -28.07 -40.96 -10.71
C THR P 86 -27.17 -41.35 -9.55
N GLY P 87 -27.74 -42.05 -8.57
CA GLY P 87 -27.00 -42.44 -7.40
C GLY P 87 -26.90 -41.39 -6.32
N SER P 88 -27.60 -40.27 -6.47
CA SER P 88 -27.57 -39.21 -5.48
C SER P 88 -28.78 -39.34 -4.56
N GLY P 89 -28.51 -39.47 -3.26
CA GLY P 89 -29.60 -39.65 -2.32
C GLY P 89 -30.50 -38.43 -2.28
N TYR P 90 -31.77 -38.66 -2.03
CA TYR P 90 -32.76 -37.59 -1.94
C TYR P 90 -33.76 -37.93 -0.85
N ARG P 91 -34.02 -36.96 0.03
CA ARG P 91 -35.01 -37.14 1.08
C ARG P 91 -36.37 -36.70 0.56
N SER P 92 -37.30 -37.64 0.50
CA SER P 92 -38.66 -37.36 0.02
C SER P 92 -39.59 -37.34 1.20
N VAL P 93 -40.35 -36.25 1.33
CA VAL P 93 -41.29 -36.08 2.43
C VAL P 93 -42.70 -36.11 1.87
N ALA P 94 -43.55 -36.96 2.43
CA ALA P 94 -44.93 -37.07 2.00
C ALA P 94 -45.83 -36.33 2.97
N GLY P 95 -46.81 -35.61 2.43
CA GLY P 95 -47.73 -34.86 3.26
C GLY P 95 -47.09 -33.71 4.00
N ALA P 96 -46.16 -33.01 3.35
CA ALA P 96 -45.55 -31.85 3.98
C ALA P 96 -46.59 -30.74 4.13
N LEU P 97 -46.60 -30.12 5.30
CA LEU P 97 -47.58 -29.10 5.65
C LEU P 97 -46.88 -27.76 5.68
N ILE P 98 -47.28 -26.85 4.80
CA ILE P 98 -46.65 -25.54 4.70
C ILE P 98 -47.29 -24.65 5.76
N LEU P 99 -46.46 -24.02 6.58
CA LEU P 99 -46.96 -23.44 7.82
C LEU P 99 -46.99 -21.91 7.75
N SER P 100 -46.01 -21.30 7.10
CA SER P 100 -45.94 -19.84 7.07
C SER P 100 -44.99 -19.40 5.97
N THR P 101 -45.23 -18.20 5.45
CA THR P 101 -44.37 -17.57 4.46
C THR P 101 -44.07 -16.16 4.92
N ALA P 102 -42.96 -15.60 4.45
CA ALA P 102 -42.52 -14.28 4.90
C ALA P 102 -41.75 -13.59 3.79
N GLU P 103 -42.40 -12.66 3.10
CA GLU P 103 -41.78 -11.91 2.01
C GLU P 103 -41.23 -10.62 2.56
N SER P 104 -40.14 -10.14 1.97
CA SER P 104 -39.51 -8.92 2.43
C SER P 104 -38.59 -8.37 1.36
N ALA P 105 -38.12 -7.15 1.58
CA ALA P 105 -37.27 -6.48 0.61
C ALA P 105 -36.54 -5.34 1.30
N SER P 106 -35.61 -4.73 0.58
CA SER P 106 -34.85 -3.60 1.06
C SER P 106 -34.67 -2.61 -0.09
N LYS P 107 -34.09 -1.46 0.22
CA LYS P 107 -33.93 -0.46 -0.82
C LYS P 107 -32.73 -0.77 -1.70
N ASP P 108 -31.89 -1.71 -1.28
CA ASP P 108 -30.76 -2.14 -2.08
C ASP P 108 -30.61 -3.65 -2.11
N GLY P 109 -31.70 -4.38 -2.28
CA GLY P 109 -31.65 -5.82 -2.30
C GLY P 109 -32.67 -6.38 -3.26
N ILE P 110 -32.85 -7.70 -3.19
CA ILE P 110 -33.79 -8.40 -4.04
C ILE P 110 -34.92 -8.92 -3.17
N PRO P 111 -36.18 -8.79 -3.58
CA PRO P 111 -37.28 -9.29 -2.75
C PRO P 111 -37.15 -10.79 -2.54
N MET P 112 -37.10 -11.19 -1.27
CA MET P 112 -36.89 -12.58 -0.93
C MET P 112 -38.14 -13.16 -0.28
N LEU P 113 -38.25 -14.47 -0.34
CA LEU P 113 -39.39 -15.21 0.17
C LEU P 113 -38.90 -16.40 0.96
N THR P 114 -39.41 -16.57 2.17
CA THR P 114 -39.03 -17.67 3.03
C THR P 114 -40.24 -18.53 3.31
N VAL P 115 -40.24 -19.74 2.80
CA VAL P 115 -41.29 -20.72 3.06
C VAL P 115 -40.84 -21.56 4.23
N ASN P 116 -41.78 -21.91 5.10
CA ASN P 116 -41.47 -22.65 6.31
C ASN P 116 -42.53 -23.72 6.50
N TRP P 117 -42.11 -24.97 6.55
CA TRP P 117 -43.04 -26.08 6.49
C TRP P 117 -42.88 -26.99 7.69
N ARG P 118 -43.54 -28.15 7.62
CA ARG P 118 -43.61 -29.11 8.70
C ARG P 118 -44.04 -30.43 8.12
N THR P 119 -44.02 -31.48 8.93
CA THR P 119 -44.50 -32.79 8.49
C THR P 119 -45.75 -33.15 9.28
N SER P 120 -46.63 -33.92 8.67
CA SER P 120 -47.92 -34.26 9.24
C SER P 120 -48.24 -35.72 8.98
N GLY P 121 -47.93 -36.58 9.94
CA GLY P 121 -48.28 -37.98 9.86
C GLY P 121 -47.19 -38.89 9.32
N ALA P 122 -46.24 -38.38 8.56
CA ALA P 122 -45.21 -39.21 7.96
C ALA P 122 -43.85 -38.60 8.24
N LEU P 123 -42.80 -39.38 8.01
CA LEU P 123 -41.46 -38.91 8.27
C LEU P 123 -40.63 -38.97 7.00
N PRO P 124 -39.56 -38.17 6.89
CA PRO P 124 -38.77 -38.16 5.66
C PRO P 124 -38.19 -39.53 5.34
N GLN P 125 -38.47 -39.99 4.13
CA GLN P 125 -38.03 -41.30 3.66
C GLN P 125 -36.82 -41.14 2.76
N LYS P 126 -35.65 -41.51 3.26
CA LYS P 126 -34.45 -41.47 2.44
C LYS P 126 -34.55 -42.47 1.30
N ALA P 127 -33.78 -42.24 0.25
CA ALA P 127 -33.78 -43.11 -0.92
C ALA P 127 -32.57 -42.79 -1.76
N THR P 128 -32.43 -43.51 -2.87
CA THR P 128 -31.35 -43.31 -3.81
C THR P 128 -31.90 -43.26 -5.22
N VAL P 129 -31.70 -42.14 -5.90
CA VAL P 129 -32.21 -41.98 -7.26
C VAL P 129 -31.57 -43.02 -8.16
N SER P 130 -32.32 -43.45 -9.18
CA SER P 130 -31.83 -44.43 -10.13
C SER P 130 -30.91 -43.78 -11.15
N MET Q 1 -36.25 -12.60 -10.17
CA MET Q 1 -35.36 -11.66 -9.52
C MET Q 1 -35.83 -10.23 -9.76
N LEU Q 2 -36.72 -9.75 -8.89
CA LEU Q 2 -37.20 -8.39 -9.01
C LEU Q 2 -36.14 -7.40 -8.55
N LYS Q 3 -36.24 -6.17 -9.05
CA LYS Q 3 -35.19 -5.19 -8.82
C LYS Q 3 -35.02 -4.89 -7.34
N GLY Q 4 -36.12 -4.71 -6.62
CA GLY Q 4 -36.04 -4.41 -5.20
C GLY Q 4 -35.97 -2.95 -4.86
N LYS Q 5 -35.36 -2.13 -5.72
CA LYS Q 5 -35.31 -0.69 -5.51
C LYS Q 5 -36.48 0.03 -6.18
N ASP Q 6 -37.41 -0.71 -6.77
CA ASP Q 6 -38.59 -0.13 -7.41
C ASP Q 6 -39.84 -0.33 -6.59
N GLY Q 7 -39.74 -0.98 -5.44
CA GLY Q 7 -40.89 -1.27 -4.61
C GLY Q 7 -41.72 -0.04 -4.30
N VAL Q 8 -43.02 -0.15 -4.48
CA VAL Q 8 -43.94 0.96 -4.26
C VAL Q 8 -45.04 0.48 -3.32
N VAL Q 9 -45.35 1.30 -2.32
CA VAL Q 9 -46.46 1.06 -1.42
C VAL Q 9 -47.47 2.17 -1.62
N LYS Q 10 -48.75 1.85 -1.51
CA LYS Q 10 -49.80 2.83 -1.70
C LYS Q 10 -50.84 2.71 -0.62
N ASN Q 11 -51.43 3.85 -0.27
CA ASN Q 11 -52.67 3.87 0.48
C ASN Q 11 -53.81 3.76 -0.51
N ALA Q 12 -54.42 2.58 -0.60
CA ALA Q 12 -55.38 2.32 -1.68
C ALA Q 12 -56.61 3.20 -1.53
N SER Q 13 -56.99 3.53 -0.30
CA SER Q 13 -58.21 4.32 -0.09
C SER Q 13 -58.10 5.69 -0.73
N THR Q 14 -56.98 6.39 -0.52
CA THR Q 14 -56.80 7.73 -1.02
C THR Q 14 -55.94 7.81 -2.27
N GLY Q 15 -55.20 6.74 -2.59
CA GLY Q 15 -54.40 6.76 -3.81
C GLY Q 15 -53.21 7.70 -3.75
N ASP Q 16 -52.21 7.37 -2.95
CA ASP Q 16 -51.03 8.21 -2.78
C ASP Q 16 -49.87 7.38 -2.27
N SER Q 17 -48.77 7.38 -3.02
CA SER Q 17 -47.58 6.65 -2.61
C SER Q 17 -47.12 7.13 -1.23
N ILE Q 18 -46.31 6.31 -0.57
CA ILE Q 18 -45.94 6.61 0.81
C ILE Q 18 -44.92 7.75 0.86
N GLY Q 19 -43.75 7.54 0.28
CA GLY Q 19 -42.72 8.54 0.32
C GLY Q 19 -41.36 7.91 0.30
N HIS Q 20 -40.43 8.51 1.03
CA HIS Q 20 -39.05 8.03 1.06
C HIS Q 20 -39.05 6.71 1.79
N LEU Q 21 -39.09 5.62 1.05
CA LEU Q 21 -39.18 4.30 1.65
C LEU Q 21 -37.78 3.75 1.86
N GLN Q 22 -37.64 2.84 2.82
CA GLN Q 22 -36.34 2.23 3.07
C GLN Q 22 -36.42 0.72 2.96
N SER Q 23 -37.50 0.12 3.45
CA SER Q 23 -37.67 -1.31 3.41
C SER Q 23 -39.09 -1.64 3.80
N TRP Q 24 -39.60 -2.74 3.25
CA TRP Q 24 -40.90 -3.25 3.65
C TRP Q 24 -40.75 -4.70 4.04
N ALA Q 25 -41.85 -5.27 4.53
CA ALA Q 25 -41.84 -6.66 4.95
C ALA Q 25 -43.27 -7.13 5.08
N LEU Q 26 -43.46 -8.43 4.99
CA LEU Q 26 -44.79 -9.01 5.06
C LEU Q 26 -44.65 -10.41 5.63
N ASP Q 27 -45.76 -10.99 6.07
CA ASP Q 27 -45.73 -12.30 6.68
C ASP Q 27 -47.11 -12.92 6.63
N THR Q 28 -47.15 -14.24 6.73
CA THR Q 28 -48.39 -14.98 6.84
C THR Q 28 -48.13 -16.20 7.71
N GLN Q 29 -49.09 -16.54 8.56
CA GLN Q 29 -48.93 -17.66 9.46
C GLN Q 29 -50.23 -18.44 9.53
N ARG Q 30 -50.13 -19.67 10.00
CA ARG Q 30 -51.29 -20.44 10.45
C ARG Q 30 -50.87 -21.24 11.66
N ASP Q 31 -51.73 -21.29 12.67
CA ASP Q 31 -51.38 -22.03 13.87
C ASP Q 31 -51.40 -23.52 13.58
N GLU Q 32 -50.62 -24.27 14.36
CA GLU Q 32 -50.55 -25.72 14.20
C GLU Q 32 -51.14 -26.39 15.43
N VAL Q 33 -51.51 -27.67 15.27
CA VAL Q 33 -52.07 -28.48 16.34
C VAL Q 33 -51.56 -29.90 16.14
N SER Q 34 -50.94 -30.45 17.17
CA SER Q 34 -50.30 -31.77 17.06
C SER Q 34 -50.89 -32.72 18.09
N GLY Q 35 -51.02 -33.98 17.70
CA GLY Q 35 -51.53 -35.00 18.60
C GLY Q 35 -51.00 -36.38 18.28
N TRP Q 36 -50.98 -37.26 19.26
CA TRP Q 36 -50.53 -38.62 19.07
C TRP Q 36 -51.03 -39.48 20.23
N GLY Q 37 -51.06 -40.79 20.01
CA GLY Q 37 -51.57 -41.72 20.98
C GLY Q 37 -50.48 -42.63 21.52
N MET Q 38 -50.84 -43.40 22.55
CA MET Q 38 -49.90 -44.36 23.11
C MET Q 38 -49.67 -45.49 22.12
N GLY Q 39 -48.50 -45.49 21.49
CA GLY Q 39 -48.16 -46.51 20.53
C GLY Q 39 -48.03 -46.04 19.09
N ASP Q 40 -47.78 -44.75 18.88
CA ASP Q 40 -47.64 -44.21 17.54
C ASP Q 40 -46.18 -43.85 17.28
N ASP Q 41 -45.79 -43.85 16.01
CA ASP Q 41 -44.41 -43.55 15.67
C ASP Q 41 -44.20 -42.06 15.43
N ALA Q 42 -45.04 -41.45 14.59
CA ALA Q 42 -44.95 -40.04 14.29
C ALA Q 42 -46.20 -39.34 14.78
N GLU Q 43 -46.12 -38.02 14.89
CA GLU Q 43 -47.22 -37.21 15.41
C GLU Q 43 -47.86 -36.44 14.26
N ARG Q 44 -49.17 -36.30 14.31
CA ARG Q 44 -49.92 -35.65 13.25
C ARG Q 44 -50.13 -34.17 13.54
N ALA Q 45 -50.52 -33.43 12.52
CA ALA Q 45 -50.70 -31.99 12.66
C ALA Q 45 -51.73 -31.48 11.67
N PHE Q 46 -52.15 -30.23 11.87
CA PHE Q 46 -52.95 -29.49 10.91
C PHE Q 46 -52.97 -28.02 11.29
N THR Q 47 -53.48 -27.20 10.38
CA THR Q 47 -53.46 -25.75 10.53
C THR Q 47 -54.87 -25.23 10.75
N THR Q 48 -55.03 -24.36 11.75
CA THR Q 48 -56.35 -23.90 12.16
C THR Q 48 -56.76 -22.57 11.53
N VAL Q 49 -56.04 -21.48 11.83
CA VAL Q 49 -56.47 -20.15 11.44
C VAL Q 49 -55.24 -19.32 11.08
N GLY Q 50 -55.45 -18.31 10.26
CA GLY Q 50 -54.35 -17.59 9.63
C GLY Q 50 -54.31 -16.13 10.03
N ARG Q 51 -53.18 -15.49 9.80
CA ARG Q 51 -52.95 -14.09 10.10
C ARG Q 51 -52.12 -13.45 9.02
N ALA Q 52 -51.75 -12.20 9.24
CA ALA Q 52 -50.81 -11.50 8.39
C ALA Q 52 -50.27 -10.31 9.16
N SER Q 53 -49.05 -9.91 8.86
CA SER Q 53 -48.42 -8.80 9.56
C SER Q 53 -47.23 -8.32 8.75
N GLY Q 54 -46.78 -7.12 9.06
CA GLY Q 54 -45.65 -6.55 8.35
C GLY Q 54 -45.38 -5.16 8.83
N ASN Q 55 -44.45 -4.49 8.17
CA ASN Q 55 -44.07 -3.15 8.55
C ASN Q 55 -43.39 -2.48 7.37
N PHE Q 56 -42.91 -1.26 7.61
CA PHE Q 56 -42.06 -0.56 6.65
C PHE Q 56 -41.46 0.65 7.34
N GLU Q 57 -40.32 1.10 6.82
CA GLU Q 57 -39.53 2.15 7.44
C GLU Q 57 -39.29 3.26 6.42
N VAL Q 58 -39.61 4.49 6.80
CA VAL Q 58 -39.52 5.62 5.90
C VAL Q 58 -38.70 6.72 6.56
N TYR Q 59 -38.23 7.67 5.75
CA TYR Q 59 -37.64 8.88 6.30
C TYR Q 59 -38.75 9.78 6.82
N LEU Q 60 -38.52 10.37 7.98
CA LEU Q 60 -39.55 11.16 8.65
C LEU Q 60 -39.67 12.49 7.93
N ASP Q 61 -40.83 12.77 7.38
CA ASP Q 61 -41.12 14.06 6.78
C ASP Q 61 -42.57 14.42 7.11
N PRO Q 62 -42.83 15.57 7.73
CA PRO Q 62 -44.20 15.90 8.10
C PRO Q 62 -45.12 16.14 6.92
N ALA Q 63 -44.58 16.55 5.78
CA ALA Q 63 -45.40 16.85 4.60
C ALA Q 63 -45.41 15.63 3.67
N ASP Q 64 -46.10 14.59 4.12
CA ASP Q 64 -46.18 13.35 3.37
C ASP Q 64 -47.46 12.64 3.75
N PRO Q 65 -47.92 11.70 2.92
CA PRO Q 65 -49.01 10.82 3.36
C PRO Q 65 -48.56 9.83 4.42
N SER Q 66 -47.25 9.69 4.62
CA SER Q 66 -46.76 8.83 5.69
C SER Q 66 -47.08 9.42 7.05
N ASP Q 67 -47.31 10.73 7.10
CA ASP Q 67 -47.52 11.40 8.38
C ASP Q 67 -48.90 11.14 8.94
N ASP Q 68 -49.88 10.88 8.05
CA ASP Q 68 -51.25 10.76 8.50
C ASP Q 68 -51.52 9.41 9.16
N LEU Q 69 -50.59 8.48 9.04
CA LEU Q 69 -50.77 7.18 9.67
C LEU Q 69 -50.70 7.31 11.18
N GLU Q 70 -51.75 6.87 11.86
CA GLU Q 70 -51.82 6.91 13.30
C GLU Q 70 -52.22 5.54 13.83
N PRO Q 71 -51.70 5.13 14.98
CA PRO Q 71 -52.08 3.83 15.54
C PRO Q 71 -53.58 3.74 15.74
N GLY Q 72 -54.16 2.65 15.26
CA GLY Q 72 -55.59 2.45 15.35
C GLY Q 72 -56.34 2.70 14.07
N ASP Q 73 -55.72 3.32 13.08
CA ASP Q 73 -56.40 3.59 11.83
C ASP Q 73 -56.58 2.31 11.02
N LEU Q 74 -57.63 2.27 10.22
CA LEU Q 74 -57.86 1.20 9.26
C LEU Q 74 -57.58 1.73 7.86
N VAL Q 75 -56.68 1.06 7.14
CA VAL Q 75 -56.22 1.54 5.85
C VAL Q 75 -56.15 0.35 4.90
N ASP Q 76 -56.41 0.63 3.63
CA ASP Q 76 -56.32 -0.36 2.57
C ASP Q 76 -54.98 -0.19 1.87
N LEU Q 77 -54.14 -1.21 1.92
CA LEU Q 77 -52.77 -1.14 1.45
C LEU Q 77 -52.64 -1.90 0.14
N GLU Q 78 -51.62 -1.55 -0.64
CA GLU Q 78 -51.21 -2.31 -1.81
C GLU Q 78 -49.69 -2.26 -1.88
N LEU Q 79 -49.06 -3.43 -1.97
CA LEU Q 79 -47.61 -3.51 -2.02
C LEU Q 79 -47.18 -3.96 -3.41
N TYR Q 80 -46.36 -3.16 -4.05
CA TYR Q 80 -45.83 -3.52 -5.36
C TYR Q 80 -44.38 -3.91 -5.19
N PRO Q 81 -44.06 -5.20 -5.07
CA PRO Q 81 -42.66 -5.56 -4.85
C PRO Q 81 -41.75 -5.19 -6.00
N GLY Q 82 -42.25 -5.24 -7.23
CA GLY Q 82 -41.45 -4.96 -8.40
C GLY Q 82 -41.86 -3.74 -9.20
N GLY Q 83 -42.57 -2.81 -8.61
CA GLY Q 83 -43.00 -1.62 -9.32
C GLY Q 83 -44.42 -1.74 -9.80
N GLU Q 84 -44.84 -0.71 -10.54
CA GLU Q 84 -46.21 -0.62 -11.05
C GLU Q 84 -46.31 -0.97 -12.53
N SER Q 85 -45.22 -1.43 -13.14
CA SER Q 85 -45.27 -1.80 -14.54
C SER Q 85 -46.24 -2.96 -14.73
N THR Q 86 -46.91 -2.97 -15.89
CA THR Q 86 -47.95 -3.95 -16.14
C THR Q 86 -47.42 -5.37 -16.04
N GLY Q 87 -48.24 -6.26 -15.50
CA GLY Q 87 -47.82 -7.64 -15.31
C GLY Q 87 -47.03 -7.90 -14.05
N SER Q 88 -46.89 -6.91 -13.18
CA SER Q 88 -46.14 -7.07 -11.94
C SER Q 88 -47.11 -7.38 -10.81
N GLY Q 89 -46.90 -8.52 -10.15
CA GLY Q 89 -47.81 -8.91 -9.08
C GLY Q 89 -47.74 -7.93 -7.92
N TYR Q 90 -48.87 -7.75 -7.26
CA TYR Q 90 -48.97 -6.88 -6.11
C TYR Q 90 -49.90 -7.49 -5.08
N ARG Q 91 -49.46 -7.52 -3.83
CA ARG Q 91 -50.26 -8.03 -2.73
C ARG Q 91 -51.09 -6.89 -2.16
N SER Q 92 -52.41 -7.01 -2.25
CA SER Q 92 -53.32 -5.99 -1.76
C SER Q 92 -53.97 -6.52 -0.48
N VAL Q 93 -53.89 -5.73 0.58
CA VAL Q 93 -54.44 -6.09 1.87
C VAL Q 93 -55.59 -5.16 2.19
N ALA Q 94 -56.75 -5.72 2.50
CA ALA Q 94 -57.92 -4.95 2.84
C ALA Q 94 -58.10 -4.92 4.35
N GLY Q 95 -58.47 -3.76 4.87
CA GLY Q 95 -58.66 -3.62 6.31
C GLY Q 95 -57.40 -3.77 7.12
N ALA Q 96 -56.28 -3.26 6.64
CA ALA Q 96 -55.05 -3.32 7.39
C ALA Q 96 -55.15 -2.43 8.62
N LEU Q 97 -54.71 -2.96 9.75
CA LEU Q 97 -54.82 -2.29 11.04
C LEU Q 97 -53.44 -1.84 11.47
N ILE Q 98 -53.24 -0.53 11.59
CA ILE Q 98 -51.94 0.03 11.94
C ILE Q 98 -51.83 -0.04 13.46
N LEU Q 99 -50.73 -0.61 13.95
CA LEU Q 99 -50.68 -1.03 15.34
C LEU Q 99 -49.77 -0.13 16.16
N SER Q 100 -48.66 0.34 15.59
CA SER Q 100 -47.70 1.12 16.35
C SER Q 100 -46.76 1.83 15.40
N THR Q 101 -46.24 2.97 15.84
CA THR Q 101 -45.24 3.73 15.10
C THR Q 101 -44.09 4.05 16.05
N ALA Q 102 -42.91 4.29 15.50
CA ALA Q 102 -41.72 4.52 16.31
C ALA Q 102 -40.75 5.43 15.59
N GLU Q 103 -40.74 6.70 15.97
CA GLU Q 103 -39.86 7.69 15.36
C GLU Q 103 -38.58 7.79 16.18
N SER Q 104 -37.47 8.08 15.50
CA SER Q 104 -36.20 8.18 16.19
C SER Q 104 -35.21 8.94 15.33
N ALA Q 105 -34.06 9.26 15.92
CA ALA Q 105 -33.05 10.03 15.22
C ALA Q 105 -31.73 9.88 15.96
N SER Q 106 -30.67 10.40 15.35
CA SER Q 106 -29.34 10.38 15.93
C SER Q 106 -28.66 11.70 15.63
N LYS Q 107 -27.47 11.89 16.19
CA LYS Q 107 -26.79 13.15 15.98
C LYS Q 107 -26.11 13.20 14.62
N ASP Q 108 -26.00 12.05 13.97
CA ASP Q 108 -25.43 11.98 12.62
C ASP Q 108 -26.26 11.12 11.69
N GLY Q 109 -27.57 11.25 11.71
CA GLY Q 109 -28.43 10.46 10.86
C GLY Q 109 -29.65 11.25 10.42
N ILE Q 110 -30.58 10.54 9.81
CA ILE Q 110 -31.82 11.14 9.33
C ILE Q 110 -32.97 10.63 10.19
N PRO Q 111 -33.90 11.48 10.61
CA PRO Q 111 -35.01 10.99 11.42
C PRO Q 111 -35.83 9.97 10.67
N MET Q 112 -35.96 8.79 11.26
CA MET Q 112 -36.64 7.68 10.60
C MET Q 112 -37.93 7.35 11.33
N LEU Q 113 -38.84 6.72 10.61
CA LEU Q 113 -40.15 6.36 11.10
C LEU Q 113 -40.45 4.93 10.72
N THR Q 114 -40.89 4.13 11.68
CA THR Q 114 -41.20 2.73 11.44
C THR Q 114 -42.68 2.50 11.76
N VAL Q 115 -43.46 2.22 10.73
CA VAL Q 115 -44.86 1.90 10.89
C VAL Q 115 -44.96 0.38 10.97
N ASN Q 116 -45.86 -0.10 11.81
CA ASN Q 116 -46.00 -1.53 12.05
C ASN Q 116 -47.49 -1.86 12.11
N TRP Q 117 -47.93 -2.75 11.24
CA TRP Q 117 -49.35 -2.96 11.04
C TRP Q 117 -49.71 -4.43 11.24
N ARG Q 118 -50.94 -4.76 10.87
CA ARG Q 118 -51.53 -6.07 11.09
C ARG Q 118 -52.72 -6.19 10.17
N THR Q 119 -53.31 -7.39 10.11
CA THR Q 119 -54.52 -7.60 9.34
C THR Q 119 -55.67 -7.93 10.29
N SER Q 120 -56.88 -7.55 9.87
CA SER Q 120 -58.07 -7.68 10.71
C SER Q 120 -59.23 -8.17 9.87
N GLY Q 121 -59.45 -9.48 9.88
CA GLY Q 121 -60.60 -10.05 9.21
C GLY Q 121 -60.36 -10.56 7.81
N ALA Q 122 -59.34 -10.06 7.11
CA ALA Q 122 -59.10 -10.48 5.74
C ALA Q 122 -57.63 -10.85 5.59
N LEU Q 123 -57.31 -11.51 4.48
CA LEU Q 123 -55.95 -11.94 4.24
C LEU Q 123 -55.42 -11.35 2.95
N PRO Q 124 -54.10 -11.23 2.80
CA PRO Q 124 -53.54 -10.60 1.60
C PRO Q 124 -53.96 -11.33 0.34
N GLN Q 125 -54.55 -10.57 -0.59
CA GLN Q 125 -55.05 -11.11 -1.85
C GLN Q 125 -54.05 -10.80 -2.95
N LYS Q 126 -53.35 -11.83 -3.42
CA LYS Q 126 -52.43 -11.64 -4.53
C LYS Q 126 -53.20 -11.30 -5.81
N ALA Q 127 -52.52 -10.67 -6.75
CA ALA Q 127 -53.14 -10.29 -8.01
C ALA Q 127 -52.04 -9.94 -8.99
N THR Q 128 -52.45 -9.57 -10.20
CA THR Q 128 -51.53 -9.15 -11.26
C THR Q 128 -52.03 -7.87 -11.89
N VAL Q 129 -51.22 -6.82 -11.82
CA VAL Q 129 -51.62 -5.54 -12.37
C VAL Q 129 -51.82 -5.66 -13.87
N SER Q 130 -52.72 -4.86 -14.40
CA SER Q 130 -53.00 -4.88 -15.83
C SER Q 130 -51.95 -4.11 -16.60
N MET R 1 -36.80 14.22 4.07
CA MET R 1 -35.48 13.94 4.61
C MET R 1 -34.98 15.08 5.47
N LEU R 2 -35.33 15.05 6.74
CA LEU R 2 -34.88 16.09 7.65
C LEU R 2 -33.41 15.89 8.00
N LYS R 3 -32.76 16.97 8.40
CA LYS R 3 -31.31 16.95 8.59
C LYS R 3 -30.91 15.95 9.68
N GLY R 4 -31.62 15.95 10.80
CA GLY R 4 -31.30 15.04 11.88
C GLY R 4 -30.32 15.58 12.88
N LYS R 5 -29.38 16.43 12.46
CA LYS R 5 -28.45 17.06 13.39
C LYS R 5 -28.97 18.40 13.91
N ASP R 6 -30.18 18.78 13.54
CA ASP R 6 -30.78 20.02 14.01
C ASP R 6 -31.84 19.79 15.06
N GLY R 7 -32.10 18.54 15.42
CA GLY R 7 -33.13 18.22 16.38
C GLY R 7 -33.01 18.99 17.67
N VAL R 8 -34.11 19.56 18.13
CA VAL R 8 -34.13 20.37 19.34
C VAL R 8 -35.22 19.83 20.24
N VAL R 9 -34.92 19.68 21.52
CA VAL R 9 -35.89 19.30 22.53
C VAL R 9 -36.01 20.45 23.50
N LYS R 10 -37.20 20.68 24.03
CA LYS R 10 -37.43 21.77 24.95
C LYS R 10 -38.26 21.31 26.12
N ASN R 11 -38.01 21.92 27.28
CA ASN R 11 -38.93 21.84 28.39
C ASN R 11 -39.95 22.96 28.21
N ALA R 12 -41.16 22.60 27.79
CA ALA R 12 -42.12 23.62 27.40
C ALA R 12 -42.54 24.47 28.58
N SER R 13 -42.56 23.89 29.78
CA SER R 13 -43.02 24.64 30.95
C SER R 13 -42.13 25.84 31.24
N THR R 14 -40.81 25.64 31.21
CA THR R 14 -39.87 26.69 31.54
C THR R 14 -39.22 27.32 30.31
N GLY R 15 -39.31 26.68 29.15
CA GLY R 15 -38.74 27.27 27.95
C GLY R 15 -37.23 27.30 27.94
N ASP R 16 -36.59 26.15 27.81
CA ASP R 16 -35.14 26.04 27.82
C ASP R 16 -34.71 24.76 27.14
N SER R 17 -33.89 24.88 26.10
CA SER R 17 -33.38 23.71 25.40
C SER R 17 -32.65 22.78 26.36
N ILE R 18 -32.49 21.52 25.95
CA ILE R 18 -31.92 20.54 26.87
C ILE R 18 -30.43 20.74 27.04
N GLY R 19 -29.67 20.61 25.97
CA GLY R 19 -28.23 20.74 26.05
C GLY R 19 -27.56 19.88 25.02
N HIS R 20 -26.42 19.32 25.40
CA HIS R 20 -25.63 18.50 24.48
C HIS R 20 -26.40 17.23 24.24
N LEU R 21 -27.15 17.18 23.15
CA LEU R 21 -28.01 16.04 22.87
C LEU R 21 -27.24 15.04 22.02
N GLN R 22 -27.64 13.77 22.10
CA GLN R 22 -26.97 12.75 21.29
C GLN R 22 -27.97 12.01 20.41
N SER R 23 -29.16 11.74 20.94
CA SER R 23 -30.18 11.04 20.19
C SER R 23 -31.49 11.11 20.96
N TRP R 24 -32.59 11.11 20.23
CA TRP R 24 -33.90 11.03 20.84
C TRP R 24 -34.66 9.88 20.24
N ALA R 25 -35.84 9.62 20.78
CA ALA R 25 -36.67 8.53 20.27
C ALA R 25 -38.07 8.73 20.80
N LEU R 26 -39.03 8.14 20.11
CA LEU R 26 -40.43 8.28 20.48
C LEU R 26 -41.14 7.02 20.02
N ASP R 27 -42.35 6.82 20.53
CA ASP R 27 -43.10 5.62 20.20
C ASP R 27 -44.57 5.84 20.48
N THR R 28 -45.41 5.06 19.83
CA THR R 28 -46.84 5.04 20.09
C THR R 28 -47.34 3.62 19.89
N GLN R 29 -48.25 3.17 20.73
CA GLN R 29 -48.77 1.82 20.63
C GLN R 29 -50.27 1.84 20.87
N ARG R 30 -50.93 0.77 20.47
CA ARG R 30 -52.29 0.47 20.91
C ARG R 30 -52.37 -1.04 21.07
N ASP R 31 -53.02 -1.48 22.13
CA ASP R 31 -53.15 -2.92 22.37
C ASP R 31 -54.10 -3.53 21.35
N GLU R 32 -53.90 -4.82 21.08
CA GLU R 32 -54.75 -5.53 20.14
C GLU R 32 -55.56 -6.59 20.87
N VAL R 33 -56.65 -7.03 20.24
CA VAL R 33 -57.53 -8.05 20.78
C VAL R 33 -58.01 -8.89 19.61
N SER R 34 -57.80 -10.20 19.67
CA SER R 34 -58.12 -11.10 18.57
C SER R 34 -59.11 -12.15 19.02
N GLY R 35 -60.02 -12.52 18.11
CA GLY R 35 -60.99 -13.55 18.41
C GLY R 35 -61.45 -14.28 17.16
N TRP R 36 -61.92 -15.51 17.33
CA TRP R 36 -62.43 -16.30 16.21
C TRP R 36 -63.27 -17.44 16.75
N GLY R 37 -64.13 -17.99 15.90
CA GLY R 37 -65.04 -19.04 16.29
C GLY R 37 -64.71 -20.36 15.61
N MET R 38 -65.41 -21.40 16.04
CA MET R 38 -65.25 -22.71 15.44
C MET R 38 -65.81 -22.69 14.03
N GLY R 39 -64.94 -22.69 13.04
CA GLY R 39 -65.34 -22.67 11.65
C GLY R 39 -65.04 -21.41 10.90
N ASP R 40 -64.05 -20.63 11.34
CA ASP R 40 -63.67 -19.39 10.68
C ASP R 40 -62.33 -19.57 9.99
N ASP R 41 -62.09 -18.77 8.94
CA ASP R 41 -60.84 -18.89 8.21
C ASP R 41 -59.78 -17.96 8.77
N ALA R 42 -60.11 -16.69 8.95
CA ALA R 42 -59.18 -15.71 9.50
C ALA R 42 -59.70 -15.21 10.83
N GLU R 43 -58.82 -14.57 11.59
CA GLU R 43 -59.16 -14.09 12.93
C GLU R 43 -59.25 -12.57 12.89
N ARG R 44 -60.19 -12.02 13.65
CA ARG R 44 -60.44 -10.59 13.65
C ARG R 44 -59.67 -9.91 14.77
N ALA R 45 -59.57 -8.59 14.69
CA ALA R 45 -58.83 -7.82 15.68
C ALA R 45 -59.37 -6.41 15.80
N PHE R 46 -58.91 -5.70 16.82
CA PHE R 46 -59.15 -4.28 16.97
C PHE R 46 -58.23 -3.74 18.06
N THR R 47 -58.18 -2.41 18.16
CA THR R 47 -57.25 -1.72 19.05
C THR R 47 -58.02 -1.05 20.18
N THR R 48 -57.56 -1.24 21.41
CA THR R 48 -58.29 -0.78 22.58
C THR R 48 -57.82 0.57 23.10
N VAL R 49 -56.58 0.68 23.55
CA VAL R 49 -56.11 1.87 24.26
C VAL R 49 -54.66 2.12 23.87
N GLY R 50 -54.25 3.38 23.98
CA GLY R 50 -52.97 3.82 23.43
C GLY R 50 -52.02 4.34 24.49
N ARG R 51 -50.74 4.41 24.13
CA ARG R 51 -49.69 4.88 25.02
C ARG R 51 -48.70 5.71 24.22
N ALA R 52 -47.63 6.11 24.90
CA ALA R 52 -46.50 6.75 24.26
C ALA R 52 -45.30 6.64 25.18
N SER R 53 -44.12 6.62 24.61
CA SER R 53 -42.90 6.48 25.39
C SER R 53 -41.71 6.89 24.52
N GLY R 54 -40.60 7.15 25.19
CA GLY R 54 -39.40 7.56 24.48
C GLY R 54 -38.31 7.87 25.45
N ASN R 55 -37.20 8.37 24.92
CA ASN R 55 -36.05 8.70 25.74
C ASN R 55 -35.16 9.67 24.99
N PHE R 56 -34.03 9.99 25.59
CA PHE R 56 -32.99 10.76 24.93
C PHE R 56 -31.73 10.69 25.77
N GLU R 57 -30.58 10.89 25.12
CA GLU R 57 -29.28 10.72 25.74
C GLU R 57 -28.47 11.99 25.56
N VAL R 58 -27.93 12.52 26.66
CA VAL R 58 -27.20 13.78 26.63
C VAL R 58 -25.85 13.59 27.28
N TYR R 59 -24.94 14.52 27.04
CA TYR R 59 -23.71 14.57 27.81
C TYR R 59 -24.00 15.11 29.20
N LEU R 60 -23.39 14.50 30.19
CA LEU R 60 -23.67 14.84 31.58
C LEU R 60 -22.97 16.15 31.90
N ASP R 61 -23.75 17.17 32.24
CA ASP R 61 -23.22 18.44 32.71
C ASP R 61 -24.11 18.94 33.83
N PRO R 62 -23.57 19.23 35.01
CA PRO R 62 -24.43 19.66 36.11
C PRO R 62 -25.07 21.02 35.90
N ALA R 63 -24.44 21.89 35.09
CA ALA R 63 -24.98 23.23 34.86
C ALA R 63 -25.79 23.25 33.57
N ASP R 64 -26.94 22.60 33.62
CA ASP R 64 -27.81 22.49 32.46
C ASP R 64 -29.24 22.32 32.94
N PRO R 65 -30.22 22.58 32.09
CA PRO R 65 -31.60 22.18 32.42
C PRO R 65 -31.79 20.68 32.36
N SER R 66 -30.85 19.95 31.79
CA SER R 66 -30.93 18.49 31.80
C SER R 66 -30.74 17.94 33.20
N ASP R 67 -30.11 18.72 34.07
CA ASP R 67 -29.78 18.23 35.40
C ASP R 67 -31.01 18.22 36.31
N ASP R 68 -31.98 19.09 36.05
CA ASP R 68 -33.11 19.22 36.95
C ASP R 68 -34.11 18.10 36.77
N LEU R 69 -33.97 17.31 35.72
CA LEU R 69 -34.87 16.19 35.50
C LEU R 69 -34.64 15.12 36.56
N GLU R 70 -35.71 14.77 37.28
CA GLU R 70 -35.66 13.75 38.30
C GLU R 70 -36.80 12.77 38.10
N PRO R 71 -36.57 11.50 38.40
CA PRO R 71 -37.64 10.51 38.24
C PRO R 71 -38.86 10.87 39.05
N GLY R 72 -40.01 10.85 38.40
CA GLY R 72 -41.25 11.22 39.04
C GLY R 72 -41.76 12.59 38.68
N ASP R 73 -40.95 13.43 38.06
CA ASP R 73 -41.38 14.76 37.70
C ASP R 73 -42.36 14.71 36.52
N LEU R 74 -43.25 15.69 36.48
CA LEU R 74 -44.15 15.89 35.34
C LEU R 74 -43.69 17.10 34.56
N VAL R 75 -43.44 16.91 33.27
CA VAL R 75 -42.86 17.96 32.44
C VAL R 75 -43.57 17.98 31.10
N ASP R 76 -43.68 19.16 30.52
CA ASP R 76 -44.28 19.36 29.21
C ASP R 76 -43.16 19.46 28.19
N LEU R 77 -43.14 18.52 27.25
CA LEU R 77 -42.04 18.39 26.30
C LEU R 77 -42.47 18.89 24.93
N GLU R 78 -41.50 19.25 24.11
CA GLU R 78 -41.72 19.53 22.70
C GLU R 78 -40.51 19.03 21.94
N LEU R 79 -40.73 18.21 20.93
CA LEU R 79 -39.66 17.65 20.14
C LEU R 79 -39.67 18.26 18.75
N TYR R 80 -38.56 18.85 18.36
CA TYR R 80 -38.44 19.42 17.03
C TYR R 80 -37.53 18.51 16.21
N PRO R 81 -38.07 17.58 15.42
CA PRO R 81 -37.19 16.67 14.68
C PRO R 81 -36.30 17.40 13.68
N GLY R 82 -36.80 18.46 13.06
CA GLY R 82 -36.07 19.17 12.04
C GLY R 82 -35.68 20.59 12.38
N GLY R 83 -35.63 20.96 13.65
CA GLY R 83 -35.27 22.31 14.04
C GLY R 83 -36.49 23.13 14.34
N GLU R 84 -36.23 24.41 14.62
CA GLU R 84 -37.27 25.36 14.98
C GLU R 84 -37.65 26.30 13.84
N SER R 85 -37.11 26.08 12.66
CA SER R 85 -37.46 26.93 11.52
C SER R 85 -38.95 26.79 11.21
N THR R 86 -39.55 27.89 10.76
CA THR R 86 -40.99 27.94 10.55
C THR R 86 -41.43 26.87 9.57
N GLY R 87 -42.59 26.29 9.84
CA GLY R 87 -43.11 25.23 9.00
C GLY R 87 -42.57 23.85 9.31
N SER R 88 -41.80 23.70 10.38
CA SER R 88 -41.25 22.41 10.77
C SER R 88 -42.14 21.78 11.82
N GLY R 89 -42.64 20.58 11.53
CA GLY R 89 -43.53 19.92 12.48
C GLY R 89 -42.81 19.59 13.77
N TYR R 90 -43.56 19.63 14.87
CA TYR R 90 -43.01 19.31 16.18
C TYR R 90 -44.07 18.56 16.97
N ARG R 91 -43.67 17.45 17.59
CA ARG R 91 -44.55 16.67 18.43
C ARG R 91 -44.47 17.20 19.86
N SER R 92 -45.58 17.71 20.37
CA SER R 92 -45.65 18.27 21.71
C SER R 92 -46.40 17.29 22.59
N VAL R 93 -45.79 16.90 23.71
CA VAL R 93 -46.38 15.96 24.65
C VAL R 93 -46.68 16.69 25.94
N ALA R 94 -47.93 16.59 26.39
CA ALA R 94 -48.36 17.23 27.63
C ALA R 94 -48.40 16.20 28.74
N GLY R 95 -47.93 16.59 29.92
CA GLY R 95 -47.92 15.69 31.06
C GLY R 95 -46.98 14.52 30.91
N ALA R 96 -45.81 14.74 30.31
CA ALA R 96 -44.84 13.67 30.19
C ALA R 96 -44.30 13.29 31.57
N LEU R 97 -44.22 12.00 31.83
CA LEU R 97 -43.82 11.46 33.11
C LEU R 97 -42.43 10.87 32.99
N ILE R 98 -41.46 11.43 33.70
CA ILE R 98 -40.08 10.98 33.62
C ILE R 98 -39.95 9.79 34.55
N LEU R 99 -39.41 8.69 34.03
CA LEU R 99 -39.54 7.41 34.72
C LEU R 99 -38.23 6.95 35.33
N SER R 100 -37.11 7.20 34.65
CA SER R 100 -35.83 6.72 35.14
C SER R 100 -34.70 7.45 34.44
N THR R 101 -33.57 7.56 35.12
CA THR R 101 -32.36 8.14 34.56
C THR R 101 -31.20 7.18 34.82
N ALA R 102 -30.16 7.26 34.00
CA ALA R 102 -29.04 6.33 34.10
C ALA R 102 -27.76 7.01 33.65
N GLU R 103 -26.94 7.43 34.60
CA GLU R 103 -25.67 8.09 34.32
C GLU R 103 -24.56 7.05 34.30
N SER R 104 -23.55 7.27 33.47
CA SER R 104 -22.45 6.33 33.36
C SER R 104 -21.25 7.02 32.73
N ALA R 105 -20.12 6.32 32.75
CA ALA R 105 -18.88 6.87 32.22
C ALA R 105 -17.91 5.73 31.99
N SER R 106 -16.80 6.06 31.35
CA SER R 106 -15.73 5.11 31.09
C SER R 106 -14.40 5.82 31.29
N LYS R 107 -13.32 5.04 31.20
CA LYS R 107 -12.00 5.64 31.43
C LYS R 107 -11.53 6.40 30.21
N ASP R 108 -12.19 6.20 29.06
CA ASP R 108 -11.86 6.94 27.86
C ASP R 108 -13.09 7.46 27.14
N GLY R 109 -14.04 8.03 27.87
CA GLY R 109 -15.25 8.54 27.27
C GLY R 109 -15.74 9.77 28.01
N ILE R 110 -16.95 10.18 27.66
CA ILE R 110 -17.57 11.35 28.27
C ILE R 110 -18.74 10.88 29.12
N PRO R 111 -18.92 11.39 30.33
CA PRO R 111 -20.05 10.96 31.15
C PRO R 111 -21.37 11.26 30.47
N MET R 112 -22.17 10.22 30.27
CA MET R 112 -23.42 10.34 29.54
C MET R 112 -24.59 10.12 30.48
N LEU R 113 -25.74 10.65 30.08
CA LEU R 113 -26.97 10.59 30.85
C LEU R 113 -28.10 10.19 29.93
N THR R 114 -28.88 9.21 30.35
CA THR R 114 -30.02 8.73 29.57
C THR R 114 -31.28 8.93 30.37
N VAL R 115 -32.13 9.84 29.91
CA VAL R 115 -33.44 10.07 30.51
C VAL R 115 -34.44 9.22 29.77
N ASN R 116 -35.39 8.66 30.50
CA ASN R 116 -36.37 7.76 29.94
C ASN R 116 -37.74 8.10 30.51
N TRP R 117 -38.68 8.42 29.65
CA TRP R 117 -39.94 9.00 30.08
C TRP R 117 -41.12 8.17 29.58
N ARG R 118 -42.30 8.73 29.75
CA ARG R 118 -43.55 8.07 29.45
C ARG R 118 -44.63 9.13 29.34
N THR R 119 -45.82 8.74 28.92
CA THR R 119 -46.95 9.66 28.88
C THR R 119 -48.00 9.22 29.89
N SER R 120 -48.75 10.19 30.41
CA SER R 120 -49.71 9.96 31.47
C SER R 120 -50.97 10.76 31.21
N GLY R 121 -51.96 10.11 30.59
CA GLY R 121 -53.25 10.72 30.38
C GLY R 121 -53.45 11.38 29.04
N ALA R 122 -52.38 11.78 28.35
CA ALA R 122 -52.52 12.47 27.08
C ALA R 122 -51.61 11.80 26.05
N LEU R 123 -51.83 12.13 24.79
CA LEU R 123 -51.04 11.55 23.72
C LEU R 123 -50.33 12.63 22.93
N PRO R 124 -49.23 12.29 22.25
CA PRO R 124 -48.48 13.31 21.52
C PRO R 124 -49.33 14.00 20.46
N GLN R 125 -49.36 15.33 20.53
CA GLN R 125 -50.16 16.15 19.64
C GLN R 125 -49.26 16.76 18.58
N LYS R 126 -49.36 16.26 17.36
CA LYS R 126 -48.58 16.83 16.26
C LYS R 126 -49.05 18.25 15.98
N ALA R 127 -48.18 19.04 15.35
CA ALA R 127 -48.51 20.41 15.01
C ALA R 127 -47.48 20.91 14.01
N THR R 128 -47.64 22.17 13.62
CA THR R 128 -46.73 22.82 12.68
C THR R 128 -46.36 24.19 13.22
N VAL R 129 -45.08 24.41 13.46
CA VAL R 129 -44.61 25.68 13.99
C VAL R 129 -44.94 26.79 13.00
N SER R 130 -45.18 27.98 13.53
CA SER R 130 -45.50 29.13 12.70
C SER R 130 -44.24 29.73 12.09
#